data_8YT8
#
_entry.id   8YT8
#
_cell.length_a   1.00
_cell.length_b   1.00
_cell.length_c   1.00
_cell.angle_alpha   90.00
_cell.angle_beta   90.00
_cell.angle_gamma   90.00
#
_symmetry.space_group_name_H-M   'P 1'
#
loop_
_entity.id
_entity.type
_entity.pdbx_description
1 polymer Alpha-sarcoglycan
2 polymer Beta-sarcoglycan
3 polymer 'Dystrobrevin alpha'
4 polymer Delta-sarcoglycan
5 polymer Dystrophin
6 polymer Gamma-sarcoglycan
7 polymer 'unknown segment'
8 polymer Beta-dystroglycan
9 polymer Sarcospan
10 branched beta-D-mannopyranose-(1-4)-2-acetamido-2-deoxy-beta-D-glucopyranose-(1-4)-2-acetamido-2-deoxy-beta-D-glucopyranose
11 branched beta-D-mannopyranose-(1-3)-2-acetamido-2-deoxy-beta-D-glucopyranose-(1-3)-2-acetamido-2-deoxy-beta-D-glucopyranose
12 branched 2-acetamido-2-deoxy-beta-D-glucopyranose-(1-4)-2-acetamido-2-deoxy-beta-D-glucopyranose
13 branched beta-D-mannopyranose-(1-3)-2-acetamido-2-deoxy-beta-D-glucopyranose-(1-4)-2-acetamido-2-deoxy-beta-D-glucopyranose
14 non-polymer 2-acetamido-2-deoxy-beta-D-glucopyranose
15 non-polymer CHOLESTEROL
16 non-polymer 'ZINC ION'
17 non-polymer O-[(R)-{[(2R)-2,3-bis(octadecanoyloxy)propyl]oxy}(hydroxy)phosphoryl]-L-serine
18 non-polymer 'CALCIUM ION'
#
loop_
_entity_poly.entity_id
_entity_poly.type
_entity_poly.pdbx_seq_one_letter_code
_entity_poly.pdbx_strand_id
1 'polypeptide(L)'
;QQTTLHLLVGRVFVHPLEHATFLRLPEHVAVPPTVRLTYHAHLQGHPDLPRWLHYTQRSPYNPGFLYGSPTPEDRGYQVI
EVTAYNRDSFDTTRQRLLLLIGDPEGPRLPYQAEFLVRSHDVEEVLPTTPANRFLTALGGLWEPGELQLLNITSALDRGG
RVPLPIEGRKEGVYIKVGSATPFSTCLKMVASPDSYARCAQGQPPLLSCYDTLAPHFRVDWCNVSLVDKSVPEPLDEVPT
PGDGILEHDPFFCPPTEATDRDFLTDALVTLLVPLLVALLLTLLLAYIMCF
;
A
2 'polypeptide(L)'
;HKTGLRGRKGNLAICVIVLLFILAVINLLITLVIWAVIRIGPNGCDSMEFHESGLLRFKQVSDMGVIHPLYKSTVGGRRN
ENLVITGNNQPIVFQQGTTKLSVEKNKTSITSDIGMQFFDPRTHNILFSTDYETHEFHLPSGVKSLNVQKASTERITSNA
TSDLNIKVDGRAIVRGNEGVFIMGKTIEFHMGGDVELKAENSIILNGTVMVSPTRLPSSSSGDQSGSGDWVRYKLCMCAD
GTLFKVQVTGHNMGCQVSDNPCG
;
B
3 'polypeptide(L)'
;LSTYRTACKLRFVQKKCNLHLVDIWNVIEALRENALNNLDPNIELNVARLEAVLSTIFYQLNKRMPTTHQIHVEQSISLL
LNFLLAAFDPEGHGKISVFAVKMALATLCGGKIMDKLRYIFSMISDSSGVMVYGRYDQFLREVLKLPTAVFEGPSFGYTE
QSARSCFSQQKKVTLNGFLDTLMSDPPPQCLVWLPLLHRLANVENV
;
C
4 'polypeptide(L)'
;YGWRKRCLYFFVLLLMILILVNLAMTIWILKVMNFTIDGMGNLRITEKGLKLEGDSEFLQPLYAKEIKSRPGNALYFKSA
RNVTVNILNDQTKVLTQLVTGPKAVEAYGKRFEVKTVSGKLLFSADDSEVVVGAERLRVLGAEGTVFPKSIETPNVRADP
FKELRLESPTRSLVMEAPKGVEINAEAGNMEAICRSELRLESKDGEIKLDAAKIKLPRLPRGSYTPTGTRQKVFEVCVCA
NGRLFLSQAGTGSTCQINTSVCL
;
D
5 'polypeptide(L)'
;YYINHETQTTCWDHPKMTELYQSLADLNNVRFSAYRTAMKLRRLQKALCLDLLSLSAACDALDQHNLKQNDQPMDILQII
NCLTTIYDRLEQEHNNLVNVPLCVDMCLNWLLNVYDTGRTGRIRVLSFKTGIISLCKAHLEDKYRYLFKQVASSTGFCDQ
RRLGLLLHDSIQIPRQLGEVASFGGSNIEPSVRSCFQFANNKPEIEAALFLDWMRLEPQSMVWLPVLHRVAAAETAKHQA
KCNICKECPIIGFRYRSLKHFNYDICQSCFFSGRVAKGHKMHYPMVEYCTPTTSGEDVRDFAKVLKNKFRTKRYFAKHPR
MGYLPVQTVLE
;
E
6 'polypeptide(L)'
;GIYGWRKRCLYLFVLLLLAILVVNLALTIWILKVMWFSPIGMGHLHVTADGLRLEGESEFLFPLYAKEIRSRVDSSLLLQ
STQNVTVSARNSEGEVTGRVKVGAQMVEVQSQHFQINSEDGKPLFSAEEQDVVVGTGRLRVTGPEGALFEHSVETPLVRA
DPFQDLRLESPTRSLSMDAPRGVHVKANAGKLEALSQMDIILQSSEGVLVLDAETVGLTKLKQGTQGPAGSSNGFYEICA
CPDGKLYLSMAGEVTTCEEHSHVCL
;
G
7 'polypeptide(L)' ALPKM I
8 'polypeptide(L)'
;NQRPELKNHIDRVDAWVGTYFEVKIPSDTFYDNEDTTTDKLKLTLKLREQQLVGEKSWVQFNSNSQLMYGLPDSSHVGKH
EYFMHATDKGGLSAVDAFEIHVHKRPQGDKAPARFKARLAGDPAPVVNDIHKKIALVKKLAFAFGDRNCSSITLQNITRG
SIVVEWTNNTLPLEPCPKEQIIGLSRRIADENGKPRPAFSNALEPDFKALSIAVTGSGSCRHLQFIPVAPPSPGSSAAPA
TEVPDRDPEKSSEDDVYLHTVIPAVVVAAILLIAGIIAMICYRKKRKGK
;
O
9 'polypeptide(L)'
;CRFPLLLALLQLALGIAVTVLGFLMASISPSLLVRDTPFWAGSIVCVVAYLGLFMLCVSYQVDERTCVQFSMKVFYFLLS
ALGLMVCMLAVAFAAHHYSLLAQFTCETSLDSCQCKLPSSEPLSRAFVYRDVTDCTSVTGTFKLFLIIQMVLNLVCGLVC
LLACFVMWKHRYQVFYVGV
;
S
#
loop_
_chem_comp.id
_chem_comp.type
_chem_comp.name
_chem_comp.formula
BMA D-saccharide, beta linking beta-D-mannopyranose 'C6 H12 O6'
CA non-polymer 'CALCIUM ION' 'Ca 2'
CLR non-polymer CHOLESTEROL 'C27 H46 O'
NAG D-saccharide, beta linking 2-acetamido-2-deoxy-beta-D-glucopyranose 'C8 H15 N O6'
P5S non-polymer O-[(R)-{[(2R)-2,3-bis(octadecanoyloxy)propyl]oxy}(hydroxy)phosphoryl]-L-serine 'C42 H82 N O10 P'
ZN non-polymer 'ZINC ION' 'Zn 2'
#
# COMPACT_ATOMS: atom_id res chain seq x y z
N GLN A 1 -59.64 24.89 -42.61
CA GLN A 1 -58.33 24.44 -43.03
C GLN A 1 -58.10 22.96 -42.69
N GLN A 2 -58.05 22.67 -41.39
CA GLN A 2 -57.77 21.31 -40.95
C GLN A 2 -58.98 20.41 -41.15
N THR A 3 -58.71 19.12 -41.24
CA THR A 3 -59.74 18.10 -41.40
C THR A 3 -59.32 16.85 -40.64
N THR A 4 -60.29 16.17 -40.04
CA THR A 4 -60.03 14.97 -39.24
C THR A 4 -60.55 13.75 -39.98
N LEU A 5 -59.69 12.75 -40.15
CA LEU A 5 -60.03 11.52 -40.84
C LEU A 5 -59.73 10.33 -39.93
N HIS A 6 -60.41 9.21 -40.21
CA HIS A 6 -60.23 7.99 -39.45
C HIS A 6 -59.63 6.92 -40.36
N LEU A 7 -58.60 6.24 -39.86
CA LEU A 7 -57.90 5.21 -40.63
C LEU A 7 -57.77 3.95 -39.79
N LEU A 8 -57.83 2.81 -40.47
CA LEU A 8 -57.67 1.50 -39.85
C LEU A 8 -56.34 0.90 -40.29
N VAL A 9 -55.64 0.29 -39.35
CA VAL A 9 -54.34 -0.28 -39.65
C VAL A 9 -54.48 -1.40 -40.68
N GLY A 10 -53.56 -1.42 -41.64
CA GLY A 10 -53.57 -2.46 -42.67
C GLY A 10 -54.75 -2.38 -43.61
N ARG A 11 -55.19 -1.19 -43.97
CA ARG A 11 -56.25 -1.01 -44.94
C ARG A 11 -55.91 0.17 -45.85
N VAL A 12 -56.46 0.16 -47.05
CA VAL A 12 -56.18 1.18 -48.03
C VAL A 12 -56.99 2.43 -47.72
N PHE A 13 -56.34 3.59 -47.70
CA PHE A 13 -56.98 4.87 -47.48
C PHE A 13 -56.63 5.80 -48.62
N VAL A 14 -57.64 6.40 -49.24
CA VAL A 14 -57.45 7.28 -50.38
C VAL A 14 -58.22 8.57 -50.14
N HIS A 15 -57.53 9.71 -50.24
CA HIS A 15 -58.14 11.03 -50.07
C HIS A 15 -57.77 11.90 -51.25
N PRO A 16 -58.58 11.90 -52.31
CA PRO A 16 -58.25 12.68 -53.49
C PRO A 16 -58.18 14.17 -53.18
N LEU A 17 -57.24 14.84 -53.83
CA LEU A 17 -57.09 16.29 -53.72
C LEU A 17 -57.62 16.92 -55.00
N GLU A 18 -58.59 17.82 -54.86
CA GLU A 18 -59.27 18.42 -56.00
C GLU A 18 -59.10 19.93 -55.98
N HIS A 19 -59.22 20.52 -57.17
CA HIS A 19 -59.05 21.97 -57.29
C HIS A 19 -60.13 22.72 -56.52
N ALA A 20 -61.32 22.15 -56.39
CA ALA A 20 -62.42 22.85 -55.74
C ALA A 20 -62.10 23.16 -54.28
N THR A 21 -61.48 22.21 -53.58
CA THR A 21 -61.21 22.41 -52.15
C THR A 21 -60.13 23.47 -51.94
N PHE A 22 -59.05 23.41 -52.72
CA PHE A 22 -57.91 24.30 -52.47
C PHE A 22 -58.14 25.68 -53.06
N LEU A 23 -58.52 25.75 -54.35
CA LEU A 23 -58.74 27.05 -54.97
C LEU A 23 -59.91 27.80 -54.34
N ARG A 24 -60.78 27.09 -53.61
CA ARG A 24 -61.93 27.69 -52.93
C ARG A 24 -62.83 28.46 -53.91
N LEU A 25 -63.01 27.90 -55.10
CA LEU A 25 -63.90 28.48 -56.07
C LEU A 25 -65.35 28.31 -55.61
N PRO A 26 -66.25 29.18 -56.07
CA PRO A 26 -67.66 29.07 -55.66
C PRO A 26 -68.25 27.72 -56.06
N GLU A 27 -69.13 27.22 -55.19
CA GLU A 27 -69.74 25.91 -55.42
C GLU A 27 -70.63 25.91 -56.66
N HIS A 28 -71.38 26.99 -56.87
CA HIS A 28 -72.30 27.05 -58.00
C HIS A 28 -71.59 27.20 -59.35
N VAL A 29 -70.29 27.44 -59.35
CA VAL A 29 -69.51 27.51 -60.57
C VAL A 29 -68.54 26.35 -60.60
N ALA A 30 -68.04 26.04 -61.80
CA ALA A 30 -67.10 24.96 -62.01
C ALA A 30 -65.73 25.51 -62.36
N VAL A 31 -64.69 24.91 -61.79
CA VAL A 31 -63.32 25.35 -62.07
C VAL A 31 -62.99 25.10 -63.54
N PRO A 32 -62.40 26.06 -64.26
CA PRO A 32 -62.07 25.84 -65.66
C PRO A 32 -61.10 24.69 -65.83
N PRO A 33 -61.27 23.88 -66.87
CA PRO A 33 -60.33 22.77 -67.09
C PRO A 33 -58.92 23.23 -67.43
N THR A 34 -58.76 24.47 -67.89
CA THR A 34 -57.44 24.96 -68.26
C THR A 34 -56.54 25.23 -67.06
N VAL A 35 -57.09 25.24 -65.84
CA VAL A 35 -56.27 25.51 -64.66
C VAL A 35 -55.32 24.34 -64.43
N ARG A 36 -54.18 24.65 -63.82
CA ARG A 36 -53.16 23.66 -63.53
C ARG A 36 -52.75 23.76 -62.07
N LEU A 37 -52.57 22.61 -61.42
CA LEU A 37 -52.21 22.57 -60.01
C LEU A 37 -51.26 21.41 -59.77
N THR A 38 -50.28 21.63 -58.89
CA THR A 38 -49.30 20.61 -58.53
C THR A 38 -49.16 20.61 -57.01
N TYR A 39 -49.97 19.81 -56.33
CA TYR A 39 -49.91 19.71 -54.89
C TYR A 39 -48.64 18.97 -54.46
N HIS A 40 -48.23 19.20 -53.22
CA HIS A 40 -47.07 18.51 -52.65
C HIS A 40 -47.29 18.38 -51.15
N ALA A 41 -47.68 17.19 -50.72
CA ALA A 41 -47.97 16.92 -49.31
C ALA A 41 -46.70 16.48 -48.59
N HIS A 42 -46.58 16.87 -47.33
CA HIS A 42 -45.44 16.47 -46.52
C HIS A 42 -45.83 16.45 -45.05
N LEU A 43 -45.09 15.67 -44.28
CA LEU A 43 -45.30 15.61 -42.84
C LEU A 43 -44.99 16.96 -42.20
N GLN A 44 -45.76 17.29 -41.16
CA GLN A 44 -45.58 18.58 -40.50
C GLN A 44 -44.20 18.64 -39.84
N GLY A 45 -43.49 19.74 -40.08
CA GLY A 45 -42.16 19.90 -39.55
C GLY A 45 -41.08 19.08 -40.23
N HIS A 46 -41.41 18.43 -41.34
CA HIS A 46 -40.46 17.61 -42.08
C HIS A 46 -40.66 17.89 -43.57
N PRO A 47 -39.64 17.62 -44.38
CA PRO A 47 -39.74 17.93 -45.82
C PRO A 47 -40.34 16.85 -46.69
N ASP A 48 -40.92 15.77 -46.15
CA ASP A 48 -41.49 14.73 -47.00
C ASP A 48 -42.43 13.85 -46.18
N LEU A 49 -43.18 13.01 -46.90
CA LEU A 49 -44.17 12.15 -46.29
C LEU A 49 -43.51 10.97 -45.59
N PRO A 50 -44.21 10.31 -44.66
CA PRO A 50 -43.66 9.10 -44.02
C PRO A 50 -43.60 7.92 -44.97
N ARG A 51 -43.13 6.77 -44.49
CA ARG A 51 -42.94 5.62 -45.36
C ARG A 51 -44.25 5.13 -45.94
N TRP A 52 -45.29 5.05 -45.12
CA TRP A 52 -46.51 4.35 -45.52
C TRP A 52 -47.40 5.17 -46.44
N LEU A 53 -47.08 6.44 -46.68
CA LEU A 53 -47.92 7.28 -47.54
C LEU A 53 -47.31 7.40 -48.92
N HIS A 54 -48.17 7.67 -49.90
CA HIS A 54 -47.75 7.84 -51.28
C HIS A 54 -48.61 8.90 -51.93
N TYR A 55 -47.99 9.71 -52.79
CA TYR A 55 -48.69 10.76 -53.54
C TYR A 55 -48.50 10.51 -55.02
N THR A 56 -49.58 10.58 -55.78
CA THR A 56 -49.51 10.32 -57.21
C THR A 56 -50.41 11.28 -57.97
N GLN A 57 -50.05 11.54 -59.22
CA GLN A 57 -50.79 12.43 -60.10
C GLN A 57 -50.27 12.24 -61.52
N ARG A 58 -51.21 12.16 -62.47
CA ARG A 58 -50.84 11.90 -63.86
C ARG A 58 -50.40 13.18 -64.56
N SER A 59 -51.29 14.15 -64.66
CA SER A 59 -51.06 15.42 -65.34
C SER A 59 -51.52 16.54 -64.45
N PRO A 60 -50.98 17.75 -64.61
CA PRO A 60 -51.44 18.88 -63.79
C PRO A 60 -52.93 19.13 -63.88
N TYR A 61 -53.55 18.85 -65.02
CA TYR A 61 -55.00 19.00 -65.13
C TYR A 61 -55.73 18.00 -64.23
N ASN A 62 -55.25 16.77 -64.17
CA ASN A 62 -55.91 15.74 -63.38
C ASN A 62 -55.73 16.00 -61.89
N PRO A 63 -56.69 15.60 -61.06
CA PRO A 63 -56.54 15.78 -59.62
C PRO A 63 -55.46 14.88 -59.04
N GLY A 64 -54.88 15.33 -57.93
CA GLY A 64 -53.89 14.55 -57.23
C GLY A 64 -54.52 13.46 -56.38
N PHE A 65 -53.65 12.63 -55.78
CA PHE A 65 -54.14 11.52 -54.99
C PHE A 65 -53.14 11.19 -53.90
N LEU A 66 -53.65 10.93 -52.70
CA LEU A 66 -52.87 10.43 -51.58
C LEU A 66 -53.41 9.05 -51.23
N TYR A 67 -52.52 8.07 -51.12
CA TYR A 67 -52.94 6.72 -50.78
C TYR A 67 -51.86 6.06 -49.92
N GLY A 68 -52.08 4.80 -49.59
CA GLY A 68 -51.15 4.04 -48.78
C GLY A 68 -51.86 3.33 -47.65
N SER A 69 -51.28 2.22 -47.19
CA SER A 69 -51.86 1.42 -46.12
C SER A 69 -51.03 1.60 -44.85
N PRO A 70 -51.58 2.19 -43.80
CA PRO A 70 -50.79 2.43 -42.58
C PRO A 70 -50.30 1.13 -41.96
N THR A 71 -49.12 1.20 -41.37
CA THR A 71 -48.45 0.09 -40.68
C THR A 71 -48.74 0.15 -39.18
N PRO A 72 -48.71 -1.00 -38.50
CA PRO A 72 -49.02 -0.99 -37.06
C PRO A 72 -48.11 -0.11 -36.23
N GLU A 73 -46.84 0.02 -36.60
CA GLU A 73 -45.92 0.85 -35.83
C GLU A 73 -46.19 2.34 -36.01
N ASP A 74 -47.02 2.73 -36.97
CA ASP A 74 -47.33 4.13 -37.25
C ASP A 74 -48.71 4.53 -36.74
N ARG A 75 -49.11 3.99 -35.59
CA ARG A 75 -50.41 4.30 -35.01
C ARG A 75 -50.32 5.56 -34.15
N GLY A 76 -51.38 6.37 -34.18
CA GLY A 76 -51.43 7.57 -33.38
C GLY A 76 -52.00 8.77 -34.11
N TYR A 77 -51.39 9.94 -33.91
CA TYR A 77 -51.84 11.17 -34.54
C TYR A 77 -50.77 11.65 -35.52
N GLN A 78 -51.21 12.05 -36.71
CA GLN A 78 -50.29 12.56 -37.72
C GLN A 78 -50.90 13.79 -38.38
N VAL A 79 -50.04 14.70 -38.81
CA VAL A 79 -50.45 15.93 -39.48
C VAL A 79 -49.78 15.98 -40.85
N ILE A 80 -50.58 16.21 -41.89
CA ILE A 80 -50.07 16.27 -43.25
C ILE A 80 -50.40 17.63 -43.82
N GLU A 81 -49.39 18.35 -44.28
CA GLU A 81 -49.57 19.68 -44.86
C GLU A 81 -49.46 19.59 -46.37
N VAL A 82 -50.43 20.18 -47.06
CA VAL A 82 -50.51 20.16 -48.51
C VAL A 82 -50.34 21.58 -49.03
N THR A 83 -49.45 21.76 -49.99
CA THR A 83 -49.12 23.08 -50.54
C THR A 83 -49.46 23.09 -52.02
N ALA A 84 -50.67 23.54 -52.34
CA ALA A 84 -51.06 23.66 -53.74
C ALA A 84 -50.31 24.82 -54.38
N TYR A 85 -49.85 24.61 -55.61
CA TYR A 85 -48.97 25.57 -56.28
C TYR A 85 -49.44 25.72 -57.71
N ASN A 86 -50.18 26.80 -57.97
CA ASN A 86 -50.66 27.08 -59.31
C ASN A 86 -49.49 27.31 -60.26
N ARG A 87 -49.64 26.85 -61.50
CA ARG A 87 -48.58 26.96 -62.49
C ARG A 87 -48.80 28.10 -63.47
N ASP A 88 -49.90 28.84 -63.36
CA ASP A 88 -50.19 29.94 -64.27
C ASP A 88 -50.01 31.29 -63.59
N SER A 89 -50.68 31.52 -62.47
CA SER A 89 -50.52 32.76 -61.72
C SER A 89 -49.37 32.70 -60.73
N PHE A 90 -48.76 31.52 -60.54
CA PHE A 90 -47.61 31.34 -59.65
C PHE A 90 -47.93 31.82 -58.23
N ASP A 91 -49.12 31.49 -57.75
CA ASP A 91 -49.51 31.75 -56.37
C ASP A 91 -49.88 30.45 -55.69
N THR A 92 -49.54 30.33 -54.42
CA THR A 92 -49.69 29.07 -53.69
C THR A 92 -50.73 29.21 -52.59
N THR A 93 -51.18 28.05 -52.11
CA THR A 93 -52.13 27.96 -51.01
C THR A 93 -51.74 26.77 -50.15
N ARG A 94 -52.12 26.81 -48.87
CA ARG A 94 -51.72 25.77 -47.93
C ARG A 94 -52.95 25.22 -47.21
N GLN A 95 -52.85 23.95 -46.81
CA GLN A 95 -53.93 23.29 -46.09
C GLN A 95 -53.33 22.22 -45.18
N ARG A 96 -54.10 21.82 -44.19
CA ARG A 96 -53.66 20.82 -43.22
C ARG A 96 -54.69 19.70 -43.11
N LEU A 97 -54.21 18.50 -42.81
CA LEU A 97 -55.04 17.33 -42.58
C LEU A 97 -54.58 16.63 -41.31
N LEU A 98 -55.54 16.22 -40.50
CA LEU A 98 -55.28 15.47 -39.27
C LEU A 98 -55.70 14.03 -39.49
N LEU A 99 -54.77 13.10 -39.27
CA LEU A 99 -55.03 11.68 -39.42
C LEU A 99 -54.90 11.00 -38.07
N LEU A 100 -55.92 10.22 -37.71
CA LEU A 100 -55.94 9.46 -36.47
C LEU A 100 -55.94 7.98 -36.84
N ILE A 101 -54.81 7.31 -36.68
CA ILE A 101 -54.68 5.91 -37.04
C ILE A 101 -55.34 5.08 -35.95
N GLY A 102 -56.49 4.48 -36.27
CA GLY A 102 -57.21 3.68 -35.30
C GLY A 102 -56.66 2.27 -35.18
N ASP A 103 -57.54 1.30 -35.04
CA ASP A 103 -57.19 -0.10 -34.99
C ASP A 103 -58.18 -0.90 -35.81
N PRO A 104 -57.77 -2.03 -36.38
CA PRO A 104 -58.70 -2.84 -37.16
C PRO A 104 -59.82 -3.39 -36.29
N GLU A 105 -60.98 -3.55 -36.90
CA GLU A 105 -62.16 -4.06 -36.21
C GLU A 105 -62.60 -5.37 -36.83
N GLY A 106 -63.18 -6.24 -35.99
CA GLY A 106 -63.65 -7.52 -36.44
C GLY A 106 -62.53 -8.54 -36.54
N PRO A 107 -62.86 -9.73 -37.05
CA PRO A 107 -61.84 -10.78 -37.14
C PRO A 107 -60.75 -10.43 -38.14
N ARG A 108 -59.58 -11.03 -37.92
CA ARG A 108 -58.45 -10.80 -38.79
C ARG A 108 -58.68 -11.43 -40.16
N LEU A 109 -57.88 -11.00 -41.14
CA LEU A 109 -57.97 -11.49 -42.50
C LEU A 109 -56.73 -12.33 -42.80
N PRO A 110 -56.82 -13.66 -42.73
CA PRO A 110 -55.63 -14.52 -42.87
C PRO A 110 -55.38 -15.09 -44.26
N TYR A 111 -56.21 -14.79 -45.26
CA TYR A 111 -56.03 -15.33 -46.61
C TYR A 111 -55.85 -14.17 -47.58
N GLN A 112 -54.65 -14.01 -48.13
CA GLN A 112 -54.34 -12.86 -48.96
C GLN A 112 -53.87 -13.29 -50.34
N ALA A 113 -54.31 -12.55 -51.36
CA ALA A 113 -53.94 -12.80 -52.74
C ALA A 113 -53.45 -11.51 -53.37
N GLU A 114 -52.25 -11.57 -53.95
CA GLU A 114 -51.64 -10.44 -54.63
C GLU A 114 -51.77 -10.64 -56.13
N PHE A 115 -52.50 -9.74 -56.78
CA PHE A 115 -52.78 -9.83 -58.20
C PHE A 115 -51.79 -8.98 -58.98
N LEU A 116 -52.07 -8.82 -60.28
CA LEU A 116 -51.32 -7.88 -61.12
C LEU A 116 -52.24 -7.49 -62.27
N VAL A 117 -52.86 -6.33 -62.17
CA VAL A 117 -53.81 -5.86 -63.17
C VAL A 117 -53.04 -5.02 -64.19
N ARG A 118 -52.90 -5.54 -65.40
CA ARG A 118 -52.16 -4.86 -66.45
C ARG A 118 -53.05 -4.01 -67.36
N SER A 119 -54.34 -3.92 -67.06
CA SER A 119 -55.27 -3.15 -67.88
C SER A 119 -55.68 -1.84 -67.22
N HIS A 120 -55.01 -1.44 -66.14
CA HIS A 120 -55.38 -0.21 -65.45
C HIS A 120 -54.14 0.41 -64.84
N ASP A 121 -54.23 1.71 -64.55
CA ASP A 121 -53.16 2.44 -63.90
C ASP A 121 -53.61 2.87 -62.50
N VAL A 122 -52.64 3.30 -61.69
CA VAL A 122 -52.92 3.66 -60.31
C VAL A 122 -53.86 4.85 -60.21
N GLU A 123 -53.96 5.65 -61.28
CA GLU A 123 -54.90 6.76 -61.30
C GLU A 123 -56.33 6.29 -61.52
N GLU A 124 -56.52 5.21 -62.27
CA GLU A 124 -57.86 4.76 -62.64
C GLU A 124 -58.43 3.72 -61.67
N VAL A 125 -57.68 3.35 -60.63
CA VAL A 125 -58.16 2.40 -59.65
C VAL A 125 -58.42 3.04 -58.29
N LEU A 126 -57.71 4.10 -57.94
CA LEU A 126 -57.91 4.74 -56.63
C LEU A 126 -59.34 5.18 -56.36
N PRO A 127 -60.08 5.79 -57.30
CA PRO A 127 -61.46 6.18 -56.99
C PRO A 127 -62.30 4.99 -56.53
N THR A 128 -63.39 5.32 -55.83
CA THR A 128 -64.18 4.27 -55.18
C THR A 128 -64.87 3.35 -56.18
N THR A 129 -65.41 3.91 -57.27
CA THR A 129 -66.23 3.08 -58.17
C THR A 129 -65.42 1.98 -58.86
N PRO A 130 -64.22 2.24 -59.42
CA PRO A 130 -63.49 1.11 -60.03
C PRO A 130 -63.06 0.06 -59.02
N ALA A 131 -62.68 0.48 -57.82
CA ALA A 131 -62.30 -0.48 -56.79
C ALA A 131 -63.48 -1.35 -56.40
N ASN A 132 -64.66 -0.75 -56.23
CA ASN A 132 -65.85 -1.51 -55.91
C ASN A 132 -66.22 -2.46 -57.03
N ARG A 133 -66.11 -2.00 -58.28
CA ARG A 133 -66.41 -2.87 -59.41
C ARG A 133 -65.47 -4.07 -59.44
N PHE A 134 -64.18 -3.84 -59.21
CA PHE A 134 -63.23 -4.94 -59.17
C PHE A 134 -63.54 -5.90 -58.02
N LEU A 135 -63.90 -5.37 -56.86
CA LEU A 135 -64.21 -6.23 -55.72
C LEU A 135 -65.42 -7.10 -56.01
N THR A 136 -66.47 -6.52 -56.61
CA THR A 136 -67.63 -7.32 -56.97
C THR A 136 -67.30 -8.35 -58.05
N ALA A 137 -66.46 -7.98 -59.02
CA ALA A 137 -66.09 -8.93 -60.07
C ALA A 137 -65.32 -10.10 -59.49
N LEU A 138 -64.41 -9.84 -58.54
CA LEU A 138 -63.64 -10.92 -57.92
C LEU A 138 -64.46 -11.69 -56.90
N GLY A 139 -65.61 -11.17 -56.48
CA GLY A 139 -66.41 -11.87 -55.48
C GLY A 139 -66.96 -13.18 -55.97
N GLY A 140 -67.18 -13.31 -57.29
CA GLY A 140 -67.72 -14.54 -57.82
C GLY A 140 -66.79 -15.73 -57.63
N LEU A 141 -65.50 -15.53 -57.93
CA LEU A 141 -64.54 -16.61 -57.80
C LEU A 141 -64.27 -16.97 -56.34
N TRP A 142 -64.27 -15.97 -55.46
CA TRP A 142 -64.00 -16.19 -54.04
C TRP A 142 -65.24 -16.49 -53.23
N GLU A 143 -66.40 -16.58 -53.88
CA GLU A 143 -67.63 -16.84 -53.15
C GLU A 143 -67.58 -18.20 -52.46
N PRO A 144 -67.98 -18.30 -51.19
CA PRO A 144 -68.51 -17.25 -50.32
C PRO A 144 -67.42 -16.41 -49.65
N GLY A 145 -67.73 -15.17 -49.33
CA GLY A 145 -66.81 -14.30 -48.62
C GLY A 145 -66.88 -12.88 -49.12
N GLU A 146 -66.37 -11.95 -48.30
CA GLU A 146 -66.30 -10.54 -48.64
C GLU A 146 -64.84 -10.13 -48.75
N LEU A 147 -64.55 -9.30 -49.73
CA LEU A 147 -63.18 -8.91 -50.05
C LEU A 147 -62.97 -7.44 -49.69
N GLN A 148 -61.91 -7.17 -48.95
CA GLN A 148 -61.55 -5.80 -48.56
C GLN A 148 -60.12 -5.53 -48.99
N LEU A 149 -59.90 -4.38 -49.62
CA LEU A 149 -58.58 -4.05 -50.14
C LEU A 149 -57.58 -3.91 -49.00
N LEU A 150 -56.35 -4.35 -49.24
CA LEU A 150 -55.28 -4.28 -48.25
C LEU A 150 -54.07 -3.50 -48.70
N ASN A 151 -53.80 -3.42 -50.01
CA ASN A 151 -52.61 -2.72 -50.49
C ASN A 151 -52.75 -2.50 -51.99
N ILE A 152 -52.52 -1.26 -52.43
CA ILE A 152 -52.49 -0.90 -53.84
C ILE A 152 -51.15 -0.24 -54.12
N THR A 153 -50.45 -0.71 -55.15
CA THR A 153 -49.17 -0.12 -55.46
C THR A 153 -48.93 -0.12 -56.97
N SER A 154 -48.38 0.97 -57.47
CA SER A 154 -48.05 1.05 -58.89
C SER A 154 -46.95 0.07 -59.23
N ALA A 155 -46.98 -0.42 -60.47
CA ALA A 155 -45.97 -1.39 -60.89
C ALA A 155 -44.58 -0.77 -60.97
N LEU A 156 -44.51 0.55 -61.22
CA LEU A 156 -43.21 1.21 -61.32
C LEU A 156 -42.44 1.16 -60.02
N ASP A 157 -43.13 1.03 -58.88
CA ASP A 157 -42.43 0.88 -57.61
C ASP A 157 -41.88 -0.51 -57.41
N ARG A 158 -42.37 -1.50 -58.16
CA ARG A 158 -41.93 -2.89 -58.05
C ARG A 158 -40.94 -3.25 -59.15
N GLY A 159 -40.09 -2.32 -59.54
CA GLY A 159 -39.14 -2.57 -60.61
C GLY A 159 -39.78 -2.79 -61.96
N GLY A 160 -40.83 -2.03 -62.27
CA GLY A 160 -41.48 -2.13 -63.55
C GLY A 160 -40.76 -1.33 -64.62
N ARG A 161 -41.35 -1.33 -65.81
CA ARG A 161 -40.79 -0.63 -66.96
C ARG A 161 -41.86 0.24 -67.59
N VAL A 162 -41.47 1.44 -68.01
CA VAL A 162 -42.42 2.33 -68.67
C VAL A 162 -42.86 1.72 -69.99
N PRO A 163 -44.16 1.58 -70.24
CA PRO A 163 -44.61 0.85 -71.42
C PRO A 163 -44.53 1.70 -72.68
N LEU A 164 -44.23 1.02 -73.78
CA LEU A 164 -44.24 1.67 -75.08
C LEU A 164 -45.66 1.98 -75.48
N PRO A 165 -45.99 3.22 -75.81
CA PRO A 165 -47.38 3.56 -76.17
C PRO A 165 -47.73 3.12 -77.60
N ILE A 166 -47.88 1.80 -77.77
CA ILE A 166 -48.13 1.28 -79.10
C ILE A 166 -49.63 1.31 -79.37
N GLU A 167 -50.40 0.53 -78.61
CA GLU A 167 -51.86 0.57 -78.72
C GLU A 167 -52.54 0.93 -77.40
N GLY A 168 -52.30 0.18 -76.34
CA GLY A 168 -52.97 0.42 -75.07
C GLY A 168 -52.13 0.05 -73.87
N ARG A 169 -50.85 -0.26 -74.09
CA ARG A 169 -50.01 -0.75 -73.01
C ARG A 169 -49.89 0.27 -71.89
N LYS A 170 -50.03 -0.20 -70.66
CA LYS A 170 -49.96 0.65 -69.47
C LYS A 170 -49.08 -0.01 -68.42
N GLU A 171 -48.70 0.77 -67.42
CA GLU A 171 -47.76 0.29 -66.41
C GLU A 171 -48.35 -0.86 -65.60
N GLY A 172 -49.62 -0.77 -65.23
CA GLY A 172 -50.24 -1.79 -64.42
C GLY A 172 -50.09 -1.52 -62.93
N VAL A 173 -50.94 -2.18 -62.14
CA VAL A 173 -50.96 -2.01 -60.70
C VAL A 173 -50.95 -3.38 -60.02
N TYR A 174 -50.58 -3.37 -58.76
CA TYR A 174 -50.65 -4.54 -57.88
C TYR A 174 -51.70 -4.28 -56.83
N ILE A 175 -52.67 -5.18 -56.73
CA ILE A 175 -53.76 -5.09 -55.77
C ILE A 175 -53.69 -6.33 -54.88
N LYS A 176 -53.71 -6.11 -53.58
CA LYS A 176 -53.70 -7.20 -52.60
C LYS A 176 -55.07 -7.26 -51.94
N VAL A 177 -55.70 -8.43 -51.99
CA VAL A 177 -57.05 -8.61 -51.47
C VAL A 177 -56.99 -9.64 -50.35
N GLY A 178 -57.57 -9.31 -49.20
CA GLY A 178 -57.58 -10.19 -48.06
C GLY A 178 -58.98 -10.62 -47.71
N SER A 179 -59.09 -11.82 -47.14
CA SER A 179 -60.38 -12.38 -46.75
C SER A 179 -60.14 -13.45 -45.71
N ALA A 180 -61.22 -13.85 -45.04
CA ALA A 180 -61.18 -14.86 -44.00
C ALA A 180 -61.63 -16.23 -44.47
N THR A 181 -62.39 -16.31 -45.54
CA THR A 181 -62.81 -17.61 -46.06
C THR A 181 -61.68 -18.23 -46.90
N PRO A 182 -61.49 -19.55 -46.80
CA PRO A 182 -60.42 -20.20 -47.57
C PRO A 182 -60.67 -20.10 -49.07
N PHE A 183 -59.58 -20.16 -49.82
CA PHE A 183 -59.67 -20.05 -51.27
C PHE A 183 -60.44 -21.22 -51.86
N SER A 184 -61.10 -20.96 -52.99
CA SER A 184 -61.79 -22.00 -53.73
C SER A 184 -60.78 -22.86 -54.48
N THR A 185 -61.30 -23.86 -55.20
CA THR A 185 -60.41 -24.75 -55.95
C THR A 185 -59.73 -24.02 -57.11
N CYS A 186 -60.40 -23.02 -57.70
CA CYS A 186 -59.83 -22.31 -58.84
C CYS A 186 -58.55 -21.58 -58.44
N LEU A 187 -58.60 -20.80 -57.37
CA LEU A 187 -57.43 -20.04 -56.95
C LEU A 187 -56.29 -20.96 -56.53
N LYS A 188 -56.62 -22.06 -55.86
CA LYS A 188 -55.58 -23.02 -55.48
C LYS A 188 -54.93 -23.64 -56.72
N MET A 189 -55.74 -23.96 -57.73
CA MET A 189 -55.19 -24.52 -58.97
C MET A 189 -54.31 -23.51 -59.68
N VAL A 190 -54.70 -22.24 -59.68
CA VAL A 190 -53.89 -21.21 -60.34
C VAL A 190 -52.53 -21.09 -59.68
N ALA A 191 -52.49 -21.21 -58.36
CA ALA A 191 -51.24 -21.10 -57.62
C ALA A 191 -50.43 -22.40 -57.63
N SER A 192 -50.94 -23.45 -58.26
CA SER A 192 -50.21 -24.71 -58.33
C SER A 192 -48.97 -24.56 -59.20
N PRO A 193 -47.93 -25.36 -58.95
CA PRO A 193 -46.70 -25.27 -59.76
C PRO A 193 -46.91 -25.60 -61.22
N ASP A 194 -48.01 -26.26 -61.58
CA ASP A 194 -48.25 -26.59 -62.98
C ASP A 194 -48.36 -25.34 -63.84
N SER A 195 -49.07 -24.32 -63.35
CA SER A 195 -49.19 -23.07 -64.11
C SER A 195 -47.83 -22.39 -64.26
N TYR A 196 -47.02 -22.40 -63.20
CA TYR A 196 -45.69 -21.82 -63.29
C TYR A 196 -44.86 -22.56 -64.34
N ALA A 197 -44.94 -23.89 -64.35
CA ALA A 197 -44.24 -24.66 -65.37
C ALA A 197 -44.73 -24.33 -66.77
N ARG A 198 -46.05 -24.13 -66.91
CA ARG A 198 -46.60 -23.83 -68.23
C ARG A 198 -46.13 -22.49 -68.76
N CYS A 199 -46.25 -21.44 -67.96
CA CYS A 199 -45.78 -20.14 -68.44
C CYS A 199 -44.28 -19.97 -68.34
N ALA A 200 -43.57 -20.96 -67.80
CA ALA A 200 -42.12 -20.95 -67.87
C ALA A 200 -41.63 -21.00 -69.32
N GLN A 201 -42.24 -21.84 -70.15
CA GLN A 201 -41.86 -21.92 -71.55
C GLN A 201 -42.70 -21.03 -72.46
N GLY A 202 -43.89 -20.63 -72.02
CA GLY A 202 -44.72 -19.76 -72.83
C GLY A 202 -46.14 -20.25 -72.99
N GLN A 203 -46.44 -21.42 -72.42
CA GLN A 203 -47.80 -21.95 -72.51
C GLN A 203 -48.75 -21.07 -71.70
N PRO A 204 -50.00 -20.91 -72.15
CA PRO A 204 -50.93 -20.06 -71.41
C PRO A 204 -51.23 -20.65 -70.04
N PRO A 205 -51.51 -19.81 -69.05
CA PRO A 205 -51.82 -20.33 -67.71
C PRO A 205 -53.09 -21.14 -67.70
N LEU A 206 -53.12 -22.15 -66.85
CA LEU A 206 -54.30 -23.02 -66.75
C LEU A 206 -55.43 -22.27 -66.06
N LEU A 207 -56.62 -22.31 -66.66
CA LEU A 207 -57.79 -21.65 -66.08
C LEU A 207 -59.01 -22.46 -66.47
N SER A 208 -59.60 -23.15 -65.50
CA SER A 208 -60.78 -23.97 -65.74
C SER A 208 -62.07 -23.23 -65.42
N CYS A 209 -62.12 -22.57 -64.28
CA CYS A 209 -63.32 -21.84 -63.87
C CYS A 209 -63.50 -20.60 -64.74
N TYR A 210 -64.76 -20.16 -64.85
CA TYR A 210 -65.09 -19.05 -65.74
C TYR A 210 -64.60 -17.73 -65.15
N ASP A 211 -63.96 -16.93 -65.98
CA ASP A 211 -63.46 -15.63 -65.57
C ASP A 211 -64.60 -14.61 -65.53
N THR A 212 -64.50 -13.68 -64.59
CA THR A 212 -65.45 -12.57 -64.49
C THR A 212 -64.82 -11.20 -64.65
N LEU A 213 -63.53 -11.05 -64.33
CA LEU A 213 -62.89 -9.75 -64.45
C LEU A 213 -62.78 -9.30 -65.90
N ALA A 214 -62.68 -10.24 -66.82
CA ALA A 214 -62.60 -9.89 -68.23
C ALA A 214 -63.95 -9.32 -68.70
N PRO A 215 -63.93 -8.44 -69.71
CA PRO A 215 -62.77 -7.89 -70.43
C PRO A 215 -62.25 -6.60 -69.79
N HIS A 216 -62.89 -6.13 -68.73
CA HIS A 216 -62.51 -4.87 -68.11
C HIS A 216 -61.23 -4.97 -67.29
N PHE A 217 -60.70 -6.18 -67.06
CA PHE A 217 -59.51 -6.33 -66.24
C PHE A 217 -58.68 -7.48 -66.81
N ARG A 218 -57.65 -7.14 -67.60
CA ARG A 218 -56.71 -8.13 -68.09
C ARG A 218 -55.69 -8.40 -66.99
N VAL A 219 -55.70 -9.62 -66.45
CA VAL A 219 -54.93 -9.97 -65.27
C VAL A 219 -53.93 -11.06 -65.63
N ASP A 220 -52.67 -10.87 -65.25
CA ASP A 220 -51.62 -11.88 -65.44
C ASP A 220 -51.89 -13.04 -64.52
N TRP A 221 -52.45 -14.12 -65.07
CA TRP A 221 -53.04 -15.15 -64.22
C TRP A 221 -51.98 -16.01 -63.55
N CYS A 222 -50.89 -16.35 -64.26
CA CYS A 222 -49.91 -17.23 -63.63
C CYS A 222 -48.92 -16.47 -62.76
N ASN A 223 -49.14 -15.18 -62.54
CA ASN A 223 -48.40 -14.40 -61.55
C ASN A 223 -49.43 -13.87 -60.55
N VAL A 224 -49.80 -14.73 -59.60
CA VAL A 224 -50.74 -14.37 -58.54
C VAL A 224 -50.20 -15.00 -57.26
N SER A 225 -49.83 -14.16 -56.28
CA SER A 225 -49.19 -14.65 -55.08
C SER A 225 -50.24 -15.01 -54.03
N LEU A 226 -50.16 -16.23 -53.51
CA LEU A 226 -51.09 -16.70 -52.49
C LEU A 226 -50.36 -16.75 -51.15
N VAL A 227 -50.95 -16.14 -50.13
CA VAL A 227 -50.36 -16.11 -48.80
C VAL A 227 -51.42 -16.54 -47.79
N ASP A 228 -51.05 -17.47 -46.91
CA ASP A 228 -51.91 -17.91 -45.83
C ASP A 228 -51.32 -17.42 -44.51
N LYS A 229 -52.10 -16.67 -43.75
CA LYS A 229 -51.64 -16.12 -42.48
C LYS A 229 -52.11 -16.93 -41.28
N SER A 230 -52.70 -18.10 -41.52
CA SER A 230 -53.01 -19.00 -40.42
C SER A 230 -51.72 -19.51 -39.78
N VAL A 231 -51.82 -19.88 -38.51
CA VAL A 231 -50.67 -20.25 -37.69
C VAL A 231 -49.76 -19.02 -37.70
N PRO A 232 -50.12 -17.96 -36.98
CA PRO A 232 -49.37 -16.70 -37.08
C PRO A 232 -47.93 -16.84 -36.62
N GLU A 233 -47.14 -15.81 -36.92
CA GLU A 233 -45.73 -15.82 -36.60
C GLU A 233 -45.55 -15.89 -35.07
N PRO A 234 -44.60 -16.67 -34.59
CA PRO A 234 -44.37 -16.76 -33.14
C PRO A 234 -43.81 -15.46 -32.59
N LEU A 235 -43.96 -15.30 -31.28
CA LEU A 235 -43.47 -14.10 -30.60
C LEU A 235 -41.96 -14.01 -30.69
N ASP A 236 -41.46 -12.83 -31.01
CA ASP A 236 -40.02 -12.60 -31.09
C ASP A 236 -39.43 -12.36 -29.70
N GLU A 237 -38.19 -12.79 -29.52
CA GLU A 237 -37.50 -12.62 -28.24
C GLU A 237 -37.21 -11.14 -27.99
N VAL A 238 -37.28 -10.74 -26.73
CA VAL A 238 -37.01 -9.37 -26.33
C VAL A 238 -36.01 -9.39 -25.18
N PRO A 239 -35.14 -8.38 -25.07
CA PRO A 239 -34.15 -8.37 -23.98
C PRO A 239 -34.67 -7.64 -22.75
N THR A 240 -34.47 -8.26 -21.60
CA THR A 240 -34.85 -7.65 -20.33
C THR A 240 -33.73 -6.73 -19.85
N PRO A 241 -34.03 -5.48 -19.51
CA PRO A 241 -32.98 -4.58 -19.01
C PRO A 241 -32.24 -5.16 -17.82
N GLY A 242 -30.92 -5.27 -17.93
CA GLY A 242 -30.14 -5.89 -16.89
C GLY A 242 -30.04 -5.04 -15.64
N ASP A 243 -29.53 -5.67 -14.58
CA ASP A 243 -29.36 -4.96 -13.31
C ASP A 243 -28.34 -3.84 -13.45
N GLY A 244 -27.24 -4.10 -14.13
CA GLY A 244 -26.21 -3.09 -14.30
C GLY A 244 -25.04 -3.27 -13.36
N ILE A 245 -24.61 -4.52 -13.19
CA ILE A 245 -23.50 -4.87 -12.31
C ILE A 245 -22.44 -5.58 -13.14
N LEU A 246 -21.19 -5.17 -12.98
CA LEU A 246 -20.10 -5.73 -13.77
C LEU A 246 -19.23 -6.69 -12.94
N GLU A 247 -18.76 -6.25 -11.79
CA GLU A 247 -17.87 -7.04 -10.94
C GLU A 247 -18.38 -7.06 -9.52
N HIS A 248 -17.98 -8.09 -8.78
CA HIS A 248 -18.34 -8.27 -7.38
C HIS A 248 -17.19 -7.95 -6.42
N ASP A 249 -15.96 -8.34 -6.79
CA ASP A 249 -14.67 -8.06 -6.15
C ASP A 249 -14.78 -7.91 -4.63
N PRO A 250 -15.16 -8.97 -3.91
CA PRO A 250 -15.32 -8.84 -2.45
C PRO A 250 -13.99 -8.72 -1.73
N PHE A 251 -13.13 -7.80 -2.17
CA PHE A 251 -11.84 -7.58 -1.56
C PHE A 251 -11.56 -6.12 -1.21
N PHE A 252 -12.26 -5.17 -1.83
CA PHE A 252 -12.06 -3.76 -1.51
C PHE A 252 -12.73 -3.47 -0.17
N CYS A 253 -11.93 -3.55 0.89
CA CYS A 253 -12.40 -3.22 2.24
C CYS A 253 -11.56 -2.07 2.77
N PRO A 254 -12.07 -0.83 2.71
CA PRO A 254 -11.29 0.29 3.25
C PRO A 254 -11.15 0.17 4.75
N PRO A 255 -10.08 0.71 5.33
CA PRO A 255 -9.95 0.71 6.79
C PRO A 255 -11.09 1.49 7.42
N THR A 256 -11.59 0.98 8.53
CA THR A 256 -12.77 1.57 9.16
C THR A 256 -12.36 2.83 9.90
N GLU A 257 -13.28 3.39 10.69
CA GLU A 257 -12.95 4.54 11.53
C GLU A 257 -12.20 4.03 12.76
N ALA A 258 -10.93 3.68 12.52
CA ALA A 258 -10.08 3.13 13.57
C ALA A 258 -9.38 4.28 14.28
N THR A 259 -9.84 4.60 15.49
CA THR A 259 -9.20 5.64 16.28
C THR A 259 -7.84 5.17 16.77
N ASP A 260 -7.03 6.14 17.18
CA ASP A 260 -5.70 5.84 17.68
C ASP A 260 -5.77 5.01 18.96
N ARG A 261 -4.86 4.04 19.09
CA ARG A 261 -4.80 3.23 20.29
C ARG A 261 -4.36 4.08 21.48
N ASP A 262 -4.99 3.83 22.63
CA ASP A 262 -4.71 4.62 23.82
C ASP A 262 -3.31 4.33 24.32
N PHE A 263 -2.39 5.27 24.09
CA PHE A 263 -1.04 5.16 24.63
C PHE A 263 -0.96 5.54 26.10
N LEU A 264 -2.04 6.11 26.65
CA LEU A 264 -1.98 6.62 28.01
C LEU A 264 -1.74 5.51 29.02
N THR A 265 -2.42 4.37 28.87
CA THR A 265 -2.30 3.30 29.86
C THR A 265 -0.90 2.71 29.88
N ASP A 266 -0.38 2.35 28.70
CA ASP A 266 0.95 1.76 28.64
C ASP A 266 2.02 2.77 29.04
N ALA A 267 1.86 4.04 28.63
CA ALA A 267 2.80 5.07 29.05
C ALA A 267 2.78 5.24 30.56
N LEU A 268 1.60 5.20 31.18
CA LEU A 268 1.50 5.28 32.62
C LEU A 268 2.19 4.10 33.29
N VAL A 269 2.02 2.90 32.73
CA VAL A 269 2.65 1.72 33.32
C VAL A 269 4.18 1.85 33.25
N THR A 270 4.71 2.17 32.08
CA THR A 270 6.14 2.24 31.87
C THR A 270 6.77 3.52 32.40
N LEU A 271 5.97 4.46 32.90
CA LEU A 271 6.48 5.59 33.66
C LEU A 271 6.35 5.39 35.17
N LEU A 272 5.35 4.63 35.61
CA LEU A 272 5.16 4.37 37.03
C LEU A 272 6.16 3.35 37.54
N VAL A 273 6.49 2.34 36.73
CA VAL A 273 7.49 1.35 37.14
C VAL A 273 8.83 1.99 37.46
N PRO A 274 9.44 2.79 36.56
CA PRO A 274 10.72 3.41 36.94
C PRO A 274 10.58 4.48 37.99
N LEU A 275 9.44 5.19 38.04
CA LEU A 275 9.23 6.17 39.10
C LEU A 275 9.22 5.51 40.47
N LEU A 276 8.50 4.39 40.60
CA LEU A 276 8.50 3.66 41.86
C LEU A 276 9.88 3.09 42.17
N VAL A 277 10.59 2.60 41.16
CA VAL A 277 11.93 2.08 41.38
C VAL A 277 12.84 3.19 41.90
N ALA A 278 12.77 4.37 41.30
CA ALA A 278 13.60 5.49 41.74
C ALA A 278 13.22 5.96 43.15
N LEU A 279 11.93 5.96 43.47
CA LEU A 279 11.52 6.35 44.82
C LEU A 279 12.03 5.36 45.86
N LEU A 280 11.91 4.07 45.58
CA LEU A 280 12.45 3.07 46.49
C LEU A 280 13.96 3.20 46.63
N LEU A 281 14.63 3.51 45.52
CA LEU A 281 16.07 3.73 45.56
C LEU A 281 16.44 4.93 46.43
N THR A 282 15.70 6.03 46.30
CA THR A 282 15.98 7.20 47.13
C THR A 282 15.76 6.88 48.61
N LEU A 283 14.71 6.13 48.91
CA LEU A 283 14.49 5.71 50.30
C LEU A 283 15.65 4.84 50.80
N LEU A 284 16.13 3.91 49.97
CA LEU A 284 17.24 3.05 50.38
C LEU A 284 18.52 3.87 50.58
N LEU A 285 18.75 4.85 49.71
CA LEU A 285 19.91 5.71 49.84
C LEU A 285 19.86 6.51 51.13
N ALA A 286 18.71 7.10 51.44
CA ALA A 286 18.56 7.79 52.72
C ALA A 286 18.82 6.83 53.87
N TYR A 287 18.20 5.64 53.83
CA TYR A 287 18.28 4.68 54.91
C TYR A 287 19.72 4.27 55.18
N ILE A 288 20.35 3.53 54.27
CA ILE A 288 21.78 3.33 54.48
C ILE A 288 22.58 4.34 53.65
N MET A 289 22.49 5.61 54.03
CA MET A 289 23.62 6.52 53.90
C MET A 289 23.59 7.37 55.16
N CYS A 290 22.41 7.51 55.77
CA CYS A 290 22.24 8.36 56.94
C CYS A 290 22.29 7.56 58.24
N PHE A 291 22.47 6.25 58.18
CA PHE A 291 22.49 5.42 59.38
C PHE A 291 23.81 4.68 59.50
N HIS B 1 46.86 -4.94 60.57
CA HIS B 1 46.79 -4.41 59.21
C HIS B 1 45.46 -3.72 58.97
N LYS B 2 44.99 -3.74 57.72
CA LYS B 2 43.74 -3.11 57.35
C LYS B 2 43.03 -3.98 56.32
N THR B 3 41.71 -3.80 56.24
CA THR B 3 40.86 -4.60 55.36
C THR B 3 40.10 -3.71 54.39
N GLY B 4 39.73 -4.29 53.25
CA GLY B 4 38.99 -3.57 52.23
C GLY B 4 39.79 -3.35 50.97
N LEU B 5 39.48 -2.29 50.22
CA LEU B 5 40.25 -1.91 49.05
C LEU B 5 41.34 -0.95 49.48
N ARG B 6 42.60 -1.37 49.34
CA ARG B 6 43.73 -0.63 49.90
C ARG B 6 44.63 -0.04 48.82
N GLY B 7 45.18 -0.87 47.93
CA GLY B 7 46.20 -0.40 47.02
C GLY B 7 45.77 -0.30 45.58
N ARG B 8 46.41 -1.08 44.70
CA ARG B 8 46.12 -1.00 43.28
C ARG B 8 44.67 -1.37 42.97
N LYS B 9 44.05 -2.18 43.84
CA LYS B 9 42.69 -2.60 43.59
C LYS B 9 41.72 -1.42 43.63
N GLY B 10 41.98 -0.45 44.50
CA GLY B 10 41.15 0.74 44.51
C GLY B 10 41.23 1.52 43.21
N ASN B 11 42.44 1.66 42.68
CA ASN B 11 42.61 2.33 41.39
C ASN B 11 41.90 1.57 40.28
N LEU B 12 42.01 0.24 40.28
CA LEU B 12 41.32 -0.56 39.26
C LEU B 12 39.81 -0.40 39.37
N ALA B 13 39.29 -0.40 40.60
CA ALA B 13 37.85 -0.23 40.78
C ALA B 13 37.39 1.13 40.29
N ILE B 14 38.15 2.18 40.60
CA ILE B 14 37.75 3.52 40.16
C ILE B 14 37.82 3.63 38.64
N CYS B 15 38.83 2.98 38.03
CA CYS B 15 38.92 3.00 36.57
C CYS B 15 37.73 2.27 35.93
N VAL B 16 37.34 1.13 36.51
CA VAL B 16 36.22 0.39 35.97
C VAL B 16 34.93 1.20 36.10
N ILE B 17 34.76 1.87 37.24
CA ILE B 17 33.56 2.69 37.43
C ILE B 17 33.52 3.82 36.40
N VAL B 18 34.66 4.49 36.18
CA VAL B 18 34.70 5.57 35.21
C VAL B 18 34.38 5.06 33.81
N LEU B 19 34.95 3.89 33.45
CA LEU B 19 34.69 3.33 32.14
C LEU B 19 33.21 2.97 31.95
N LEU B 20 32.60 2.39 32.98
CA LEU B 20 31.18 2.07 32.89
C LEU B 20 30.34 3.32 32.74
N PHE B 21 30.70 4.38 33.48
CA PHE B 21 29.97 5.64 33.35
C PHE B 21 30.10 6.21 31.94
N ILE B 22 31.30 6.13 31.35
CA ILE B 22 31.50 6.62 30.00
C ILE B 22 30.63 5.83 29.01
N LEU B 23 30.60 4.51 29.16
CA LEU B 23 29.79 3.69 28.26
C LEU B 23 28.30 4.03 28.40
N ALA B 24 27.83 4.24 29.64
CA ALA B 24 26.44 4.60 29.84
C ALA B 24 26.11 5.94 29.19
N VAL B 25 27.02 6.91 29.33
CA VAL B 25 26.80 8.22 28.72
C VAL B 25 26.74 8.11 27.20
N ILE B 26 27.63 7.30 26.61
CA ILE B 26 27.63 7.12 25.17
C ILE B 26 26.31 6.50 24.71
N ASN B 27 25.83 5.48 25.44
CA ASN B 27 24.57 4.86 25.07
C ASN B 27 23.42 5.85 25.17
N LEU B 28 23.41 6.68 26.22
CA LEU B 28 22.36 7.68 26.35
C LEU B 28 22.40 8.68 25.21
N LEU B 29 23.60 9.10 24.80
CA LEU B 29 23.71 10.02 23.67
C LEU B 29 23.18 9.39 22.40
N ILE B 30 23.47 8.11 22.17
CA ILE B 30 22.98 7.45 20.97
C ILE B 30 21.46 7.39 20.97
N THR B 31 20.86 7.04 22.12
CA THR B 31 19.41 6.96 22.19
C THR B 31 18.78 8.34 21.99
N LEU B 32 19.39 9.38 22.55
CA LEU B 32 18.87 10.73 22.37
C LEU B 32 18.96 11.16 20.91
N VAL B 33 20.03 10.78 20.22
CA VAL B 33 20.16 11.09 18.79
C VAL B 33 19.04 10.40 18.02
N ILE B 34 18.76 9.14 18.34
CA ILE B 34 17.66 8.44 17.68
C ILE B 34 16.35 9.19 17.89
N TRP B 35 16.08 9.56 19.15
CA TRP B 35 14.83 10.25 19.45
C TRP B 35 14.72 11.57 18.70
N ALA B 36 15.83 12.31 18.62
CA ALA B 36 15.80 13.59 17.91
C ALA B 36 15.58 13.40 16.42
N VAL B 37 16.24 12.42 15.82
CA VAL B 37 16.17 12.27 14.37
C VAL B 37 14.79 11.75 13.94
N ILE B 38 14.29 10.71 14.62
CA ILE B 38 13.00 10.13 14.20
C ILE B 38 11.82 10.86 14.80
N ARG B 39 12.04 11.87 15.65
CA ARG B 39 10.97 12.67 16.24
C ARG B 39 9.99 11.82 17.02
N ILE B 40 10.51 10.82 17.75
CA ILE B 40 9.66 10.00 18.60
C ILE B 40 9.12 10.88 19.72
N GLY B 41 7.81 10.79 19.96
CA GLY B 41 7.18 11.55 21.00
C GLY B 41 6.15 10.74 21.76
N PRO B 42 5.51 11.35 22.75
CA PRO B 42 4.49 10.64 23.52
C PRO B 42 3.30 10.17 22.68
N ASN B 43 3.05 10.82 21.54
CA ASN B 43 1.93 10.45 20.69
C ASN B 43 2.28 9.40 19.66
N GLY B 44 3.55 9.00 19.56
CA GLY B 44 3.97 7.98 18.62
C GLY B 44 5.16 8.45 17.81
N CYS B 45 5.33 7.84 16.65
CA CYS B 45 6.45 8.18 15.79
C CYS B 45 6.31 9.54 15.13
N ASP B 46 5.15 10.18 15.25
CA ASP B 46 4.83 11.52 14.72
C ASP B 46 4.77 11.54 13.20
N SER B 47 5.05 10.43 12.52
CA SER B 47 4.87 10.33 11.08
C SER B 47 4.18 9.07 10.64
N MET B 48 4.20 8.00 11.44
CA MET B 48 3.46 6.78 11.16
C MET B 48 2.78 6.35 12.46
N GLU B 49 2.00 5.27 12.37
CA GLU B 49 1.35 4.72 13.56
C GLU B 49 1.12 3.24 13.31
N PHE B 50 2.02 2.40 13.82
CA PHE B 50 1.94 0.97 13.61
C PHE B 50 0.79 0.41 14.43
N HIS B 51 -0.34 0.18 13.78
CA HIS B 51 -1.49 -0.37 14.49
C HIS B 51 -1.27 -1.85 14.83
N GLU B 52 -2.06 -2.33 15.78
CA GLU B 52 -1.92 -3.71 16.23
C GLU B 52 -2.28 -4.68 15.10
N SER B 53 -3.29 -4.36 14.31
CA SER B 53 -3.74 -5.25 13.23
C SER B 53 -3.00 -4.97 11.93
N GLY B 54 -1.67 -4.90 12.01
CA GLY B 54 -0.79 -4.73 10.86
C GLY B 54 -1.23 -3.71 9.83
N LEU B 55 -1.47 -2.48 10.25
CA LEU B 55 -1.93 -1.42 9.34
C LEU B 55 -1.17 -0.15 9.67
N LEU B 56 -0.28 0.27 8.76
CA LEU B 56 0.39 1.54 8.91
C LEU B 56 -0.55 2.67 8.52
N ARG B 57 -0.49 3.78 9.26
CA ARG B 57 -1.34 4.94 9.02
C ARG B 57 -0.45 6.17 8.96
N PHE B 58 -0.01 6.54 7.77
CA PHE B 58 0.79 7.74 7.60
C PHE B 58 -0.06 8.98 7.90
N LYS B 59 0.58 9.97 8.52
CA LYS B 59 -0.16 11.17 8.90
C LYS B 59 0.53 12.46 8.46
N GLN B 60 1.42 12.40 7.48
CA GLN B 60 2.12 13.59 6.98
C GLN B 60 2.32 13.47 5.48
N VAL B 61 2.70 14.59 4.87
CA VAL B 61 2.91 14.63 3.42
C VAL B 61 4.00 13.62 3.06
N SER B 62 3.63 12.62 2.25
CA SER B 62 4.50 11.50 1.94
C SER B 62 4.94 11.58 0.48
N ASP B 63 6.24 11.44 0.25
CA ASP B 63 6.82 11.45 -1.10
C ASP B 63 7.41 10.07 -1.34
N MET B 64 6.61 9.16 -1.88
CA MET B 64 7.04 7.78 -2.08
C MET B 64 7.88 7.60 -3.33
N GLY B 65 8.09 8.65 -4.13
CA GLY B 65 8.91 8.54 -5.32
C GLY B 65 8.28 7.65 -6.37
N VAL B 66 8.83 6.46 -6.56
CA VAL B 66 8.33 5.50 -7.52
C VAL B 66 7.66 4.36 -6.75
N ILE B 67 6.44 4.03 -7.13
CA ILE B 67 5.66 2.99 -6.47
C ILE B 67 5.60 1.77 -7.38
N HIS B 68 5.77 0.59 -6.79
CA HIS B 68 5.80 -0.67 -7.53
C HIS B 68 4.79 -1.63 -6.92
N PRO B 69 3.52 -1.51 -7.28
CA PRO B 69 2.54 -2.53 -6.86
C PRO B 69 2.95 -3.91 -7.32
N LEU B 70 2.74 -4.90 -6.46
CA LEU B 70 3.22 -6.25 -6.70
C LEU B 70 2.11 -7.29 -6.72
N TYR B 71 1.30 -7.37 -5.67
CA TYR B 71 0.28 -8.41 -5.58
C TYR B 71 -0.79 -7.97 -4.61
N LYS B 72 -2.05 -8.15 -5.01
CA LYS B 72 -3.22 -7.79 -4.21
C LYS B 72 -3.18 -6.32 -3.79
N SER B 73 -2.42 -5.50 -4.50
CA SER B 73 -2.26 -4.09 -4.18
C SER B 73 -2.95 -3.27 -5.27
N THR B 74 -4.14 -2.78 -4.95
CA THR B 74 -4.92 -1.93 -5.84
C THR B 74 -5.10 -0.58 -5.18
N VAL B 75 -4.64 0.48 -5.85
CA VAL B 75 -4.76 1.82 -5.28
C VAL B 75 -6.22 2.16 -5.13
N GLY B 76 -6.66 2.45 -3.91
CA GLY B 76 -8.05 2.74 -3.64
C GLY B 76 -8.20 3.98 -2.79
N GLY B 77 -9.38 4.59 -2.89
CA GLY B 77 -9.70 5.74 -2.07
C GLY B 77 -10.02 5.34 -0.64
N ARG B 78 -10.08 6.35 0.22
CA ARG B 78 -10.30 6.12 1.63
C ARG B 78 -11.76 5.71 1.86
N ARG B 79 -12.15 5.59 3.12
CA ARG B 79 -13.46 5.05 3.46
C ARG B 79 -14.55 6.05 3.07
N ASN B 80 -15.18 5.80 1.92
CA ASN B 80 -16.45 6.40 1.56
C ASN B 80 -16.38 7.92 1.39
N GLU B 81 -15.26 8.47 0.91
CA GLU B 81 -15.23 9.88 0.56
C GLU B 81 -14.97 10.13 -0.92
N ASN B 82 -13.82 9.73 -1.45
CA ASN B 82 -13.44 10.04 -2.83
C ASN B 82 -12.08 9.45 -3.17
N LEU B 83 -11.63 9.68 -4.41
CA LEU B 83 -10.26 9.37 -4.80
C LEU B 83 -9.85 10.40 -5.84
N VAL B 84 -9.16 11.44 -5.42
CA VAL B 84 -8.80 12.57 -6.27
C VAL B 84 -7.34 12.44 -6.67
N ILE B 85 -7.08 12.40 -7.97
CA ILE B 85 -5.73 12.41 -8.51
C ILE B 85 -5.50 13.77 -9.15
N THR B 86 -4.43 14.44 -8.73
CA THR B 86 -4.16 15.81 -9.18
C THR B 86 -2.75 15.89 -9.71
N GLY B 87 -2.57 16.65 -10.79
CA GLY B 87 -1.26 16.94 -11.31
C GLY B 87 -0.92 18.41 -11.19
N ASN B 88 0.12 18.73 -10.42
CA ASN B 88 0.48 20.11 -10.20
C ASN B 88 1.13 20.70 -11.45
N ASN B 89 0.32 21.26 -12.34
CA ASN B 89 0.79 21.88 -13.58
C ASN B 89 1.54 20.88 -14.46
N GLN B 90 1.17 19.61 -14.39
CA GLN B 90 1.76 18.57 -15.22
C GLN B 90 0.67 17.63 -15.72
N PRO B 91 0.83 17.09 -16.92
CA PRO B 91 -0.19 16.16 -17.45
C PRO B 91 -0.23 14.87 -16.66
N ILE B 92 -1.41 14.25 -16.64
CA ILE B 92 -1.62 12.95 -16.03
C ILE B 92 -1.81 11.95 -17.16
N VAL B 93 -0.86 11.03 -17.32
CA VAL B 93 -0.79 10.18 -18.49
C VAL B 93 -0.94 8.73 -18.06
N PHE B 94 -2.06 8.11 -18.43
CA PHE B 94 -2.18 6.67 -18.33
C PHE B 94 -1.44 6.02 -19.49
N GLN B 95 -1.25 4.71 -19.41
CA GLN B 95 -0.52 4.04 -20.47
C GLN B 95 -0.81 2.55 -20.42
N GLN B 96 -0.80 1.92 -21.61
CA GLN B 96 -0.82 0.48 -21.71
C GLN B 96 -0.22 0.14 -23.08
N GLY B 97 1.04 -0.29 -23.09
CA GLY B 97 1.73 -0.51 -24.34
C GLY B 97 1.78 0.75 -25.17
N THR B 98 0.98 0.79 -26.24
CA THR B 98 0.87 1.99 -27.06
C THR B 98 -0.37 2.82 -26.76
N THR B 99 -1.42 2.21 -26.21
CA THR B 99 -2.63 2.96 -25.89
C THR B 99 -2.37 3.96 -24.77
N LYS B 100 -2.92 5.15 -24.90
CA LYS B 100 -2.67 6.24 -23.98
C LYS B 100 -4.00 6.89 -23.57
N LEU B 101 -3.91 7.69 -22.52
CA LEU B 101 -5.02 8.55 -22.10
C LEU B 101 -4.37 9.67 -21.29
N SER B 102 -4.20 10.84 -21.91
CA SER B 102 -3.42 11.90 -21.31
C SER B 102 -4.31 13.10 -21.03
N VAL B 103 -4.42 13.47 -19.76
CA VAL B 103 -5.10 14.68 -19.35
C VAL B 103 -4.03 15.75 -19.22
N GLU B 104 -3.85 16.54 -20.28
CA GLU B 104 -2.91 17.64 -20.28
C GLU B 104 -3.63 18.91 -19.82
N LYS B 105 -2.96 20.05 -19.98
CA LYS B 105 -3.66 21.33 -19.93
C LYS B 105 -4.43 21.53 -21.23
N ASN B 106 -5.50 22.31 -21.14
CA ASN B 106 -6.47 22.45 -22.23
C ASN B 106 -6.97 21.09 -22.68
N LYS B 107 -6.24 20.45 -23.58
CA LYS B 107 -6.75 19.28 -24.28
C LYS B 107 -6.83 18.07 -23.35
N THR B 108 -7.52 17.03 -23.84
CA THR B 108 -7.67 15.75 -23.16
C THR B 108 -7.54 14.67 -24.22
N SER B 109 -6.32 14.19 -24.45
CA SER B 109 -6.03 13.40 -25.63
C SER B 109 -6.13 11.91 -25.34
N ILE B 110 -6.52 11.16 -26.38
CA ILE B 110 -6.53 9.70 -26.36
C ILE B 110 -5.81 9.22 -27.62
N THR B 111 -4.86 8.32 -27.47
CA THR B 111 -4.10 7.78 -28.58
C THR B 111 -4.23 6.26 -28.57
N SER B 112 -4.61 5.70 -29.72
CA SER B 112 -4.77 4.25 -29.84
C SER B 112 -4.89 3.90 -31.30
N ASP B 113 -4.72 2.61 -31.60
CA ASP B 113 -4.82 2.16 -32.99
C ASP B 113 -6.27 2.11 -33.46
N ILE B 114 -7.23 1.92 -32.54
CA ILE B 114 -8.64 1.87 -32.88
C ILE B 114 -9.36 3.14 -32.48
N GLY B 115 -9.41 3.42 -31.17
CA GLY B 115 -10.09 4.58 -30.65
C GLY B 115 -11.04 4.21 -29.53
N MET B 116 -11.65 5.24 -28.95
CA MET B 116 -12.53 5.05 -27.81
C MET B 116 -13.82 4.35 -28.23
N GLN B 117 -14.40 3.61 -27.30
CA GLN B 117 -15.66 2.90 -27.53
C GLN B 117 -16.45 2.89 -26.25
N PHE B 118 -17.73 3.24 -26.32
CA PHE B 118 -18.57 3.37 -25.14
C PHE B 118 -19.84 2.56 -25.34
N PHE B 119 -20.12 1.65 -24.41
CA PHE B 119 -21.30 0.81 -24.45
C PHE B 119 -21.91 0.71 -23.06
N ASP B 120 -23.23 0.59 -23.03
CA ASP B 120 -23.97 0.52 -21.77
C ASP B 120 -23.87 -0.88 -21.19
N PRO B 121 -23.41 -1.06 -19.96
CA PRO B 121 -23.32 -2.40 -19.38
C PRO B 121 -24.67 -3.08 -19.17
N ARG B 122 -25.75 -2.29 -19.05
CA ARG B 122 -27.06 -2.87 -18.81
C ARG B 122 -27.52 -3.73 -19.97
N THR B 123 -27.31 -3.26 -21.20
CA THR B 123 -27.75 -3.98 -22.39
C THR B 123 -26.60 -4.45 -23.27
N HIS B 124 -25.37 -4.03 -23.01
CA HIS B 124 -24.19 -4.51 -23.73
C HIS B 124 -24.29 -4.25 -25.23
N ASN B 125 -24.81 -3.08 -25.59
CA ASN B 125 -24.85 -2.63 -26.98
C ASN B 125 -23.97 -1.39 -27.11
N ILE B 126 -23.10 -1.39 -28.12
CA ILE B 126 -22.14 -0.31 -28.28
C ILE B 126 -22.87 0.96 -28.68
N LEU B 127 -23.01 1.89 -27.73
CA LEU B 127 -23.74 3.11 -28.01
C LEU B 127 -22.96 4.06 -28.91
N PHE B 128 -21.64 4.11 -28.76
CA PHE B 128 -20.85 5.01 -29.61
C PHE B 128 -19.44 4.44 -29.75
N SER B 129 -19.08 4.04 -30.96
CA SER B 129 -17.76 3.49 -31.22
C SER B 129 -17.03 4.36 -32.24
N THR B 130 -15.71 4.37 -32.14
CA THR B 130 -14.86 5.06 -33.09
C THR B 130 -14.37 4.15 -34.22
N ASP B 131 -14.64 2.84 -34.13
CA ASP B 131 -14.33 1.92 -35.22
C ASP B 131 -15.43 2.08 -36.28
N TYR B 132 -15.25 3.10 -37.13
CA TYR B 132 -16.30 3.48 -38.06
C TYR B 132 -16.58 2.40 -39.10
N GLU B 133 -15.55 1.65 -39.50
CA GLU B 133 -15.75 0.63 -40.52
C GLU B 133 -16.70 -0.46 -40.04
N THR B 134 -16.56 -0.90 -38.79
CA THR B 134 -17.43 -1.95 -38.27
C THR B 134 -18.75 -1.38 -37.76
N HIS B 135 -18.73 -0.20 -37.16
CA HIS B 135 -19.92 0.45 -36.63
C HIS B 135 -20.13 1.76 -37.38
N GLU B 136 -21.16 1.80 -38.21
CA GLU B 136 -21.45 3.01 -38.98
C GLU B 136 -21.87 4.14 -38.06
N PHE B 137 -21.70 5.37 -38.54
CA PHE B 137 -22.01 6.55 -37.77
C PHE B 137 -23.41 7.04 -38.09
N HIS B 138 -24.22 7.19 -37.06
CA HIS B 138 -25.57 7.72 -37.19
C HIS B 138 -25.60 9.18 -36.78
N LEU B 139 -26.35 9.99 -37.51
CA LEU B 139 -26.37 11.43 -37.26
C LEU B 139 -26.93 11.72 -35.87
N PRO B 140 -26.19 12.42 -35.01
CA PRO B 140 -26.74 12.76 -33.70
C PRO B 140 -27.71 13.91 -33.78
N SER B 141 -28.80 13.81 -33.01
CA SER B 141 -29.81 14.85 -32.99
C SER B 141 -29.24 16.13 -32.37
N GLY B 142 -29.79 17.26 -32.79
CA GLY B 142 -29.41 18.54 -32.25
C GLY B 142 -28.44 19.35 -33.10
N VAL B 143 -28.08 18.87 -34.28
CA VAL B 143 -27.15 19.59 -35.14
C VAL B 143 -27.90 20.73 -35.83
N LYS B 144 -27.34 21.93 -35.75
CA LYS B 144 -27.93 23.08 -36.43
C LYS B 144 -27.32 23.28 -37.81
N SER B 145 -26.02 23.00 -37.96
CA SER B 145 -25.33 23.18 -39.22
C SER B 145 -24.44 21.97 -39.48
N LEU B 146 -24.15 21.73 -40.75
CA LEU B 146 -23.33 20.60 -41.15
C LEU B 146 -22.28 21.06 -42.15
N ASN B 147 -21.11 20.44 -42.09
CA ASN B 147 -19.97 20.79 -42.94
C ASN B 147 -19.38 19.48 -43.47
N VAL B 148 -19.85 19.06 -44.65
CA VAL B 148 -19.41 17.82 -45.25
C VAL B 148 -18.65 18.13 -46.53
N GLN B 149 -17.82 17.17 -46.95
CA GLN B 149 -17.03 17.35 -48.16
C GLN B 149 -17.86 17.19 -49.43
N LYS B 150 -18.93 16.40 -49.38
CA LYS B 150 -19.74 16.14 -50.56
C LYS B 150 -21.10 15.64 -50.10
N ALA B 151 -22.17 16.29 -50.52
CA ALA B 151 -23.53 15.94 -50.13
C ALA B 151 -24.23 15.28 -51.31
N SER B 152 -24.50 13.99 -51.20
CA SER B 152 -25.17 13.25 -52.27
C SER B 152 -26.67 13.19 -52.00
N THR B 153 -27.28 14.37 -51.89
CA THR B 153 -28.70 14.47 -51.59
C THR B 153 -29.53 14.26 -52.85
N GLU B 154 -30.82 14.56 -52.77
CA GLU B 154 -31.72 14.43 -53.90
C GLU B 154 -32.55 15.68 -54.17
N ARG B 155 -32.80 16.52 -53.17
CA ARG B 155 -33.57 17.74 -53.33
C ARG B 155 -33.38 18.60 -52.10
N ILE B 156 -33.20 19.90 -52.30
CA ILE B 156 -32.97 20.84 -51.22
C ILE B 156 -34.13 21.83 -51.18
N THR B 157 -34.74 21.99 -50.02
CA THR B 157 -35.92 22.82 -49.86
C THR B 157 -35.73 23.75 -48.68
N SER B 158 -36.39 24.91 -48.75
CA SER B 158 -36.42 25.82 -47.62
C SER B 158 -37.65 25.55 -46.78
N ASN B 159 -37.79 26.27 -45.68
CA ASN B 159 -38.97 26.11 -44.85
C ASN B 159 -40.20 26.63 -45.58
N ALA B 160 -41.38 26.41 -44.99
CA ALA B 160 -42.62 26.81 -45.63
C ALA B 160 -42.74 28.33 -45.78
N THR B 161 -41.96 29.09 -45.02
CA THR B 161 -42.05 30.55 -45.06
C THR B 161 -40.67 31.18 -45.03
N SER B 162 -39.76 30.66 -45.85
CA SER B 162 -38.41 31.22 -45.90
C SER B 162 -37.81 31.02 -47.28
N ASP B 163 -36.81 31.85 -47.58
CA ASP B 163 -36.09 31.77 -48.84
C ASP B 163 -35.08 30.63 -48.79
N LEU B 164 -34.41 30.40 -49.93
CA LEU B 164 -33.29 29.46 -50.00
C LEU B 164 -32.09 30.25 -50.50
N ASN B 165 -31.30 30.77 -49.56
CA ASN B 165 -30.14 31.57 -49.92
C ASN B 165 -28.96 30.67 -50.24
N ILE B 166 -28.31 30.93 -51.37
CA ILE B 166 -27.12 30.20 -51.80
C ILE B 166 -25.99 31.22 -51.89
N LYS B 167 -25.13 31.25 -50.88
CA LYS B 167 -24.07 32.24 -50.79
C LYS B 167 -22.72 31.55 -50.93
N VAL B 168 -21.92 32.02 -51.89
CA VAL B 168 -20.57 31.54 -52.10
C VAL B 168 -19.64 32.74 -52.22
N ASP B 169 -18.34 32.46 -52.27
CA ASP B 169 -17.34 33.51 -52.43
C ASP B 169 -16.60 33.44 -53.77
N GLY B 170 -16.56 32.27 -54.41
CA GLY B 170 -15.92 32.16 -55.70
C GLY B 170 -16.93 32.08 -56.82
N ARG B 171 -16.82 31.05 -57.65
CA ARG B 171 -17.77 30.83 -58.73
C ARG B 171 -18.74 29.73 -58.36
N ALA B 172 -19.93 29.79 -58.94
CA ALA B 172 -20.93 28.75 -58.80
C ALA B 172 -21.13 28.07 -60.15
N ILE B 173 -20.98 26.75 -60.18
CA ILE B 173 -21.06 25.98 -61.41
C ILE B 173 -22.29 25.08 -61.32
N VAL B 174 -23.19 25.21 -62.27
CA VAL B 174 -24.41 24.42 -62.33
C VAL B 174 -24.39 23.59 -63.60
N ARG B 175 -24.62 22.28 -63.46
CA ARG B 175 -24.49 21.36 -64.59
C ARG B 175 -25.64 20.36 -64.55
N GLY B 176 -26.66 20.61 -65.36
CA GLY B 176 -27.70 19.63 -65.55
C GLY B 176 -27.45 18.82 -66.80
N ASN B 177 -27.17 17.53 -66.65
CA ASN B 177 -26.72 16.72 -67.78
C ASN B 177 -27.81 16.44 -68.79
N GLU B 178 -29.07 16.76 -68.50
CA GLU B 178 -30.14 16.58 -69.46
C GLU B 178 -31.02 17.83 -69.55
N GLY B 179 -30.53 18.97 -69.12
CA GLY B 179 -31.27 20.22 -69.23
C GLY B 179 -31.39 20.90 -67.88
N VAL B 180 -31.41 22.24 -67.91
CA VAL B 180 -31.61 23.05 -66.72
C VAL B 180 -32.89 23.84 -66.90
N PHE B 181 -33.84 23.64 -65.99
CA PHE B 181 -35.13 24.29 -66.04
C PHE B 181 -35.25 25.28 -64.89
N ILE B 182 -35.73 26.49 -65.20
CA ILE B 182 -35.91 27.55 -64.22
C ILE B 182 -37.33 28.06 -64.35
N MET B 183 -38.03 28.14 -63.22
CA MET B 183 -39.37 28.70 -63.19
C MET B 183 -39.45 29.75 -62.09
N GLY B 184 -40.53 30.52 -62.10
CA GLY B 184 -40.71 31.55 -61.10
C GLY B 184 -41.71 32.59 -61.59
N LYS B 185 -41.60 33.78 -60.99
CA LYS B 185 -42.43 34.90 -61.38
C LYS B 185 -41.63 36.00 -62.07
N THR B 186 -40.52 36.43 -61.47
CA THR B 186 -39.62 37.39 -62.09
C THR B 186 -38.20 36.84 -61.99
N ILE B 187 -37.65 36.42 -63.12
CA ILE B 187 -36.27 35.93 -63.18
C ILE B 187 -35.36 37.11 -63.50
N GLU B 188 -34.34 37.31 -62.67
CA GLU B 188 -33.42 38.42 -62.84
C GLU B 188 -31.99 37.90 -62.87
N PHE B 189 -31.13 38.61 -63.58
CA PHE B 189 -29.70 38.28 -63.68
C PHE B 189 -28.93 39.59 -63.52
N HIS B 190 -28.58 39.93 -62.29
CA HIS B 190 -27.87 41.17 -61.98
C HIS B 190 -26.36 40.97 -62.19
N MET B 191 -26.00 40.62 -63.41
CA MET B 191 -24.61 40.34 -63.75
C MET B 191 -23.80 41.62 -63.75
N GLY B 192 -22.68 41.61 -63.04
CA GLY B 192 -21.79 42.75 -63.02
C GLY B 192 -20.81 42.83 -64.18
N GLY B 193 -20.72 41.78 -64.98
CA GLY B 193 -19.82 41.75 -66.12
C GLY B 193 -20.52 41.51 -67.43
N ASP B 194 -20.19 40.41 -68.09
CA ASP B 194 -20.78 40.05 -69.37
C ASP B 194 -21.82 38.96 -69.20
N VAL B 195 -22.82 38.98 -70.08
CA VAL B 195 -23.83 37.94 -70.17
C VAL B 195 -23.66 37.27 -71.53
N GLU B 196 -23.38 35.97 -71.53
CA GLU B 196 -23.03 35.25 -72.75
C GLU B 196 -23.90 34.01 -72.87
N LEU B 197 -24.96 34.10 -73.67
CA LEU B 197 -25.79 32.96 -74.00
C LEU B 197 -25.22 32.32 -75.27
N LYS B 198 -24.67 31.11 -75.14
CA LYS B 198 -23.99 30.44 -76.24
C LYS B 198 -24.67 29.09 -76.47
N ALA B 199 -25.72 29.10 -77.27
CA ALA B 199 -26.41 27.87 -77.65
C ALA B 199 -25.69 27.22 -78.83
N GLU B 200 -26.30 26.20 -79.42
CA GLU B 200 -25.74 25.56 -80.60
C GLU B 200 -26.73 25.32 -81.73
N ASN B 201 -28.02 25.43 -81.49
CA ASN B 201 -29.01 25.29 -82.55
C ASN B 201 -29.87 26.54 -82.72
N SER B 202 -30.42 27.07 -81.63
CA SER B 202 -31.28 28.23 -81.74
C SER B 202 -31.47 28.85 -80.37
N ILE B 203 -31.80 30.15 -80.37
CA ILE B 203 -32.23 30.86 -79.18
C ILE B 203 -33.63 31.38 -79.46
N ILE B 204 -34.58 31.02 -78.60
CA ILE B 204 -35.97 31.40 -78.82
C ILE B 204 -36.38 32.45 -77.81
N LEU B 205 -36.26 33.73 -78.18
CA LEU B 205 -36.63 34.83 -77.32
C LEU B 205 -38.13 35.05 -77.37
N ASN B 206 -38.85 34.10 -76.78
CA ASN B 206 -40.30 34.14 -76.75
C ASN B 206 -40.77 35.32 -75.89
N GLY B 207 -41.99 35.78 -76.18
CA GLY B 207 -42.59 36.86 -75.44
C GLY B 207 -42.17 38.23 -75.94
N THR B 208 -42.80 39.26 -75.36
CA THR B 208 -42.50 40.63 -75.74
C THR B 208 -41.07 40.98 -75.37
N VAL B 209 -40.35 41.62 -76.28
CA VAL B 209 -38.95 41.95 -76.10
C VAL B 209 -38.80 43.46 -75.98
N MET B 210 -38.01 43.90 -75.02
CA MET B 210 -37.73 45.31 -74.79
C MET B 210 -36.23 45.54 -74.76
N VAL B 211 -35.83 46.80 -74.79
CA VAL B 211 -34.42 47.16 -74.74
C VAL B 211 -34.29 48.57 -74.20
N SER B 212 -33.24 48.82 -73.45
CA SER B 212 -33.02 50.13 -72.85
C SER B 212 -32.55 51.12 -73.90
N PRO B 213 -33.28 52.22 -74.13
CA PRO B 213 -32.86 53.17 -75.17
C PRO B 213 -31.81 54.14 -74.68
N THR B 214 -31.81 54.42 -73.38
CA THR B 214 -30.89 55.41 -72.82
C THR B 214 -29.45 54.90 -72.72
N ARG B 215 -29.22 53.60 -72.84
CA ARG B 215 -27.88 53.04 -72.81
C ARG B 215 -27.39 52.54 -74.15
N LEU B 216 -28.29 52.11 -75.03
CA LEU B 216 -27.90 51.70 -76.36
C LEU B 216 -27.37 52.90 -77.14
N PRO B 217 -26.42 52.68 -78.06
CA PRO B 217 -25.95 53.80 -78.89
C PRO B 217 -27.00 54.24 -79.88
N SER B 218 -27.61 55.40 -79.64
CA SER B 218 -28.68 55.93 -80.49
C SER B 218 -28.13 57.07 -81.32
N SER B 219 -28.39 57.03 -82.63
CA SER B 219 -27.92 58.07 -83.52
C SER B 219 -28.61 59.40 -83.23
N SER B 220 -27.86 60.48 -83.35
CA SER B 220 -28.39 61.82 -83.16
C SER B 220 -28.55 62.52 -84.51
N SER B 221 -29.38 63.54 -84.53
CA SER B 221 -29.67 64.30 -85.75
C SER B 221 -28.65 65.42 -85.89
N GLY B 222 -27.84 65.37 -86.94
CA GLY B 222 -26.84 66.39 -87.17
C GLY B 222 -25.42 65.87 -87.12
N ASP B 223 -25.23 64.59 -87.42
CA ASP B 223 -23.92 63.95 -87.43
C ASP B 223 -23.68 63.26 -88.76
N GLN B 224 -23.95 63.97 -89.85
CA GLN B 224 -23.68 63.49 -91.20
C GLN B 224 -22.24 63.75 -91.64
N SER B 225 -21.32 63.93 -90.68
CA SER B 225 -19.94 64.25 -91.03
C SER B 225 -19.29 63.13 -91.85
N GLY B 226 -19.52 61.89 -91.46
CA GLY B 226 -18.90 60.78 -92.16
C GLY B 226 -19.45 60.58 -93.56
N SER B 227 -18.66 60.96 -94.57
CA SER B 227 -19.08 60.79 -95.95
C SER B 227 -18.94 59.34 -96.41
N GLY B 228 -17.89 58.65 -95.97
CA GLY B 228 -17.67 57.27 -96.35
C GLY B 228 -18.77 56.35 -95.89
N ASP B 229 -19.36 55.62 -96.83
CA ASP B 229 -20.45 54.69 -96.52
C ASP B 229 -19.82 53.36 -96.09
N TRP B 230 -19.60 53.23 -94.79
CA TRP B 230 -19.06 52.00 -94.24
C TRP B 230 -20.08 50.88 -94.34
N VAL B 231 -19.60 49.64 -94.23
CA VAL B 231 -20.48 48.49 -94.31
C VAL B 231 -21.40 48.47 -93.10
N ARG B 232 -22.70 48.30 -93.34
CA ARG B 232 -23.70 48.28 -92.29
C ARG B 232 -24.84 47.38 -92.73
N TYR B 233 -25.67 46.99 -91.77
CA TYR B 233 -26.79 46.11 -92.06
C TYR B 233 -28.02 46.57 -91.30
N LYS B 234 -29.17 46.19 -91.83
CA LYS B 234 -30.47 46.42 -91.19
C LYS B 234 -31.09 45.07 -90.89
N LEU B 235 -31.63 44.92 -89.68
CA LEU B 235 -32.21 43.65 -89.26
C LEU B 235 -33.51 43.39 -90.00
N CYS B 236 -33.92 42.12 -90.00
CA CYS B 236 -35.14 41.72 -90.69
C CYS B 236 -35.69 40.45 -90.05
N MET B 237 -37.01 40.40 -89.96
CA MET B 237 -37.76 39.39 -89.22
C MET B 237 -38.53 38.54 -90.22
N CYS B 238 -38.12 37.29 -90.40
CA CYS B 238 -38.80 36.41 -91.34
C CYS B 238 -40.14 35.97 -90.76
N ALA B 239 -40.91 35.26 -91.57
CA ALA B 239 -42.26 34.85 -91.15
C ALA B 239 -42.20 33.83 -90.02
N ASP B 240 -41.32 32.83 -90.13
CA ASP B 240 -41.27 31.79 -89.12
C ASP B 240 -40.71 32.31 -87.80
N GLY B 241 -39.76 33.24 -87.87
CA GLY B 241 -39.18 33.80 -86.67
C GLY B 241 -37.70 34.11 -86.78
N THR B 242 -37.03 33.51 -87.76
CA THR B 242 -35.60 33.69 -87.89
C THR B 242 -35.25 35.13 -88.21
N LEU B 243 -34.09 35.57 -87.72
CA LEU B 243 -33.57 36.91 -87.98
C LEU B 243 -32.51 36.85 -89.06
N PHE B 244 -32.47 37.90 -89.88
CA PHE B 244 -31.41 38.01 -90.89
C PHE B 244 -31.17 39.47 -91.21
N LYS B 245 -29.91 39.80 -91.48
CA LYS B 245 -29.53 41.17 -91.79
C LYS B 245 -29.37 41.38 -93.28
N VAL B 246 -29.63 42.60 -93.73
CA VAL B 246 -29.53 42.97 -95.14
C VAL B 246 -28.64 44.19 -95.27
N GLN B 247 -27.78 44.19 -96.28
CA GLN B 247 -26.86 45.29 -96.51
C GLN B 247 -27.61 46.55 -96.92
N VAL B 248 -27.17 47.69 -96.40
CA VAL B 248 -27.75 48.98 -96.72
C VAL B 248 -26.85 49.70 -97.71
N THR B 249 -27.42 50.15 -98.83
CA THR B 249 -26.66 50.83 -99.87
C THR B 249 -27.11 52.26 -100.07
N GLY B 250 -28.40 52.49 -100.29
CA GLY B 250 -28.90 53.83 -100.55
C GLY B 250 -29.72 54.38 -99.40
N HIS B 251 -30.89 54.95 -99.72
CA HIS B 251 -31.76 55.54 -98.73
C HIS B 251 -33.19 55.10 -99.00
N ASN B 252 -34.01 55.11 -97.93
CA ASN B 252 -35.42 54.75 -98.00
C ASN B 252 -35.60 53.33 -98.55
N MET B 253 -35.04 52.37 -97.82
CA MET B 253 -35.13 50.96 -98.17
C MET B 253 -35.52 50.16 -96.94
N GLY B 254 -36.16 49.02 -97.18
CA GLY B 254 -36.66 48.22 -96.09
C GLY B 254 -36.29 46.74 -96.14
N CYS B 255 -37.29 45.87 -96.06
CA CYS B 255 -37.07 44.44 -95.97
C CYS B 255 -37.59 43.68 -97.19
N GLN B 256 -37.30 44.17 -98.38
CA GLN B 256 -37.65 43.48 -99.61
C GLN B 256 -36.41 42.73 -100.11
N VAL B 257 -36.50 41.41 -100.17
CA VAL B 257 -35.38 40.57 -100.57
C VAL B 257 -35.86 39.53 -101.57
N SER B 258 -35.09 39.33 -102.63
CA SER B 258 -35.47 38.34 -103.64
C SER B 258 -35.24 36.92 -103.14
N ASP B 259 -34.13 36.68 -102.45
CA ASP B 259 -33.78 35.34 -102.02
C ASP B 259 -34.59 34.94 -100.79
N ASN B 260 -34.40 33.69 -100.35
CA ASN B 260 -35.08 33.15 -99.18
C ASN B 260 -34.02 32.85 -98.12
N PRO B 261 -33.81 33.73 -97.16
CA PRO B 261 -32.72 33.52 -96.19
C PRO B 261 -33.11 32.63 -95.01
N CYS B 262 -34.40 32.65 -94.64
CA CYS B 262 -34.86 31.95 -93.45
C CYS B 262 -35.32 30.52 -93.75
N GLY B 263 -34.77 29.90 -94.79
CA GLY B 263 -35.10 28.52 -95.13
C GLY B 263 -36.56 28.32 -95.52
N LEU C 1 16.03 10.38 112.53
CA LEU C 1 15.69 9.22 113.34
C LEU C 1 16.94 8.53 113.88
N SER C 2 16.82 7.94 115.08
CA SER C 2 17.97 7.24 115.66
C SER C 2 18.38 6.05 114.80
N THR C 3 17.41 5.28 114.31
CA THR C 3 17.73 4.19 113.40
C THR C 3 18.34 4.72 112.11
N TYR C 4 17.78 5.82 111.58
CA TYR C 4 18.34 6.43 110.38
C TYR C 4 19.75 6.94 110.63
N ARG C 5 19.99 7.54 111.80
CA ARG C 5 21.33 8.03 112.12
C ARG C 5 22.32 6.87 112.23
N THR C 6 21.91 5.77 112.87
CA THR C 6 22.78 4.61 112.98
C THR C 6 23.08 4.01 111.60
N ALA C 7 22.06 3.92 110.74
CA ALA C 7 22.27 3.40 109.40
C ALA C 7 23.21 4.30 108.61
N CYS C 8 23.06 5.62 108.72
CA CYS C 8 23.95 6.54 108.03
C CYS C 8 25.38 6.41 108.53
N LYS C 9 25.56 6.28 109.85
CA LYS C 9 26.90 6.12 110.40
C LYS C 9 27.53 4.82 109.91
N LEU C 10 26.75 3.73 109.90
CA LEU C 10 27.27 2.45 109.40
C LEU C 10 27.65 2.54 107.93
N ARG C 11 26.82 3.21 107.13
CA ARG C 11 27.12 3.37 105.71
C ARG C 11 28.39 4.19 105.51
N PHE C 12 28.54 5.27 106.27
CA PHE C 12 29.75 6.09 106.17
C PHE C 12 30.99 5.30 106.57
N VAL C 13 30.89 4.50 107.63
CA VAL C 13 32.01 3.68 108.07
C VAL C 13 32.37 2.66 107.00
N GLN C 14 31.35 2.01 106.41
CA GLN C 14 31.61 1.02 105.37
C GLN C 14 32.24 1.66 104.14
N LYS C 15 31.77 2.85 103.75
CA LYS C 15 32.36 3.55 102.62
C LYS C 15 33.81 3.94 102.90
N LYS C 16 34.09 4.41 104.11
CA LYS C 16 35.46 4.77 104.47
C LYS C 16 36.37 3.54 104.46
N CYS C 17 35.89 2.41 104.97
CA CYS C 17 36.68 1.20 105.05
C CYS C 17 36.49 0.28 103.85
N ASN C 18 35.66 0.66 102.88
CA ASN C 18 35.39 -0.15 101.69
C ASN C 18 34.85 -1.53 102.05
N LEU C 19 34.12 -1.62 103.17
CA LEU C 19 33.58 -2.91 103.60
C LEU C 19 32.51 -3.42 102.65
N HIS C 20 31.74 -2.51 102.04
CA HIS C 20 30.71 -2.92 101.10
C HIS C 20 31.27 -3.50 99.82
N LEU C 21 32.57 -3.30 99.56
CA LEU C 21 33.19 -3.82 98.35
C LEU C 21 33.65 -5.27 98.50
N VAL C 22 33.61 -5.83 99.70
CA VAL C 22 34.05 -7.19 99.95
C VAL C 22 32.82 -8.10 100.02
N ASP C 23 32.79 -9.11 99.18
CA ASP C 23 31.68 -10.05 99.17
C ASP C 23 31.85 -11.08 100.27
N ILE C 24 30.73 -11.73 100.61
CA ILE C 24 30.75 -12.77 101.65
C ILE C 24 31.53 -13.98 101.17
N TRP C 25 31.64 -14.18 99.86
CA TRP C 25 32.39 -15.31 99.33
C TRP C 25 33.86 -15.19 99.68
N ASN C 26 34.43 -13.99 99.56
CA ASN C 26 35.80 -13.77 100.00
C ASN C 26 35.94 -14.06 101.48
N VAL C 27 34.91 -13.71 102.27
CA VAL C 27 34.96 -13.92 103.71
C VAL C 27 35.01 -15.42 104.03
N ILE C 28 34.13 -16.20 103.42
CA ILE C 28 34.10 -17.63 103.71
C ILE C 28 35.37 -18.30 103.18
N GLU C 29 35.88 -17.84 102.04
CA GLU C 29 37.14 -18.39 101.54
C GLU C 29 38.28 -18.11 102.51
N ALA C 30 38.35 -16.90 103.06
CA ALA C 30 39.39 -16.58 104.03
C ALA C 30 39.22 -17.41 105.30
N LEU C 31 37.98 -17.60 105.75
CA LEU C 31 37.73 -18.40 106.94
C LEU C 31 38.17 -19.85 106.73
N ARG C 32 37.87 -20.41 105.55
CA ARG C 32 38.33 -21.75 105.24
C ARG C 32 39.84 -21.83 105.17
N GLU C 33 40.47 -20.78 104.61
CA GLU C 33 41.93 -20.74 104.57
C GLU C 33 42.51 -20.70 105.98
N ASN C 34 41.89 -19.93 106.87
CA ASN C 34 42.33 -19.86 108.26
C ASN C 34 41.74 -20.96 109.12
N ALA C 35 40.94 -21.85 108.54
CA ALA C 35 40.29 -22.98 109.22
C ALA C 35 39.36 -22.54 110.33
N LEU C 36 38.98 -21.26 110.38
CA LEU C 36 38.05 -20.80 111.39
C LEU C 36 36.62 -21.26 111.12
N ASN C 37 36.29 -21.57 109.85
CA ASN C 37 34.95 -22.04 109.54
C ASN C 37 34.65 -23.37 110.22
N ASN C 38 35.63 -24.28 110.22
CA ASN C 38 35.45 -25.56 110.89
C ASN C 38 35.52 -25.43 112.40
N LEU C 39 36.14 -24.37 112.92
CA LEU C 39 36.25 -24.18 114.35
C LEU C 39 34.90 -23.83 114.95
N ASP C 40 34.72 -24.17 116.22
CA ASP C 40 33.48 -23.89 116.91
C ASP C 40 33.33 -22.38 117.11
N PRO C 41 32.11 -21.84 116.97
CA PRO C 41 31.93 -20.39 117.22
C PRO C 41 32.28 -19.97 118.62
N ASN C 42 32.08 -20.84 119.62
CA ASN C 42 32.39 -20.50 120.99
C ASN C 42 33.88 -20.38 121.26
N ILE C 43 34.72 -20.88 120.35
CA ILE C 43 36.17 -20.81 120.54
C ILE C 43 36.64 -19.40 120.20
N GLU C 44 37.29 -18.75 121.16
CA GLU C 44 37.81 -17.40 120.95
C GLU C 44 39.15 -17.46 120.23
N LEU C 45 39.57 -16.31 119.71
CA LEU C 45 40.84 -16.18 119.01
C LEU C 45 41.56 -14.93 119.48
N ASN C 46 42.89 -14.96 119.38
CA ASN C 46 43.70 -13.82 119.77
C ASN C 46 43.59 -12.72 118.72
N VAL C 47 44.10 -11.54 119.10
CA VAL C 47 44.09 -10.40 118.17
C VAL C 47 44.97 -10.69 116.96
N ALA C 48 46.01 -11.50 117.13
CA ALA C 48 46.89 -11.82 116.01
C ALA C 48 46.14 -12.58 114.91
N ARG C 49 45.32 -13.55 115.29
CA ARG C 49 44.57 -14.31 114.29
C ARG C 49 43.59 -13.43 113.54
N LEU C 50 42.86 -12.57 114.26
CA LEU C 50 41.92 -11.67 113.61
C LEU C 50 42.63 -10.70 112.68
N GLU C 51 43.78 -10.17 113.13
CA GLU C 51 44.55 -9.26 112.28
C GLU C 51 45.04 -9.97 111.03
N ALA C 52 45.52 -11.22 111.17
CA ALA C 52 45.96 -11.97 110.00
C ALA C 52 44.82 -12.23 109.03
N VAL C 53 43.64 -12.59 109.56
CA VAL C 53 42.49 -12.85 108.69
C VAL C 53 42.09 -11.58 107.95
N LEU C 54 42.04 -10.45 108.67
CA LEU C 54 41.68 -9.19 108.04
C LEU C 54 42.71 -8.79 106.98
N SER C 55 43.99 -8.98 107.27
CA SER C 55 45.03 -8.64 106.30
C SER C 55 44.93 -9.52 105.06
N THR C 56 44.66 -10.82 105.25
CA THR C 56 44.50 -11.71 104.11
C THR C 56 43.30 -11.31 103.26
N ILE C 57 42.18 -10.98 103.91
CA ILE C 57 41.00 -10.56 103.17
C ILE C 57 41.27 -9.27 102.39
N PHE C 58 41.93 -8.31 103.02
CA PHE C 58 42.27 -7.08 102.33
C PHE C 58 43.21 -7.33 101.16
N TYR C 59 44.20 -8.22 101.35
CA TYR C 59 45.14 -8.51 100.28
C TYR C 59 44.46 -9.17 99.09
N GLN C 60 43.59 -10.14 99.35
CA GLN C 60 42.90 -10.79 98.22
C GLN C 60 41.91 -9.83 97.56
N LEU C 61 41.31 -8.93 98.33
CA LEU C 61 40.43 -7.93 97.72
C LEU C 61 41.21 -6.97 96.83
N ASN C 62 42.38 -6.52 97.30
CA ASN C 62 43.17 -5.57 96.53
C ASN C 62 43.90 -6.19 95.36
N LYS C 63 44.19 -7.50 95.42
CA LYS C 63 44.89 -8.14 94.31
C LYS C 63 44.06 -8.11 93.04
N ARG C 64 42.74 -8.16 93.16
CA ARG C 64 41.83 -8.03 92.03
C ARG C 64 41.32 -6.62 91.84
N MET C 65 41.85 -5.65 92.59
CA MET C 65 41.42 -4.27 92.53
C MET C 65 42.36 -3.50 91.62
N PRO C 66 41.86 -2.83 90.58
CA PRO C 66 42.75 -2.16 89.63
C PRO C 66 43.64 -1.12 90.32
N THR C 67 44.86 -0.98 89.79
CA THR C 67 45.79 0.03 90.30
C THR C 67 45.32 1.45 89.98
N THR C 68 44.19 1.61 89.29
CA THR C 68 43.65 2.93 89.02
C THR C 68 43.42 3.72 90.30
N HIS C 69 43.08 3.04 91.39
CA HIS C 69 42.89 3.68 92.69
C HIS C 69 43.64 2.85 93.73
N GLN C 70 44.84 3.32 94.09
CA GLN C 70 45.60 2.66 95.14
C GLN C 70 44.90 2.85 96.48
N ILE C 71 44.95 1.82 97.32
CA ILE C 71 44.25 1.81 98.61
C ILE C 71 45.28 1.72 99.71
N HIS C 72 45.08 2.51 100.77
CA HIS C 72 45.95 2.44 101.94
C HIS C 72 45.66 1.18 102.73
N VAL C 73 46.35 0.09 102.38
CA VAL C 73 46.08 -1.21 102.99
C VAL C 73 46.36 -1.18 104.48
N GLU C 74 47.49 -0.59 104.87
CA GLU C 74 47.86 -0.57 106.29
C GLU C 74 46.88 0.25 107.11
N GLN C 75 46.54 1.45 106.62
CA GLN C 75 45.62 2.31 107.36
C GLN C 75 44.23 1.68 107.45
N SER C 76 43.74 1.11 106.34
CA SER C 76 42.44 0.47 106.35
C SER C 76 42.43 -0.73 107.29
N ILE C 77 43.50 -1.52 107.29
CA ILE C 77 43.58 -2.68 108.18
C ILE C 77 43.58 -2.24 109.63
N SER C 78 44.35 -1.21 109.96
CA SER C 78 44.40 -0.71 111.33
C SER C 78 43.04 -0.19 111.77
N LEU C 79 42.36 0.56 110.90
CA LEU C 79 41.05 1.07 111.24
C LEU C 79 40.04 -0.06 111.44
N LEU C 80 40.09 -1.08 110.57
CA LEU C 80 39.18 -2.20 110.71
C LEU C 80 39.44 -2.98 111.99
N LEU C 81 40.72 -3.18 112.33
CA LEU C 81 41.05 -3.87 113.57
C LEU C 81 40.59 -3.08 114.79
N ASN C 82 40.78 -1.76 114.77
CA ASN C 82 40.31 -0.93 115.89
C ASN C 82 38.79 -0.99 116.01
N PHE C 83 38.08 -0.92 114.88
CA PHE C 83 36.63 -0.99 114.91
C PHE C 83 36.15 -2.34 115.44
N LEU C 84 36.78 -3.43 114.99
CA LEU C 84 36.40 -4.76 115.47
C LEU C 84 36.67 -4.90 116.96
N LEU C 85 37.81 -4.38 117.43
CA LEU C 85 38.11 -4.44 118.85
C LEU C 85 37.10 -3.64 119.67
N ALA C 86 36.74 -2.45 119.19
CA ALA C 86 35.76 -1.64 119.90
C ALA C 86 34.39 -2.30 119.92
N ALA C 87 33.99 -2.92 118.82
CA ALA C 87 32.65 -3.51 118.74
C ALA C 87 32.56 -4.81 119.55
N PHE C 88 33.61 -5.62 119.52
CA PHE C 88 33.58 -6.94 120.14
C PHE C 88 34.15 -6.96 121.55
N ASP C 89 35.22 -6.20 121.81
CA ASP C 89 35.91 -6.22 123.10
C ASP C 89 36.05 -4.80 123.61
N PRO C 90 34.97 -4.22 124.13
CA PRO C 90 35.07 -2.86 124.71
C PRO C 90 36.04 -2.80 125.88
N GLU C 91 36.18 -3.89 126.64
CA GLU C 91 37.10 -3.92 127.77
C GLU C 91 38.56 -4.03 127.35
N GLY C 92 38.84 -4.33 126.08
CA GLY C 92 40.21 -4.46 125.64
C GLY C 92 40.91 -5.72 126.08
N HIS C 93 40.17 -6.82 126.24
CA HIS C 93 40.77 -8.08 126.67
C HIS C 93 41.71 -8.67 125.63
N GLY C 94 41.52 -8.33 124.35
CA GLY C 94 42.36 -8.83 123.29
C GLY C 94 41.91 -10.13 122.67
N LYS C 95 40.83 -10.73 123.16
CA LYS C 95 40.29 -11.97 122.62
C LYS C 95 38.95 -11.70 121.97
N ILE C 96 38.76 -12.23 120.76
CA ILE C 96 37.54 -12.01 119.99
C ILE C 96 36.85 -13.35 119.77
N SER C 97 35.55 -13.39 120.04
CA SER C 97 34.78 -14.59 119.82
C SER C 97 34.60 -14.86 118.33
N VAL C 98 34.54 -16.14 117.96
CA VAL C 98 34.40 -16.52 116.57
C VAL C 98 33.01 -16.17 116.05
N PHE C 99 31.98 -16.41 116.86
CA PHE C 99 30.61 -16.14 116.41
C PHE C 99 30.39 -14.66 116.17
N ALA C 100 30.88 -13.81 117.08
CA ALA C 100 30.72 -12.37 116.91
C ALA C 100 31.46 -11.88 115.67
N VAL C 101 32.68 -12.39 115.45
CA VAL C 101 33.44 -11.99 114.27
C VAL C 101 32.72 -12.42 112.99
N LYS C 102 32.18 -13.64 112.98
CA LYS C 102 31.45 -14.12 111.82
C LYS C 102 30.22 -13.27 111.55
N MET C 103 29.47 -12.93 112.59
CA MET C 103 28.28 -12.09 112.42
C MET C 103 28.66 -10.71 111.90
N ALA C 104 29.72 -10.11 112.45
CA ALA C 104 30.16 -8.81 112.00
C ALA C 104 30.61 -8.85 110.54
N LEU C 105 31.33 -9.90 110.15
CA LEU C 105 31.78 -10.03 108.77
C LEU C 105 30.58 -10.20 107.84
N ALA C 106 29.60 -11.00 108.24
CA ALA C 106 28.40 -11.17 107.41
C ALA C 106 27.65 -9.86 107.26
N THR C 107 27.55 -9.08 108.34
CA THR C 107 26.82 -7.82 108.27
C THR C 107 27.56 -6.80 107.41
N LEU C 108 28.88 -6.68 107.58
CA LEU C 108 29.64 -5.64 106.91
C LEU C 108 29.98 -5.98 105.46
N CYS C 109 29.86 -7.24 105.07
CA CYS C 109 30.19 -7.64 103.70
C CYS C 109 29.09 -7.19 102.75
N GLY C 110 29.49 -6.55 101.65
CA GLY C 110 28.54 -6.14 100.65
C GLY C 110 28.13 -7.28 99.73
N GLY C 111 27.09 -7.02 98.95
CA GLY C 111 26.56 -7.99 98.02
C GLY C 111 25.05 -8.03 98.08
N LYS C 112 24.48 -9.09 97.53
CA LYS C 112 23.03 -9.24 97.52
C LYS C 112 22.51 -9.47 98.93
N ILE C 113 21.40 -8.80 99.26
CA ILE C 113 20.81 -8.95 100.59
C ILE C 113 20.21 -10.35 100.74
N MET C 114 19.62 -10.88 99.68
CA MET C 114 19.02 -12.21 99.74
C MET C 114 20.09 -13.26 100.01
N ASP C 115 21.25 -13.14 99.36
CA ASP C 115 22.33 -14.10 99.59
C ASP C 115 22.82 -14.02 101.02
N LYS C 116 22.97 -12.81 101.57
CA LYS C 116 23.40 -12.67 102.95
C LYS C 116 22.38 -13.27 103.90
N LEU C 117 21.09 -13.04 103.64
CA LEU C 117 20.04 -13.61 104.48
C LEU C 117 20.07 -15.13 104.42
N ARG C 118 20.24 -15.69 103.23
CA ARG C 118 20.32 -17.14 103.10
C ARG C 118 21.52 -17.71 103.86
N TYR C 119 22.68 -17.04 103.75
CA TYR C 119 23.86 -17.50 104.46
C TYR C 119 23.64 -17.43 105.98
N ILE C 120 23.02 -16.36 106.46
CA ILE C 120 22.76 -16.22 107.89
C ILE C 120 21.80 -17.30 108.36
N PHE C 121 20.76 -17.58 107.57
CA PHE C 121 19.82 -18.64 107.94
C PHE C 121 20.50 -20.00 107.97
N SER C 122 21.36 -20.28 106.98
CA SER C 122 22.08 -21.54 106.96
C SER C 122 23.00 -21.68 108.16
N MET C 123 23.69 -20.61 108.52
CA MET C 123 24.56 -20.64 109.69
C MET C 123 23.75 -20.86 110.97
N ILE C 124 22.60 -20.19 111.09
CA ILE C 124 21.75 -20.36 112.26
C ILE C 124 21.13 -21.76 112.27
N SER C 125 20.82 -22.29 111.10
CA SER C 125 20.20 -23.60 111.01
C SER C 125 21.12 -24.68 111.55
N ASP C 126 20.55 -25.64 112.28
CA ASP C 126 21.31 -26.74 112.85
C ASP C 126 21.53 -27.80 111.77
N SER C 127 21.99 -28.99 112.20
CA SER C 127 22.23 -30.08 111.25
C SER C 127 20.94 -30.53 110.56
N SER C 128 19.79 -30.26 111.15
CA SER C 128 18.51 -30.61 110.54
C SER C 128 17.94 -29.49 109.67
N GLY C 129 18.67 -28.38 109.51
CA GLY C 129 18.20 -27.27 108.71
C GLY C 129 17.24 -26.34 109.42
N VAL C 130 17.11 -26.44 110.74
CA VAL C 130 16.21 -25.61 111.52
C VAL C 130 17.03 -24.66 112.38
N MET C 131 16.71 -23.37 112.31
CA MET C 131 17.43 -22.38 113.09
C MET C 131 17.14 -22.58 114.58
N VAL C 132 18.10 -22.19 115.41
CA VAL C 132 18.01 -22.32 116.86
C VAL C 132 17.55 -20.99 117.43
N TYR C 133 16.54 -21.03 118.29
CA TYR C 133 16.06 -19.81 118.93
C TYR C 133 17.15 -19.19 119.80
N GLY C 134 17.92 -20.02 120.51
CA GLY C 134 19.04 -19.50 121.26
C GLY C 134 20.08 -18.85 120.37
N ARG C 135 20.33 -19.44 119.20
CA ARG C 135 21.25 -18.83 118.24
C ARG C 135 20.72 -17.48 117.77
N TYR C 136 19.42 -17.39 117.50
CA TYR C 136 18.83 -16.12 117.09
C TYR C 136 18.96 -15.07 118.20
N ASP C 137 18.72 -15.47 119.44
CA ASP C 137 18.86 -14.54 120.56
C ASP C 137 20.31 -14.08 120.71
N GLN C 138 21.26 -15.00 120.56
CA GLN C 138 22.67 -14.63 120.63
C GLN C 138 23.05 -13.67 119.52
N PHE C 139 22.55 -13.92 118.30
CA PHE C 139 22.81 -13.01 117.19
C PHE C 139 22.21 -11.63 117.45
N LEU C 140 21.00 -11.58 118.00
CA LEU C 140 20.38 -10.30 118.32
C LEU C 140 21.19 -9.56 119.38
N ARG C 141 21.66 -10.28 120.41
CA ARG C 141 22.48 -9.66 121.44
C ARG C 141 23.79 -9.13 120.87
N GLU C 142 24.42 -9.89 119.98
CA GLU C 142 25.66 -9.43 119.36
C GLU C 142 25.42 -8.21 118.50
N VAL C 143 24.31 -8.18 117.76
CA VAL C 143 23.97 -7.02 116.94
C VAL C 143 23.73 -5.79 117.84
N LEU C 144 23.03 -5.99 118.95
CA LEU C 144 22.79 -4.89 119.87
C LEU C 144 24.09 -4.37 120.47
N LYS C 145 25.01 -5.27 120.83
CA LYS C 145 26.30 -4.85 121.34
C LYS C 145 27.08 -4.08 120.29
N LEU C 146 27.06 -4.54 119.06
CA LEU C 146 27.68 -3.78 117.97
C LEU C 146 27.05 -2.41 117.77
N PRO C 147 25.73 -2.25 117.81
CA PRO C 147 25.15 -0.92 117.63
C PRO C 147 25.52 0.07 118.72
N THR C 148 25.95 -0.41 119.89
CA THR C 148 26.34 0.49 120.96
C THR C 148 27.60 1.29 120.61
N ALA C 149 28.48 0.72 119.78
CA ALA C 149 29.70 1.40 119.38
C ALA C 149 29.45 2.57 118.44
N VAL C 150 28.27 2.63 117.84
CA VAL C 150 27.94 3.72 116.90
C VAL C 150 27.17 4.80 117.64
N PHE C 151 27.23 4.78 118.98
CA PHE C 151 26.54 5.75 119.82
C PHE C 151 25.04 5.77 119.58
N GLU C 152 24.48 4.61 119.22
CA GLU C 152 23.05 4.48 118.97
C GLU C 152 22.48 3.22 119.63
N GLY C 153 23.09 2.79 120.74
CA GLY C 153 22.66 1.60 121.45
C GLY C 153 21.26 1.66 122.02
N PRO C 154 20.80 2.83 122.50
CA PRO C 154 19.44 2.89 123.06
C PRO C 154 18.36 2.52 122.05
N SER C 155 18.54 2.87 120.78
CA SER C 155 17.56 2.52 119.76
C SER C 155 17.64 1.06 119.34
N PHE C 156 18.76 0.40 119.61
CA PHE C 156 18.99 -0.99 119.24
C PHE C 156 19.55 -1.77 120.43
N GLY C 157 18.93 -1.60 121.59
CA GLY C 157 19.40 -2.27 122.79
C GLY C 157 19.16 -3.76 122.77
N TYR C 158 19.80 -4.45 123.70
CA TYR C 158 19.70 -5.90 123.81
C TYR C 158 18.42 -6.26 124.53
N THR C 159 17.44 -6.78 123.79
CA THR C 159 16.16 -7.21 124.34
C THR C 159 15.91 -8.64 123.94
N GLU C 160 15.62 -9.49 124.94
CA GLU C 160 15.36 -10.90 124.67
C GLU C 160 14.04 -11.08 123.92
N GLN C 161 13.07 -10.20 124.13
CA GLN C 161 11.77 -10.29 123.47
C GLN C 161 11.83 -9.86 122.01
N SER C 162 12.93 -9.26 121.56
CA SER C 162 13.01 -8.80 120.18
C SER C 162 12.85 -9.95 119.21
N ALA C 163 13.49 -11.09 119.49
CA ALA C 163 13.29 -12.28 118.68
C ALA C 163 11.83 -12.70 118.69
N ARG C 164 11.18 -12.63 119.85
CA ARG C 164 9.75 -12.90 119.92
C ARG C 164 8.96 -11.91 119.07
N SER C 165 9.45 -10.69 118.92
CA SER C 165 8.81 -9.73 118.03
C SER C 165 9.03 -10.07 116.56
N CYS C 166 10.08 -10.82 116.25
CA CYS C 166 10.35 -11.19 114.86
C CYS C 166 9.52 -12.40 114.43
N PHE C 167 9.70 -13.53 115.12
CA PHE C 167 8.99 -14.75 114.79
C PHE C 167 8.53 -15.42 116.07
N SER C 168 7.49 -16.25 115.94
CA SER C 168 6.95 -16.97 117.09
C SER C 168 7.96 -17.99 117.60
N GLN C 169 8.06 -18.10 118.92
CA GLN C 169 9.00 -19.05 119.52
C GLN C 169 8.57 -20.49 119.28
N GLN C 170 7.27 -20.73 119.12
CA GLN C 170 6.75 -22.07 118.89
C GLN C 170 6.63 -22.42 117.42
N LYS C 171 7.06 -21.55 116.52
CA LYS C 171 6.98 -21.77 115.08
C LYS C 171 8.38 -21.96 114.51
N LYS C 172 8.55 -22.99 113.68
CA LYS C 172 9.85 -23.25 113.07
C LYS C 172 10.20 -22.15 112.07
N VAL C 173 11.49 -21.87 111.96
CA VAL C 173 12.00 -20.83 111.08
C VAL C 173 12.62 -21.50 109.85
N THR C 174 12.03 -21.23 108.68
CA THR C 174 12.52 -21.76 107.42
C THR C 174 13.14 -20.63 106.60
N LEU C 175 13.86 -21.03 105.54
CA LEU C 175 14.50 -20.04 104.68
C LEU C 175 13.47 -19.15 104.00
N ASN C 176 12.40 -19.74 103.48
CA ASN C 176 11.36 -18.95 102.83
C ASN C 176 10.66 -18.04 103.83
N GLY C 177 10.33 -18.57 105.01
CA GLY C 177 9.70 -17.75 106.03
C GLY C 177 10.60 -16.64 106.53
N PHE C 178 11.88 -16.94 106.73
CA PHE C 178 12.83 -15.90 107.15
C PHE C 178 12.98 -14.83 106.10
N LEU C 179 13.06 -15.21 104.82
CA LEU C 179 13.16 -14.23 103.75
C LEU C 179 11.91 -13.37 103.68
N ASP C 180 10.73 -13.98 103.82
CA ASP C 180 9.49 -13.22 103.80
C ASP C 180 9.42 -12.25 104.96
N THR C 181 9.84 -12.67 106.15
CA THR C 181 9.83 -11.80 107.32
C THR C 181 10.81 -10.64 107.15
N LEU C 182 12.00 -10.92 106.61
CA LEU C 182 13.01 -9.88 106.46
C LEU C 182 12.63 -8.87 105.39
N MET C 183 12.09 -9.34 104.27
CA MET C 183 11.76 -8.47 103.14
C MET C 183 10.39 -7.82 103.28
N SER C 184 9.62 -8.18 104.30
CA SER C 184 8.29 -7.60 104.47
C SER C 184 8.39 -6.14 104.86
N ASP C 185 7.38 -5.37 104.44
CA ASP C 185 7.29 -3.96 104.84
C ASP C 185 7.18 -3.81 106.36
N PRO C 186 6.35 -4.58 107.06
CA PRO C 186 6.35 -4.51 108.53
C PRO C 186 7.45 -5.39 109.10
N PRO C 187 8.70 -5.14 108.72
CA PRO C 187 9.80 -5.99 109.19
C PRO C 187 10.06 -5.76 110.68
N PRO C 188 10.67 -6.72 111.35
CA PRO C 188 11.00 -6.53 112.78
C PRO C 188 12.14 -5.54 112.96
N GLN C 189 12.58 -5.35 114.21
CA GLN C 189 13.62 -4.36 114.49
C GLN C 189 14.91 -4.67 113.74
N CYS C 190 15.36 -5.92 113.81
CA CYS C 190 16.59 -6.30 113.10
C CYS C 190 16.42 -6.21 111.60
N LEU C 191 15.29 -6.71 111.09
CA LEU C 191 15.04 -6.67 109.64
C LEU C 191 14.91 -5.24 109.14
N VAL C 192 14.22 -4.38 109.91
CA VAL C 192 14.10 -2.98 109.52
C VAL C 192 15.47 -2.29 109.55
N TRP C 193 16.26 -2.56 110.58
CA TRP C 193 17.59 -1.97 110.66
C TRP C 193 18.46 -2.41 109.48
N LEU C 194 18.40 -3.69 109.12
CA LEU C 194 19.12 -4.14 107.93
C LEU C 194 18.61 -3.46 106.67
N PRO C 195 17.31 -3.41 106.39
CA PRO C 195 16.85 -2.65 105.22
C PRO C 195 17.19 -1.17 105.30
N LEU C 196 17.13 -0.58 106.49
CA LEU C 196 17.49 0.82 106.64
C LEU C 196 18.98 1.04 106.35
N LEU C 197 19.83 0.15 106.85
CA LEU C 197 21.26 0.26 106.56
C LEU C 197 21.54 0.08 105.08
N HIS C 198 20.85 -0.86 104.43
CA HIS C 198 21.03 -1.06 103.00
C HIS C 198 20.60 0.17 102.21
N ARG C 199 19.46 0.77 102.58
CA ARG C 199 19.00 1.96 101.89
C ARG C 199 19.96 3.13 102.10
N LEU C 200 20.48 3.29 103.32
CA LEU C 200 21.44 4.36 103.58
C LEU C 200 22.72 4.15 102.77
N ALA C 201 23.21 2.91 102.70
CA ALA C 201 24.40 2.63 101.91
C ALA C 201 24.16 2.90 100.43
N ASN C 202 22.99 2.51 99.92
CA ASN C 202 22.67 2.77 98.51
C ASN C 202 22.58 4.26 98.23
N VAL C 203 21.99 5.03 99.15
CA VAL C 203 21.90 6.47 98.97
C VAL C 203 23.28 7.10 98.99
N GLU C 204 24.13 6.68 99.92
CA GLU C 204 25.48 7.25 100.01
C GLU C 204 26.30 6.91 98.78
N ASN C 205 26.22 5.67 98.31
CA ASN C 205 26.99 5.28 97.13
C ASN C 205 26.49 5.98 95.87
N VAL C 206 25.17 6.11 95.74
CA VAL C 206 24.58 6.75 94.57
C VAL C 206 23.51 7.75 94.99
N TYR D 1 38.94 5.68 53.83
CA TYR D 1 38.86 7.07 53.41
C TYR D 1 37.45 7.63 53.62
N GLY D 2 37.37 8.90 53.99
CA GLY D 2 36.11 9.55 54.29
C GLY D 2 35.56 10.46 53.22
N TRP D 3 36.29 10.69 52.13
CA TRP D 3 35.82 11.57 51.06
C TRP D 3 35.67 10.87 49.71
N ARG D 4 36.48 9.85 49.43
CA ARG D 4 36.34 9.13 48.16
C ARG D 4 35.15 8.21 48.16
N LYS D 5 34.74 7.71 49.34
CA LYS D 5 33.59 6.83 49.42
C LYS D 5 32.32 7.53 48.97
N ARG D 6 32.14 8.79 49.36
CA ARG D 6 30.97 9.54 48.93
C ARG D 6 30.96 9.70 47.42
N CYS D 7 32.13 10.01 46.82
CA CYS D 7 32.21 10.15 45.38
C CYS D 7 31.89 8.85 44.66
N LEU D 8 32.41 7.73 45.17
CA LEU D 8 32.12 6.44 44.57
C LEU D 8 30.64 6.11 44.63
N TYR D 9 30.01 6.34 45.79
CA TYR D 9 28.59 6.05 45.92
C TYR D 9 27.76 6.93 44.99
N PHE D 10 28.09 8.21 44.93
CA PHE D 10 27.35 9.11 44.05
C PHE D 10 27.51 8.72 42.59
N PHE D 11 28.72 8.33 42.19
CA PHE D 11 28.92 7.90 40.81
C PHE D 11 28.15 6.64 40.50
N VAL D 12 28.09 5.69 41.45
CA VAL D 12 27.29 4.49 41.23
C VAL D 12 25.83 4.86 41.05
N LEU D 13 25.32 5.75 41.91
CA LEU D 13 23.92 6.15 41.81
C LEU D 13 23.63 6.80 40.46
N LEU D 14 24.50 7.71 40.03
CA LEU D 14 24.29 8.39 38.74
C LEU D 14 24.36 7.41 37.58
N LEU D 15 25.33 6.49 37.61
CA LEU D 15 25.44 5.49 36.56
C LEU D 15 24.15 4.68 36.46
N MET D 16 23.63 4.24 37.60
CA MET D 16 22.46 3.38 37.56
C MET D 16 21.20 4.14 37.17
N ILE D 17 21.05 5.39 37.59
CA ILE D 17 19.87 6.14 37.18
C ILE D 17 19.92 6.44 35.69
N LEU D 18 21.11 6.75 35.15
CA LEU D 18 21.23 6.94 33.72
C LEU D 18 20.89 5.67 32.95
N ILE D 19 21.35 4.53 33.45
CA ILE D 19 21.07 3.26 32.80
C ILE D 19 19.57 2.99 32.80
N LEU D 20 18.90 3.25 33.93
CA LEU D 20 17.46 3.02 33.99
C LEU D 20 16.69 3.92 33.04
N VAL D 21 17.07 5.21 32.96
CA VAL D 21 16.39 6.11 32.04
C VAL D 21 16.58 5.64 30.60
N ASN D 22 17.82 5.26 30.24
CA ASN D 22 18.07 4.76 28.90
C ASN D 22 17.26 3.51 28.60
N LEU D 23 17.16 2.61 29.59
CA LEU D 23 16.39 1.39 29.40
C LEU D 23 14.92 1.70 29.17
N ALA D 24 14.37 2.63 29.94
CA ALA D 24 12.98 3.00 29.76
C ALA D 24 12.73 3.58 28.37
N MET D 25 13.64 4.46 27.91
CA MET D 25 13.46 5.04 26.58
C MET D 25 13.55 3.98 25.48
N THR D 26 14.50 3.05 25.61
CA THR D 26 14.63 2.00 24.61
C THR D 26 13.39 1.08 24.61
N ILE D 27 12.86 0.77 25.78
CA ILE D 27 11.65 -0.04 25.84
C ILE D 27 10.48 0.69 25.18
N TRP D 28 10.39 2.00 25.39
CA TRP D 28 9.35 2.77 24.73
C TRP D 28 9.51 2.72 23.21
N ILE D 29 10.74 2.84 22.72
CA ILE D 29 10.97 2.74 21.28
C ILE D 29 10.51 1.38 20.77
N LEU D 30 10.87 0.31 21.48
CA LEU D 30 10.48 -1.03 21.07
C LEU D 30 8.97 -1.18 21.02
N LYS D 31 8.27 -0.65 22.03
CA LYS D 31 6.84 -0.86 22.12
C LYS D 31 6.09 -0.03 21.08
N VAL D 32 6.45 1.24 20.91
CA VAL D 32 5.69 2.12 20.05
C VAL D 32 5.91 1.81 18.57
N MET D 33 6.98 1.10 18.24
CA MET D 33 7.28 0.77 16.85
C MET D 33 6.79 -0.62 16.45
N ASN D 34 6.10 -1.32 17.34
CA ASN D 34 5.62 -2.68 17.08
C ASN D 34 6.76 -3.59 16.63
N PHE D 35 7.90 -3.46 17.30
CA PHE D 35 9.05 -4.30 16.97
C PHE D 35 8.76 -5.75 17.31
N THR D 36 9.27 -6.65 16.49
CA THR D 36 9.09 -8.08 16.70
C THR D 36 10.35 -8.81 16.25
N ILE D 37 10.31 -10.14 16.33
CA ILE D 37 11.46 -10.94 15.93
C ILE D 37 11.78 -10.71 14.46
N ASP D 38 10.76 -10.69 13.61
CA ASP D 38 10.99 -10.49 12.18
C ASP D 38 11.58 -9.11 11.90
N GLY D 39 11.08 -8.08 12.56
CA GLY D 39 11.58 -6.74 12.36
C GLY D 39 10.59 -5.64 12.71
N MET D 40 10.50 -4.63 11.86
CA MET D 40 9.62 -3.49 12.09
C MET D 40 8.18 -3.78 11.71
N GLY D 41 7.62 -4.85 12.24
CA GLY D 41 6.25 -5.19 11.92
C GLY D 41 6.06 -5.53 10.46
N ASN D 42 5.42 -4.62 9.72
CA ASN D 42 5.18 -4.81 8.30
C ASN D 42 6.20 -4.10 7.42
N LEU D 43 6.66 -2.93 7.82
CA LEU D 43 7.66 -2.20 7.05
C LEU D 43 8.97 -2.98 7.02
N ARG D 44 9.68 -2.87 5.89
CA ARG D 44 10.96 -3.57 5.73
C ARG D 44 11.84 -2.73 4.81
N ILE D 45 12.79 -2.01 5.41
CA ILE D 45 13.69 -1.18 4.62
C ILE D 45 14.65 -2.08 3.85
N THR D 46 14.75 -1.85 2.55
CA THR D 46 15.60 -2.63 1.68
C THR D 46 16.60 -1.71 0.96
N GLU D 47 17.58 -2.34 0.31
CA GLU D 47 18.69 -1.59 -0.28
C GLU D 47 18.26 -0.69 -1.42
N LYS D 48 17.10 -0.93 -2.01
CA LYS D 48 16.61 -0.08 -3.10
C LYS D 48 15.48 0.83 -2.67
N GLY D 49 14.84 0.57 -1.54
CA GLY D 49 13.73 1.39 -1.08
C GLY D 49 12.98 0.76 0.07
N LEU D 50 11.66 0.69 -0.06
CA LEU D 50 10.79 0.12 0.96
C LEU D 50 10.18 -1.17 0.46
N LYS D 51 9.52 -1.88 1.38
CA LYS D 51 8.76 -3.06 1.03
C LYS D 51 7.68 -3.24 2.09
N LEU D 52 6.47 -2.75 1.81
CA LEU D 52 5.37 -2.93 2.74
C LEU D 52 4.87 -4.36 2.71
N GLU D 53 4.25 -4.79 3.80
CA GLU D 53 3.68 -6.12 3.89
C GLU D 53 2.32 -6.10 4.57
N GLY D 54 1.59 -5.00 4.43
CA GLY D 54 0.27 -4.88 5.02
C GLY D 54 -0.45 -3.68 4.45
N ASP D 55 -1.71 -3.54 4.85
CA ASP D 55 -2.51 -2.41 4.39
C ASP D 55 -1.90 -1.11 4.88
N SER D 56 -1.93 -0.09 4.03
CA SER D 56 -1.40 1.23 4.36
C SER D 56 -2.44 2.28 4.01
N GLU D 57 -2.67 3.21 4.92
CA GLU D 57 -3.63 4.29 4.72
C GLU D 57 -2.92 5.63 4.90
N PHE D 58 -3.07 6.50 3.90
CA PHE D 58 -2.45 7.83 3.93
C PHE D 58 -3.52 8.85 4.28
N LEU D 59 -3.29 9.61 5.34
CA LEU D 59 -4.20 10.67 5.74
C LEU D 59 -3.81 12.03 5.17
N GLN D 60 -2.80 12.07 4.31
CA GLN D 60 -2.29 13.31 3.74
C GLN D 60 -2.02 13.08 2.26
N PRO D 61 -1.98 14.16 1.47
CA PRO D 61 -1.75 13.99 0.03
C PRO D 61 -0.45 13.27 -0.30
N LEU D 62 -0.57 12.09 -0.88
CA LEU D 62 0.59 11.33 -1.31
C LEU D 62 1.27 12.02 -2.49
N TYR D 63 2.58 11.87 -2.58
CA TYR D 63 3.37 12.35 -3.71
C TYR D 63 4.05 11.18 -4.38
N ALA D 64 4.00 11.16 -5.71
CA ALA D 64 4.61 10.07 -6.46
C ALA D 64 5.09 10.59 -7.80
N LYS D 65 6.02 9.85 -8.39
CA LYS D 65 6.57 10.20 -9.69
C LYS D 65 6.11 9.27 -10.81
N GLU D 66 5.99 7.98 -10.54
CA GLU D 66 5.59 7.01 -11.56
C GLU D 66 5.04 5.78 -10.88
N ILE D 67 3.80 5.42 -11.18
CA ILE D 67 3.16 4.25 -10.60
C ILE D 67 3.19 3.17 -11.66
N LYS D 68 4.26 2.38 -11.67
CA LYS D 68 4.40 1.30 -12.62
C LYS D 68 3.74 0.04 -12.09
N SER D 69 3.61 -0.96 -12.96
CA SER D 69 3.09 -2.26 -12.57
C SER D 69 3.98 -3.35 -13.16
N ARG D 70 4.13 -4.43 -12.41
CA ARG D 70 5.02 -5.50 -12.83
C ARG D 70 4.44 -6.24 -14.04
N PRO D 71 5.28 -6.82 -14.89
CA PRO D 71 4.78 -7.54 -16.06
C PRO D 71 3.86 -8.68 -15.66
N GLY D 72 2.78 -8.84 -16.43
CA GLY D 72 1.78 -9.83 -16.15
C GLY D 72 0.80 -9.47 -15.06
N ASN D 73 0.92 -8.27 -14.47
CA ASN D 73 0.08 -7.84 -13.38
C ASN D 73 -0.66 -6.57 -13.80
N ALA D 74 -1.98 -6.57 -13.62
CA ALA D 74 -2.78 -5.42 -13.96
C ALA D 74 -2.69 -4.34 -12.88
N LEU D 75 -2.98 -3.11 -13.28
CA LEU D 75 -3.05 -1.98 -12.36
C LEU D 75 -4.50 -1.59 -12.17
N TYR D 76 -4.92 -1.43 -10.92
CA TYR D 76 -6.30 -1.17 -10.58
C TYR D 76 -6.43 0.13 -9.81
N PHE D 77 -7.48 0.88 -10.10
CA PHE D 77 -7.87 2.05 -9.32
C PHE D 77 -9.32 1.85 -8.88
N LYS D 78 -9.57 2.04 -7.60
CA LYS D 78 -10.90 1.80 -7.03
C LYS D 78 -11.31 2.99 -6.18
N SER D 79 -12.58 3.03 -5.83
CA SER D 79 -13.12 4.08 -4.97
C SER D 79 -14.48 3.62 -4.46
N ALA D 80 -15.08 4.43 -3.60
CA ALA D 80 -16.41 4.17 -3.09
C ALA D 80 -17.44 5.17 -3.56
N ARG D 81 -17.04 6.38 -3.93
CA ARG D 81 -17.96 7.39 -4.44
C ARG D 81 -17.62 7.84 -5.86
N ASN D 82 -16.38 8.26 -6.10
CA ASN D 82 -16.02 8.86 -7.38
C ASN D 82 -14.52 8.68 -7.60
N VAL D 83 -14.10 8.88 -8.85
CA VAL D 83 -12.70 9.01 -9.19
C VAL D 83 -12.58 10.28 -10.03
N THR D 84 -11.91 11.29 -9.49
CA THR D 84 -11.76 12.57 -10.15
C THR D 84 -10.30 12.83 -10.47
N VAL D 85 -10.02 13.18 -11.71
CA VAL D 85 -8.67 13.51 -12.15
C VAL D 85 -8.68 14.97 -12.55
N ASN D 86 -7.94 15.79 -11.83
CA ASN D 86 -7.90 17.23 -12.05
C ASN D 86 -6.54 17.64 -12.60
N ILE D 87 -6.47 18.88 -13.07
CA ILE D 87 -5.22 19.54 -13.43
C ILE D 87 -5.28 20.96 -12.90
N LEU D 88 -4.22 21.39 -12.22
CA LEU D 88 -4.18 22.69 -11.57
C LEU D 88 -3.09 23.55 -12.19
N ASN D 89 -3.32 24.86 -12.19
CA ASN D 89 -2.33 25.82 -12.66
C ASN D 89 -1.48 26.29 -11.49
N ASP D 90 -0.69 27.33 -11.70
CA ASP D 90 0.17 27.86 -10.63
C ASP D 90 -0.67 28.39 -9.47
N GLN D 91 -1.74 29.11 -9.77
CA GLN D 91 -2.64 29.64 -8.75
C GLN D 91 -3.59 28.56 -8.22
N THR D 92 -3.56 27.38 -8.81
CA THR D 92 -4.37 26.21 -8.39
C THR D 92 -5.86 26.48 -8.54
N LYS D 93 -6.28 26.69 -9.79
CA LYS D 93 -7.67 26.57 -10.18
C LYS D 93 -7.81 25.41 -11.16
N VAL D 94 -8.93 24.71 -11.09
CA VAL D 94 -9.12 23.54 -11.94
C VAL D 94 -9.27 24.00 -13.40
N LEU D 95 -8.49 23.37 -14.28
CA LEU D 95 -8.54 23.69 -15.71
C LEU D 95 -9.16 22.55 -16.50
N THR D 96 -8.60 21.35 -16.41
CA THR D 96 -9.12 20.17 -17.07
C THR D 96 -9.49 19.15 -16.01
N GLN D 97 -10.61 18.45 -16.21
CA GLN D 97 -11.14 17.60 -15.17
C GLN D 97 -11.90 16.44 -15.79
N LEU D 98 -11.69 15.24 -15.25
CA LEU D 98 -12.41 14.04 -15.67
C LEU D 98 -13.02 13.39 -14.44
N VAL D 99 -14.30 13.05 -14.52
CA VAL D 99 -15.03 12.47 -13.39
C VAL D 99 -15.60 11.15 -13.83
N THR D 100 -15.19 10.06 -13.17
CA THR D 100 -15.73 8.74 -13.44
C THR D 100 -16.75 8.41 -12.35
N GLY D 101 -17.94 8.95 -12.51
CA GLY D 101 -18.99 8.80 -11.53
C GLY D 101 -19.55 7.39 -11.52
N PRO D 102 -20.41 7.09 -10.54
CA PRO D 102 -21.04 5.76 -10.50
C PRO D 102 -21.88 5.47 -11.72
N LYS D 103 -22.53 6.49 -12.29
CA LYS D 103 -23.38 6.30 -13.46
C LYS D 103 -23.02 7.19 -14.63
N ALA D 104 -22.29 8.28 -14.44
CA ALA D 104 -21.94 9.20 -15.51
C ALA D 104 -20.44 9.39 -15.57
N VAL D 105 -19.91 9.40 -16.80
CA VAL D 105 -18.49 9.64 -17.05
C VAL D 105 -18.41 10.97 -17.78
N GLU D 106 -17.97 12.02 -17.08
CA GLU D 106 -18.00 13.38 -17.62
C GLU D 106 -16.60 13.92 -17.78
N ALA D 107 -16.30 14.45 -18.97
CA ALA D 107 -15.04 15.10 -19.26
C ALA D 107 -15.25 16.59 -19.40
N TYR D 108 -14.32 17.37 -18.87
CA TYR D 108 -14.37 18.81 -18.93
C TYR D 108 -13.16 19.32 -19.71
N GLY D 109 -12.95 20.63 -19.69
CA GLY D 109 -11.78 21.23 -20.28
C GLY D 109 -12.11 22.10 -21.46
N LYS D 110 -11.12 22.26 -22.34
CA LYS D 110 -11.25 23.11 -23.52
C LYS D 110 -11.37 22.35 -24.82
N ARG D 111 -10.87 21.11 -24.89
CA ARG D 111 -10.90 20.35 -26.13
C ARG D 111 -10.66 18.88 -25.81
N PHE D 112 -11.49 18.02 -26.37
CA PHE D 112 -11.36 16.57 -26.22
C PHE D 112 -11.18 15.98 -27.61
N GLU D 113 -10.16 15.13 -27.77
CA GLU D 113 -9.82 14.62 -29.08
C GLU D 113 -9.42 13.15 -28.99
N VAL D 114 -9.57 12.45 -30.11
CA VAL D 114 -9.14 11.07 -30.27
C VAL D 114 -8.37 10.96 -31.57
N LYS D 115 -7.19 10.35 -31.53
CA LYS D 115 -6.36 10.24 -32.72
C LYS D 115 -5.65 8.90 -32.73
N THR D 116 -5.27 8.47 -33.92
CA THR D 116 -4.52 7.24 -34.07
C THR D 116 -3.06 7.45 -33.68
N VAL D 117 -2.31 6.36 -33.67
CA VAL D 117 -0.91 6.42 -33.27
C VAL D 117 -0.12 7.27 -34.25
N SER D 118 -0.43 7.16 -35.55
CA SER D 118 0.26 7.98 -36.54
C SER D 118 -0.20 9.43 -36.48
N GLY D 119 -1.41 9.68 -35.99
CA GLY D 119 -1.94 11.02 -35.90
C GLY D 119 -3.01 11.30 -36.94
N LYS D 120 -4.28 11.16 -36.54
CA LYS D 120 -5.41 11.39 -37.43
C LYS D 120 -6.67 11.56 -36.60
N LEU D 121 -7.33 12.70 -36.74
CA LEU D 121 -8.44 13.08 -35.87
C LEU D 121 -9.64 12.19 -36.16
N LEU D 122 -9.83 11.14 -35.35
CA LEU D 122 -11.02 10.32 -35.50
C LEU D 122 -12.22 10.91 -34.78
N PHE D 123 -12.01 11.87 -33.90
CA PHE D 123 -13.06 12.53 -33.14
C PHE D 123 -12.44 13.70 -32.40
N SER D 124 -13.15 14.82 -32.35
CA SER D 124 -12.66 15.97 -31.59
C SER D 124 -13.84 16.89 -31.29
N ALA D 125 -14.19 17.04 -30.03
CA ALA D 125 -15.35 17.84 -29.63
C ALA D 125 -14.85 19.05 -28.87
N ASP D 126 -14.46 20.09 -29.61
CA ASP D 126 -14.06 21.35 -29.01
C ASP D 126 -15.27 22.27 -28.88
N ASP D 127 -15.02 23.49 -28.40
CA ASP D 127 -16.12 24.41 -28.13
C ASP D 127 -16.85 24.78 -29.42
N SER D 128 -16.11 25.01 -30.50
CA SER D 128 -16.74 25.50 -31.73
C SER D 128 -17.53 24.40 -32.42
N GLU D 129 -16.86 23.34 -32.85
CA GLU D 129 -17.48 22.33 -33.69
C GLU D 129 -17.05 20.94 -33.23
N VAL D 130 -17.76 19.93 -33.71
CA VAL D 130 -17.46 18.53 -33.41
C VAL D 130 -17.00 17.87 -34.69
N VAL D 131 -15.70 17.64 -34.80
CA VAL D 131 -15.10 17.02 -35.98
C VAL D 131 -15.16 15.51 -35.81
N VAL D 132 -15.62 14.83 -36.85
CA VAL D 132 -15.73 13.37 -36.86
C VAL D 132 -14.94 12.85 -38.05
N GLY D 133 -14.09 11.85 -37.83
CA GLY D 133 -13.24 11.31 -38.85
C GLY D 133 -13.84 10.21 -39.69
N ALA D 134 -15.15 10.01 -39.64
CA ALA D 134 -15.79 8.97 -40.43
C ALA D 134 -15.60 9.22 -41.91
N GLU D 135 -15.24 8.18 -42.65
CA GLU D 135 -15.01 8.33 -44.09
C GLU D 135 -16.31 8.54 -44.86
N ARG D 136 -17.45 8.19 -44.27
CA ARG D 136 -18.74 8.34 -44.95
C ARG D 136 -19.84 8.30 -43.91
N LEU D 137 -20.60 9.39 -43.81
CA LEU D 137 -21.75 9.48 -42.92
C LEU D 137 -23.01 9.20 -43.71
N ARG D 138 -23.85 8.31 -43.18
CA ARG D 138 -25.06 7.90 -43.86
C ARG D 138 -26.27 8.29 -43.02
N VAL D 139 -27.24 8.96 -43.67
CA VAL D 139 -28.49 9.35 -43.03
C VAL D 139 -29.59 8.49 -43.62
N LEU D 140 -30.36 7.83 -42.75
CA LEU D 140 -31.38 6.88 -43.17
C LEU D 140 -32.79 7.36 -42.86
N GLY D 141 -32.98 8.67 -42.69
CA GLY D 141 -34.32 9.18 -42.46
C GLY D 141 -35.21 8.97 -43.68
N ALA D 142 -36.48 8.67 -43.42
CA ALA D 142 -37.42 8.38 -44.49
C ALA D 142 -38.21 9.60 -44.94
N GLU D 143 -38.53 10.51 -44.02
CA GLU D 143 -39.28 11.72 -44.34
C GLU D 143 -38.38 12.94 -44.49
N GLY D 144 -37.06 12.76 -44.43
CA GLY D 144 -36.13 13.85 -44.62
C GLY D 144 -35.56 14.35 -43.31
N THR D 145 -34.61 15.27 -43.44
CA THR D 145 -33.90 15.85 -42.30
C THR D 145 -34.01 17.37 -42.36
N VAL D 146 -33.95 18.00 -41.20
CA VAL D 146 -34.07 19.45 -41.09
C VAL D 146 -32.81 19.99 -40.43
N PHE D 147 -32.15 20.93 -41.08
CA PHE D 147 -31.00 21.63 -40.50
C PHE D 147 -31.37 23.09 -40.33
N PRO D 148 -31.63 23.55 -39.10
CA PRO D 148 -32.14 24.93 -38.92
C PRO D 148 -31.21 26.01 -39.44
N LYS D 149 -29.90 25.81 -39.37
CA LYS D 149 -28.98 26.90 -39.71
C LYS D 149 -28.54 26.88 -41.16
N SER D 150 -27.80 25.83 -41.57
CA SER D 150 -27.23 25.78 -42.91
C SER D 150 -26.51 24.48 -43.20
N ILE D 151 -25.97 24.35 -44.40
CA ILE D 151 -25.01 23.31 -44.75
C ILE D 151 -23.80 24.01 -45.36
N GLU D 152 -22.66 23.33 -45.33
CA GLU D 152 -21.42 23.89 -45.86
C GLU D 152 -20.72 22.78 -46.66
N THR D 153 -20.97 22.75 -47.96
CA THR D 153 -20.37 21.78 -48.85
C THR D 153 -19.75 22.47 -50.05
N PRO D 154 -18.68 21.91 -50.61
CA PRO D 154 -18.17 22.37 -51.91
C PRO D 154 -18.67 21.58 -53.10
N ASN D 155 -19.64 20.70 -52.92
CA ASN D 155 -20.09 19.82 -54.00
C ASN D 155 -21.45 19.25 -53.64
N VAL D 156 -22.41 19.36 -54.55
CA VAL D 156 -23.72 18.74 -54.42
C VAL D 156 -23.95 17.88 -55.65
N ARG D 157 -24.38 16.64 -55.45
CA ARG D 157 -24.45 15.69 -56.55
C ARG D 157 -25.61 14.73 -56.31
N ALA D 158 -26.60 14.75 -57.19
CA ALA D 158 -27.74 13.87 -57.06
C ALA D 158 -27.32 12.42 -57.32
N ASP D 159 -28.06 11.49 -56.73
CA ASP D 159 -27.80 10.08 -56.94
C ASP D 159 -28.05 9.72 -58.40
N PRO D 160 -27.36 8.70 -58.92
CA PRO D 160 -27.47 8.42 -60.36
C PRO D 160 -28.74 7.68 -60.73
N PHE D 161 -29.86 8.08 -60.14
CA PHE D 161 -31.17 7.67 -60.65
C PHE D 161 -32.22 8.75 -60.49
N LYS D 162 -31.88 9.93 -59.98
CA LYS D 162 -32.84 10.96 -59.66
C LYS D 162 -32.32 12.30 -60.19
N GLU D 163 -33.03 13.37 -59.86
CA GLU D 163 -32.72 14.70 -60.36
C GLU D 163 -32.67 15.70 -59.22
N LEU D 164 -31.63 16.52 -59.20
CA LEU D 164 -31.55 17.57 -58.20
C LEU D 164 -32.65 18.60 -58.43
N ARG D 165 -33.14 19.20 -57.35
CA ARG D 165 -34.23 20.16 -57.46
C ARG D 165 -34.11 21.15 -56.31
N LEU D 166 -33.54 22.33 -56.59
CA LEU D 166 -33.41 23.38 -55.59
C LEU D 166 -34.67 24.22 -55.62
N GLU D 167 -35.62 23.90 -54.76
CA GLU D 167 -36.92 24.55 -54.75
C GLU D 167 -37.16 25.23 -53.41
N SER D 168 -37.87 26.35 -53.45
CA SER D 168 -38.36 27.03 -52.26
C SER D 168 -39.88 27.09 -52.33
N PRO D 169 -40.59 26.53 -51.34
CA PRO D 169 -42.02 26.29 -51.57
C PRO D 169 -42.86 27.54 -51.71
N THR D 170 -42.62 28.59 -50.92
CA THR D 170 -43.52 29.74 -50.95
C THR D 170 -42.74 31.05 -50.83
N ARG D 171 -41.54 31.11 -51.38
CA ARG D 171 -40.73 32.31 -51.33
C ARG D 171 -39.88 32.38 -52.59
N SER D 172 -38.88 33.27 -52.57
CA SER D 172 -37.97 33.44 -53.68
C SER D 172 -36.64 32.74 -53.41
N LEU D 173 -35.94 32.38 -54.48
CA LEU D 173 -34.65 31.71 -54.41
C LEU D 173 -33.58 32.69 -54.85
N VAL D 174 -32.68 33.05 -53.92
CA VAL D 174 -31.66 34.05 -54.17
C VAL D 174 -30.30 33.36 -54.18
N MET D 175 -29.55 33.55 -55.25
CA MET D 175 -28.23 32.96 -55.41
C MET D 175 -27.19 34.07 -55.54
N GLU D 176 -26.11 33.97 -54.77
CA GLU D 176 -25.06 34.97 -54.77
C GLU D 176 -23.74 34.30 -55.14
N ALA D 177 -23.01 34.88 -56.08
CA ALA D 177 -21.73 34.34 -56.53
C ALA D 177 -20.90 35.46 -57.11
N PRO D 178 -20.06 36.10 -56.29
CA PRO D 178 -19.36 37.31 -56.75
C PRO D 178 -18.45 37.10 -57.94
N LYS D 179 -17.83 35.93 -58.08
CA LYS D 179 -16.84 35.72 -59.13
C LYS D 179 -17.43 35.23 -60.44
N GLY D 180 -18.73 34.95 -60.49
CA GLY D 180 -19.34 34.53 -61.74
C GLY D 180 -20.18 33.27 -61.64
N VAL D 181 -21.11 33.09 -62.56
CA VAL D 181 -22.01 31.95 -62.58
C VAL D 181 -21.93 31.30 -63.95
N GLU D 182 -21.82 29.98 -63.98
CA GLU D 182 -21.83 29.21 -65.21
C GLU D 182 -22.95 28.18 -65.16
N ILE D 183 -23.74 28.10 -66.23
CA ILE D 183 -24.84 27.16 -66.33
C ILE D 183 -24.62 26.31 -67.57
N ASN D 184 -24.66 24.99 -67.41
CA ASN D 184 -24.41 24.05 -68.49
C ASN D 184 -25.55 23.06 -68.60
N ALA D 185 -25.98 22.80 -69.84
CA ALA D 185 -26.99 21.77 -70.13
C ALA D 185 -26.52 21.05 -71.39
N GLU D 186 -25.76 19.97 -71.19
CA GLU D 186 -25.07 19.34 -72.31
C GLU D 186 -26.02 18.62 -73.26
N ALA D 187 -27.22 18.25 -72.82
CA ALA D 187 -28.09 17.45 -73.66
C ALA D 187 -29.55 17.90 -73.57
N GLY D 188 -29.79 19.18 -73.35
CA GLY D 188 -31.16 19.64 -73.24
C GLY D 188 -31.24 21.15 -73.31
N ASN D 189 -32.46 21.63 -73.51
CA ASN D 189 -32.70 23.06 -73.58
C ASN D 189 -32.50 23.70 -72.21
N MET D 190 -31.94 24.91 -72.21
CA MET D 190 -31.76 25.67 -70.98
C MET D 190 -32.96 26.60 -70.80
N GLU D 191 -34.11 25.99 -70.57
CA GLU D 191 -35.36 26.73 -70.49
C GLU D 191 -35.36 27.67 -69.29
N ALA D 192 -36.11 28.76 -69.42
CA ALA D 192 -36.27 29.73 -68.33
C ALA D 192 -37.63 30.37 -68.50
N ILE D 193 -38.62 29.86 -67.76
CA ILE D 193 -40.01 30.26 -67.90
C ILE D 193 -40.39 31.17 -66.74
N CYS D 194 -40.94 32.33 -67.06
CA CYS D 194 -41.40 33.26 -66.03
C CYS D 194 -42.80 33.75 -66.36
N ARG D 195 -43.31 34.70 -65.59
CA ARG D 195 -44.66 35.21 -65.82
C ARG D 195 -44.71 36.73 -65.88
N SER D 196 -43.91 37.42 -65.08
CA SER D 196 -44.03 38.87 -64.95
C SER D 196 -42.96 39.65 -65.70
N GLU D 197 -41.69 39.30 -65.50
CA GLU D 197 -40.61 40.06 -66.13
C GLU D 197 -39.32 39.26 -66.03
N LEU D 198 -38.60 39.16 -67.15
CA LEU D 198 -37.32 38.47 -67.22
C LEU D 198 -36.25 39.50 -67.57
N ARG D 199 -35.42 39.86 -66.60
CA ARG D 199 -34.47 40.95 -66.74
C ARG D 199 -33.06 40.40 -66.86
N LEU D 200 -32.36 40.80 -67.92
CA LEU D 200 -30.96 40.45 -68.13
C LEU D 200 -30.15 41.74 -67.99
N GLU D 201 -29.41 41.86 -66.89
CA GLU D 201 -28.69 43.08 -66.57
C GLU D 201 -27.18 42.86 -66.74
N SER D 202 -26.51 43.92 -67.17
CA SER D 202 -25.05 43.93 -67.25
C SER D 202 -24.61 45.39 -67.10
N LYS D 203 -24.19 45.75 -65.89
CA LYS D 203 -23.97 47.16 -65.58
C LYS D 203 -22.84 47.75 -66.41
N ASP D 204 -21.74 47.02 -66.57
CA ASP D 204 -20.57 47.53 -67.29
C ASP D 204 -20.00 46.44 -68.20
N GLY D 205 -20.86 45.76 -68.94
CA GLY D 205 -20.42 44.71 -69.83
C GLY D 205 -21.13 44.67 -71.16
N GLU D 206 -21.53 43.48 -71.60
CA GLU D 206 -22.20 43.33 -72.88
C GLU D 206 -23.00 42.03 -72.87
N ILE D 207 -23.89 41.90 -73.85
CA ILE D 207 -24.71 40.72 -74.04
C ILE D 207 -24.35 40.13 -75.40
N LYS D 208 -24.06 38.83 -75.42
CA LYS D 208 -23.67 38.14 -76.65
C LYS D 208 -24.56 36.92 -76.86
N LEU D 209 -25.09 36.78 -78.07
CA LEU D 209 -25.93 35.64 -78.44
C LEU D 209 -25.27 34.92 -79.61
N ASP D 210 -24.68 33.75 -79.34
CA ASP D 210 -23.85 33.06 -80.30
C ASP D 210 -24.53 31.84 -80.92
N ALA D 211 -25.85 31.74 -80.81
CA ALA D 211 -26.54 30.58 -81.34
C ALA D 211 -26.53 30.60 -82.87
N ALA D 212 -26.76 29.43 -83.45
CA ALA D 212 -26.78 29.31 -84.90
C ALA D 212 -27.94 30.06 -85.55
N LYS D 213 -29.01 30.31 -84.80
CA LYS D 213 -30.12 31.11 -85.30
C LYS D 213 -30.90 31.67 -84.12
N ILE D 214 -31.65 32.74 -84.39
CA ILE D 214 -32.38 33.45 -83.35
C ILE D 214 -33.81 33.64 -83.81
N LYS D 215 -34.76 33.33 -82.93
CA LYS D 215 -36.18 33.49 -83.22
C LYS D 215 -36.83 34.33 -82.13
N LEU D 216 -37.80 35.15 -82.54
CA LEU D 216 -38.57 35.98 -81.61
C LEU D 216 -40.04 35.91 -82.01
N PRO D 217 -40.67 34.75 -81.90
CA PRO D 217 -42.00 34.59 -82.49
C PRO D 217 -43.17 35.01 -81.60
N ARG D 218 -43.06 36.15 -80.90
CA ARG D 218 -44.24 36.72 -80.28
C ARG D 218 -44.20 38.25 -80.24
N LEU D 219 -43.49 38.87 -81.17
CA LEU D 219 -43.43 40.33 -81.20
C LEU D 219 -44.80 40.90 -81.53
N PRO D 220 -45.19 42.02 -80.93
CA PRO D 220 -46.50 42.61 -81.22
C PRO D 220 -46.56 43.12 -82.65
N ARG D 221 -47.48 42.55 -83.44
CA ARG D 221 -47.62 42.95 -84.83
C ARG D 221 -48.16 44.37 -84.93
N GLY D 222 -47.67 45.09 -85.94
CA GLY D 222 -48.08 46.47 -86.14
C GLY D 222 -49.46 46.58 -86.76
N SER D 223 -49.94 47.82 -86.80
CA SER D 223 -51.24 48.13 -87.40
C SER D 223 -51.08 49.32 -88.34
N TYR D 224 -51.85 49.32 -89.41
CA TYR D 224 -51.75 50.37 -90.42
C TYR D 224 -52.45 51.64 -89.94
N THR D 225 -51.75 52.76 -90.07
CA THR D 225 -52.32 54.08 -89.78
C THR D 225 -51.95 55.03 -90.90
N PRO D 226 -52.94 55.69 -91.53
CA PRO D 226 -52.62 56.57 -92.67
C PRO D 226 -51.68 57.70 -92.29
N THR D 227 -52.09 58.54 -91.33
CA THR D 227 -51.22 59.61 -90.86
C THR D 227 -50.12 59.10 -89.94
N GLY D 228 -50.40 58.07 -89.15
CA GLY D 228 -49.41 57.59 -88.21
C GLY D 228 -49.25 58.55 -87.04
N THR D 229 -48.10 58.43 -86.38
CA THR D 229 -47.74 59.26 -85.25
C THR D 229 -46.49 60.05 -85.58
N ARG D 230 -46.17 61.02 -84.72
CA ARG D 230 -45.07 61.93 -84.95
C ARG D 230 -43.80 61.57 -84.17
N GLN D 231 -43.89 60.66 -83.20
CA GLN D 231 -42.70 60.27 -82.45
C GLN D 231 -41.72 59.52 -83.35
N LYS D 232 -40.44 59.80 -83.15
CA LYS D 232 -39.37 59.17 -83.93
C LYS D 232 -39.21 57.74 -83.45
N VAL D 233 -39.80 56.80 -84.20
CA VAL D 233 -39.67 55.38 -83.88
C VAL D 233 -38.35 54.89 -84.44
N PHE D 234 -37.38 54.64 -83.55
CA PHE D 234 -36.08 54.16 -84.00
C PHE D 234 -36.19 52.77 -84.59
N GLU D 235 -35.32 52.48 -85.54
CA GLU D 235 -35.16 51.14 -86.09
C GLU D 235 -33.80 50.58 -85.72
N VAL D 236 -33.74 49.26 -85.60
CA VAL D 236 -32.57 48.56 -85.11
C VAL D 236 -31.68 48.19 -86.29
N CYS D 237 -30.39 48.51 -86.19
CA CYS D 237 -29.43 48.13 -87.21
C CYS D 237 -28.16 47.63 -86.56
N VAL D 238 -27.50 46.68 -87.22
CA VAL D 238 -26.35 45.98 -86.67
C VAL D 238 -25.09 46.45 -87.39
N CYS D 239 -24.04 46.69 -86.61
CA CYS D 239 -22.76 47.11 -87.15
C CYS D 239 -22.06 45.93 -87.81
N ALA D 240 -20.81 46.12 -88.23
CA ALA D 240 -20.09 45.07 -88.94
C ALA D 240 -19.75 43.91 -88.01
N ASN D 241 -19.38 44.20 -86.76
CA ASN D 241 -18.94 43.17 -85.84
C ASN D 241 -20.07 42.55 -85.04
N GLY D 242 -21.32 42.94 -85.31
CA GLY D 242 -22.46 42.34 -84.64
C GLY D 242 -23.08 43.17 -83.54
N ARG D 243 -22.59 44.38 -83.29
CA ARG D 243 -23.10 45.22 -82.22
C ARG D 243 -24.32 46.00 -82.70
N LEU D 244 -25.39 45.93 -81.92
CA LEU D 244 -26.65 46.57 -82.28
C LEU D 244 -26.60 48.07 -81.99
N PHE D 245 -27.45 48.81 -82.68
CA PHE D 245 -27.65 50.22 -82.39
C PHE D 245 -29.01 50.65 -82.95
N LEU D 246 -29.46 51.81 -82.48
CA LEU D 246 -30.75 52.36 -82.86
C LEU D 246 -30.55 53.61 -83.72
N SER D 247 -31.44 53.80 -84.69
CA SER D 247 -31.38 54.98 -85.55
C SER D 247 -32.76 55.59 -85.65
N GLN D 248 -32.80 56.89 -85.94
CA GLN D 248 -34.07 57.59 -86.07
C GLN D 248 -34.90 57.00 -87.21
N ALA D 249 -36.20 57.30 -87.17
CA ALA D 249 -37.13 56.74 -88.15
C ALA D 249 -36.81 57.22 -89.56
N GLY D 250 -37.53 56.71 -90.56
CA GLY D 250 -37.22 57.05 -91.93
C GLY D 250 -37.34 58.53 -92.21
N THR D 251 -36.18 59.20 -92.24
CA THR D 251 -36.13 60.63 -92.54
C THR D 251 -34.74 60.91 -93.10
N GLY D 252 -34.66 61.05 -94.42
CA GLY D 252 -33.37 61.31 -95.03
C GLY D 252 -32.46 60.11 -95.00
N SER D 253 -31.46 60.15 -94.13
CA SER D 253 -30.41 59.14 -94.10
C SER D 253 -30.94 57.80 -93.59
N THR D 254 -30.02 56.85 -93.46
CA THR D 254 -30.29 55.48 -93.06
C THR D 254 -29.56 55.17 -91.76
N CYS D 255 -29.43 53.88 -91.42
CA CYS D 255 -28.73 53.44 -90.23
C CYS D 255 -27.32 54.02 -90.12
N GLN D 256 -26.85 54.70 -91.16
CA GLN D 256 -25.63 55.48 -91.07
C GLN D 256 -25.81 56.58 -90.03
N ILE D 257 -24.77 57.41 -89.83
CA ILE D 257 -24.66 58.34 -88.72
C ILE D 257 -24.42 57.53 -87.45
N ASN D 258 -23.18 57.07 -87.28
CA ASN D 258 -22.79 56.30 -86.11
C ASN D 258 -21.46 56.75 -85.52
N THR D 259 -20.72 57.65 -86.18
CA THR D 259 -19.42 58.15 -85.72
C THR D 259 -18.50 56.93 -85.62
N SER D 260 -17.70 56.80 -84.56
CA SER D 260 -16.83 55.64 -84.37
C SER D 260 -17.09 55.08 -82.97
N VAL D 261 -18.11 54.23 -82.88
CA VAL D 261 -18.41 53.53 -81.65
C VAL D 261 -18.44 52.02 -81.83
N CYS D 262 -18.42 51.53 -83.06
CA CYS D 262 -18.44 50.10 -83.35
C CYS D 262 -17.22 49.74 -84.19
N LEU D 263 -16.87 48.46 -84.16
CA LEU D 263 -15.72 47.96 -84.91
C LEU D 263 -16.17 47.34 -86.23
N TYR E 1 63.92 -14.12 101.56
CA TYR E 1 62.74 -13.37 101.12
C TYR E 1 62.71 -11.99 101.76
N TYR E 2 61.56 -11.31 101.65
CA TYR E 2 61.37 -9.98 102.18
C TYR E 2 60.33 -10.01 103.29
N ILE E 3 60.65 -9.37 104.41
CA ILE E 3 59.77 -9.33 105.58
C ILE E 3 59.30 -7.90 105.78
N ASN E 4 57.99 -7.71 105.87
CA ASN E 4 57.40 -6.41 106.18
C ASN E 4 56.78 -6.51 107.57
N HIS E 5 57.47 -5.92 108.56
CA HIS E 5 56.99 -6.01 109.93
C HIS E 5 55.74 -5.16 110.16
N GLU E 6 55.66 -4.00 109.50
CA GLU E 6 54.50 -3.14 109.66
C GLU E 6 53.22 -3.85 109.22
N THR E 7 53.27 -4.58 108.11
CA THR E 7 52.16 -5.40 107.67
C THR E 7 52.31 -6.87 108.05
N GLN E 8 53.48 -7.28 108.52
CA GLN E 8 53.79 -8.67 108.82
C GLN E 8 53.44 -9.53 107.60
N THR E 9 54.22 -9.31 106.54
CA THR E 9 54.03 -10.03 105.30
C THR E 9 55.36 -10.60 104.81
N THR E 10 55.31 -11.85 104.38
CA THR E 10 56.45 -12.53 103.78
C THR E 10 56.26 -12.52 102.27
N CYS E 11 57.21 -11.93 101.55
CA CYS E 11 57.11 -11.76 100.12
C CYS E 11 58.31 -12.39 99.43
N TRP E 12 58.05 -13.13 98.36
CA TRP E 12 59.12 -13.71 97.54
C TRP E 12 59.08 -13.16 96.12
N ASP E 13 58.52 -11.97 95.93
CA ASP E 13 58.30 -11.44 94.58
C ASP E 13 59.63 -11.12 93.92
N HIS E 14 59.91 -11.77 92.80
CA HIS E 14 61.04 -11.38 91.98
C HIS E 14 60.80 -9.95 91.46
N PRO E 15 61.83 -9.11 91.40
CA PRO E 15 61.61 -7.74 90.91
C PRO E 15 60.97 -7.70 89.53
N LYS E 16 61.38 -8.58 88.62
CA LYS E 16 60.67 -8.71 87.35
C LYS E 16 59.26 -9.24 87.58
N MET E 17 59.11 -10.25 88.44
CA MET E 17 57.77 -10.71 88.79
C MET E 17 56.99 -9.65 89.55
N THR E 18 57.69 -8.77 90.29
CA THR E 18 57.00 -7.66 90.93
C THR E 18 56.44 -6.70 89.91
N GLU E 19 57.21 -6.39 88.85
CA GLU E 19 56.68 -5.58 87.76
C GLU E 19 55.52 -6.28 87.07
N LEU E 20 55.62 -7.59 86.88
CA LEU E 20 54.53 -8.34 86.28
C LEU E 20 53.28 -8.27 87.15
N TYR E 21 53.44 -8.41 88.46
CA TYR E 21 52.29 -8.37 89.37
C TYR E 21 51.66 -6.98 89.39
N GLN E 22 52.48 -5.93 89.35
CA GLN E 22 51.93 -4.58 89.25
C GLN E 22 51.16 -4.40 87.95
N SER E 23 51.67 -4.95 86.85
CA SER E 23 50.95 -4.89 85.59
C SER E 23 49.63 -5.64 85.67
N LEU E 24 49.62 -6.79 86.35
CA LEU E 24 48.38 -7.53 86.55
C LEU E 24 47.37 -6.72 87.37
N ALA E 25 47.85 -6.08 88.43
CA ALA E 25 46.97 -5.24 89.23
C ALA E 25 46.41 -4.09 88.40
N ASP E 26 47.22 -3.52 87.52
CA ASP E 26 46.73 -2.46 86.65
C ASP E 26 45.71 -2.99 85.64
N LEU E 27 45.93 -4.18 85.11
CA LEU E 27 45.02 -4.79 84.14
C LEU E 27 43.81 -5.45 84.79
N ASN E 28 43.70 -5.38 86.12
CA ASN E 28 42.52 -5.83 86.84
C ASN E 28 41.24 -5.12 86.41
N ASN E 29 41.34 -4.18 85.45
CA ASN E 29 40.18 -3.39 85.04
C ASN E 29 39.06 -4.27 84.48
N VAL E 30 39.36 -5.46 83.99
CA VAL E 30 38.32 -6.35 83.49
C VAL E 30 37.41 -6.76 84.63
N ARG E 31 36.12 -6.40 84.53
CA ARG E 31 35.20 -6.72 85.61
C ARG E 31 34.99 -8.23 85.71
N PHE E 32 35.05 -8.92 84.58
CA PHE E 32 34.83 -10.36 84.55
C PHE E 32 35.97 -11.07 85.27
N SER E 33 35.65 -12.23 85.85
CA SER E 33 36.63 -12.92 86.68
C SER E 33 37.61 -13.74 85.83
N ALA E 34 37.10 -14.77 85.15
CA ALA E 34 38.01 -15.70 84.50
C ALA E 34 38.62 -15.12 83.23
N TYR E 35 37.94 -14.19 82.57
CA TYR E 35 38.59 -13.49 81.46
C TYR E 35 39.77 -12.68 81.95
N ARG E 36 39.61 -11.99 83.09
CA ARG E 36 40.73 -11.26 83.68
C ARG E 36 41.86 -12.20 84.05
N THR E 37 41.54 -13.34 84.66
CA THR E 37 42.59 -14.30 84.99
C THR E 37 43.28 -14.82 83.73
N ALA E 38 42.52 -15.12 82.69
CA ALA E 38 43.12 -15.62 81.46
C ALA E 38 44.08 -14.60 80.87
N MET E 39 43.67 -13.32 80.83
CA MET E 39 44.58 -12.29 80.38
C MET E 39 45.83 -12.21 81.25
N LYS E 40 45.66 -12.41 82.56
CA LYS E 40 46.77 -12.26 83.48
C LYS E 40 47.80 -13.37 83.30
N LEU E 41 47.36 -14.63 83.27
CA LEU E 41 48.31 -15.70 82.99
C LEU E 41 48.83 -15.68 81.56
N ARG E 42 48.09 -15.10 80.61
CA ARG E 42 48.68 -14.90 79.30
C ARG E 42 49.85 -13.92 79.36
N ARG E 43 49.65 -12.81 80.09
CA ARG E 43 50.74 -11.87 80.33
C ARG E 43 51.94 -12.57 80.96
N LEU E 44 51.67 -13.37 81.99
CA LEU E 44 52.75 -14.04 82.71
C LEU E 44 53.47 -15.05 81.83
N GLN E 45 52.73 -15.83 81.06
CA GLN E 45 53.33 -16.84 80.18
C GLN E 45 54.18 -16.18 79.11
N LYS E 46 53.69 -15.09 78.51
CA LYS E 46 54.50 -14.38 77.54
C LYS E 46 55.73 -13.76 78.20
N ALA E 47 55.59 -13.31 79.45
CA ALA E 47 56.71 -12.65 80.12
C ALA E 47 57.84 -13.63 80.42
N LEU E 48 57.51 -14.81 80.96
CA LEU E 48 58.56 -15.74 81.33
C LEU E 48 59.05 -16.59 80.15
N CYS E 49 58.48 -16.37 78.96
CA CYS E 49 58.95 -16.96 77.70
C CYS E 49 59.18 -18.47 77.82
N LEU E 50 58.08 -19.18 78.06
CA LEU E 50 58.06 -20.63 77.97
C LEU E 50 57.11 -21.14 76.89
N ASP E 51 56.34 -20.25 76.27
CA ASP E 51 55.45 -20.64 75.18
C ASP E 51 56.21 -21.35 74.06
N LEU E 52 57.49 -21.03 73.88
CA LEU E 52 58.33 -21.68 72.88
C LEU E 52 58.87 -23.02 73.35
N LEU E 53 58.55 -23.44 74.56
CA LEU E 53 58.91 -24.77 75.05
C LEU E 53 57.84 -25.77 74.64
N SER E 54 58.27 -26.85 74.00
CA SER E 54 57.34 -27.84 73.46
C SER E 54 57.00 -28.89 74.50
N LEU E 55 55.90 -29.62 74.23
CA LEU E 55 55.48 -30.67 75.15
C LEU E 55 56.45 -31.83 75.15
N SER E 56 56.98 -32.21 73.98
CA SER E 56 57.92 -33.33 73.92
C SER E 56 59.17 -33.05 74.73
N ALA E 57 59.64 -31.80 74.70
CA ALA E 57 60.75 -31.41 75.56
C ALA E 57 60.37 -31.53 77.03
N ALA E 58 59.10 -31.26 77.37
CA ALA E 58 58.66 -31.46 78.75
C ALA E 58 58.69 -32.93 79.14
N CYS E 59 58.27 -33.83 78.24
CA CYS E 59 58.38 -35.25 78.51
C CYS E 59 59.83 -35.66 78.72
N ASP E 60 60.73 -35.16 77.86
CA ASP E 60 62.14 -35.46 78.00
C ASP E 60 62.69 -34.95 79.33
N ALA E 61 62.28 -33.76 79.74
CA ALA E 61 62.72 -33.20 81.02
C ALA E 61 62.24 -34.05 82.19
N LEU E 62 60.96 -34.44 82.18
CA LEU E 62 60.41 -35.16 83.32
C LEU E 62 60.96 -36.58 83.41
N ASP E 63 61.20 -37.24 82.27
CA ASP E 63 61.72 -38.59 82.28
C ASP E 63 63.24 -38.67 82.30
N GLN E 64 63.93 -37.54 82.11
CA GLN E 64 65.39 -37.56 82.09
C GLN E 64 65.96 -37.71 83.49
N HIS E 65 65.39 -37.01 84.46
CA HIS E 65 65.91 -37.01 85.82
C HIS E 65 65.31 -38.10 86.68
N ASN E 66 64.47 -38.97 86.12
CA ASN E 66 63.84 -40.08 86.83
C ASN E 66 63.08 -39.60 88.06
N LEU E 67 62.07 -38.77 87.80
CA LEU E 67 61.20 -38.22 88.83
C LEU E 67 59.82 -38.84 88.65
N LYS E 68 59.62 -40.01 89.26
CA LYS E 68 58.36 -40.73 89.19
C LYS E 68 57.72 -40.97 90.54
N GLN E 69 58.43 -40.69 91.63
CA GLN E 69 57.87 -40.82 92.98
C GLN E 69 57.06 -39.56 93.26
N ASN E 70 55.74 -39.64 93.04
CA ASN E 70 54.89 -38.45 93.11
C ASN E 70 54.82 -37.88 94.52
N ASP E 71 54.98 -38.71 95.55
CA ASP E 71 54.90 -38.26 96.92
C ASP E 71 56.25 -37.91 97.52
N GLN E 72 57.33 -38.02 96.76
CA GLN E 72 58.65 -37.74 97.30
C GLN E 72 58.84 -36.23 97.48
N PRO E 73 59.37 -35.80 98.63
CA PRO E 73 59.68 -34.38 98.80
C PRO E 73 60.72 -33.91 97.79
N MET E 74 60.61 -32.64 97.41
CA MET E 74 61.45 -32.04 96.39
C MET E 74 62.30 -30.96 97.02
N ASP E 75 63.62 -31.03 96.84
CA ASP E 75 64.54 -30.06 97.41
C ASP E 75 64.98 -29.04 96.36
N ILE E 76 65.47 -27.90 96.84
CA ILE E 76 65.78 -26.80 95.94
C ILE E 76 66.89 -27.18 94.97
N LEU E 77 67.88 -27.95 95.44
CA LEU E 77 69.03 -28.26 94.60
C LEU E 77 68.63 -29.05 93.35
N GLN E 78 67.84 -30.11 93.53
CA GLN E 78 67.48 -30.94 92.38
C GLN E 78 66.68 -30.14 91.36
N ILE E 79 65.71 -29.36 91.80
CA ILE E 79 64.88 -28.62 90.86
C ILE E 79 65.71 -27.54 90.17
N ILE E 80 66.63 -26.90 90.88
CA ILE E 80 67.42 -25.86 90.21
C ILE E 80 68.33 -26.48 89.16
N ASN E 81 68.96 -27.63 89.45
CA ASN E 81 69.78 -28.25 88.42
C ASN E 81 68.94 -28.68 87.21
N CYS E 82 67.78 -29.30 87.46
CA CYS E 82 66.95 -29.76 86.35
C CYS E 82 66.48 -28.59 85.50
N LEU E 83 66.01 -27.52 86.15
CA LEU E 83 65.48 -26.37 85.44
C LEU E 83 66.58 -25.63 84.69
N THR E 84 67.77 -25.52 85.30
CA THR E 84 68.89 -24.90 84.62
C THR E 84 69.30 -25.69 83.39
N THR E 85 69.33 -27.02 83.50
CA THR E 85 69.66 -27.84 82.34
C THR E 85 68.61 -27.67 81.24
N ILE E 86 67.34 -27.64 81.61
CA ILE E 86 66.28 -27.49 80.62
C ILE E 86 66.37 -26.16 79.91
N TYR E 87 66.58 -25.07 80.65
CA TYR E 87 66.67 -23.77 80.01
C TYR E 87 67.98 -23.60 79.24
N ASP E 88 69.04 -24.29 79.65
CA ASP E 88 70.26 -24.31 78.85
C ASP E 88 70.04 -25.00 77.52
N ARG E 89 69.31 -26.12 77.52
CA ARG E 89 68.94 -26.77 76.27
C ARG E 89 68.07 -25.86 75.41
N LEU E 90 67.12 -25.16 76.04
CA LEU E 90 66.28 -24.24 75.30
C LEU E 90 67.11 -23.12 74.66
N GLU E 91 68.06 -22.57 75.41
CA GLU E 91 68.95 -21.56 74.85
C GLU E 91 69.78 -22.13 73.71
N GLN E 92 70.21 -23.39 73.83
CA GLN E 92 70.87 -24.05 72.71
C GLN E 92 69.97 -24.09 71.48
N GLU E 93 68.66 -24.25 71.70
CA GLU E 93 67.71 -24.22 70.59
C GLU E 93 67.18 -22.83 70.27
N HIS E 94 67.09 -21.95 71.26
CA HIS E 94 66.49 -20.62 71.13
C HIS E 94 67.43 -19.54 71.66
N ASN E 95 68.67 -19.54 71.15
CA ASN E 95 69.69 -18.62 71.64
C ASN E 95 69.24 -17.17 71.61
N ASN E 96 68.41 -16.79 70.64
CA ASN E 96 67.96 -15.40 70.53
C ASN E 96 66.76 -15.08 71.42
N LEU E 97 66.24 -16.04 72.17
CA LEU E 97 65.04 -15.80 72.96
C LEU E 97 65.10 -16.35 74.38
N VAL E 98 66.22 -16.91 74.82
CA VAL E 98 66.31 -17.54 76.14
C VAL E 98 67.50 -16.95 76.90
N ASN E 99 67.25 -16.49 78.12
CA ASN E 99 68.29 -16.07 79.06
C ASN E 99 68.22 -17.04 80.23
N VAL E 100 69.18 -17.97 80.28
CA VAL E 100 69.07 -19.09 81.23
C VAL E 100 69.00 -18.64 82.68
N PRO E 101 69.90 -17.79 83.19
CA PRO E 101 69.80 -17.43 84.62
C PRO E 101 68.51 -16.72 84.97
N LEU E 102 68.13 -15.70 84.19
CA LEU E 102 66.89 -14.99 84.46
C LEU E 102 65.69 -15.91 84.33
N CYS E 103 65.68 -16.79 83.31
CA CYS E 103 64.55 -17.68 83.11
C CYS E 103 64.40 -18.65 84.27
N VAL E 104 65.50 -19.25 84.73
CA VAL E 104 65.41 -20.21 85.82
C VAL E 104 65.03 -19.51 87.12
N ASP E 105 65.56 -18.31 87.36
CA ASP E 105 65.17 -17.54 88.53
C ASP E 105 63.68 -17.23 88.51
N MET E 106 63.17 -16.82 87.34
CA MET E 106 61.76 -16.48 87.20
C MET E 106 60.89 -17.71 87.48
N CYS E 107 61.23 -18.84 86.88
CA CYS E 107 60.42 -20.05 87.06
C CYS E 107 60.43 -20.51 88.51
N LEU E 108 61.62 -20.55 89.13
CA LEU E 108 61.71 -21.00 90.52
C LEU E 108 60.96 -20.06 91.44
N ASN E 109 61.10 -18.74 91.24
CA ASN E 109 60.40 -17.80 92.11
C ASN E 109 58.89 -17.89 91.91
N TRP E 110 58.43 -18.10 90.68
CA TRP E 110 57.01 -18.27 90.42
C TRP E 110 56.47 -19.48 91.18
N LEU E 111 57.16 -20.61 91.07
CA LEU E 111 56.72 -21.82 91.76
C LEU E 111 56.76 -21.64 93.27
N LEU E 112 57.81 -20.99 93.78
CA LEU E 112 57.91 -20.71 95.21
C LEU E 112 56.75 -19.87 95.69
N ASN E 113 56.37 -18.85 94.91
CA ASN E 113 55.25 -18.00 95.29
C ASN E 113 53.94 -18.79 95.29
N VAL E 114 53.75 -19.66 94.30
CA VAL E 114 52.42 -20.27 94.17
C VAL E 114 52.23 -21.43 95.14
N TYR E 115 53.23 -22.31 95.27
CA TYR E 115 52.99 -23.59 95.94
C TYR E 115 53.66 -23.74 97.29
N ASP E 116 54.56 -22.85 97.67
CA ASP E 116 55.35 -23.00 98.89
C ASP E 116 55.22 -21.76 99.77
N THR E 117 53.99 -21.33 100.02
CA THR E 117 53.74 -20.21 100.92
C THR E 117 54.11 -20.51 102.36
N GLY E 118 54.34 -21.77 102.70
CA GLY E 118 54.67 -22.17 104.07
C GLY E 118 56.10 -21.92 104.48
N ARG E 119 56.95 -21.43 103.59
CA ARG E 119 58.35 -21.12 103.89
C ARG E 119 59.09 -22.35 104.40
N THR E 120 59.18 -23.36 103.55
CA THR E 120 59.89 -24.59 103.88
C THR E 120 60.86 -25.05 102.82
N GLY E 121 60.87 -24.45 101.63
CA GLY E 121 61.76 -24.88 100.56
C GLY E 121 61.44 -26.24 99.98
N ARG E 122 60.28 -26.80 100.30
CA ARG E 122 59.88 -28.12 99.84
C ARG E 122 58.46 -28.05 99.32
N ILE E 123 58.19 -28.82 98.27
CA ILE E 123 56.86 -28.88 97.67
C ILE E 123 56.73 -30.23 96.97
N ARG E 124 55.51 -30.76 96.96
CA ARG E 124 55.26 -32.03 96.30
C ARG E 124 55.58 -31.94 94.82
N VAL E 125 56.30 -32.94 94.31
CA VAL E 125 56.70 -32.94 92.90
C VAL E 125 55.48 -33.03 91.99
N LEU E 126 54.40 -33.66 92.46
CA LEU E 126 53.18 -33.73 91.66
C LEU E 126 52.64 -32.33 91.39
N SER E 127 52.61 -31.49 92.41
CA SER E 127 52.20 -30.10 92.22
C SER E 127 53.13 -29.40 91.25
N PHE E 128 54.42 -29.67 91.34
CA PHE E 128 55.39 -29.06 90.43
C PHE E 128 55.07 -29.40 88.98
N LYS E 129 54.88 -30.68 88.68
CA LYS E 129 54.63 -31.05 87.29
C LYS E 129 53.27 -30.57 86.81
N THR E 130 52.25 -30.61 87.68
CA THR E 130 50.94 -30.10 87.28
C THR E 130 51.02 -28.61 86.94
N GLY E 131 51.71 -27.83 87.77
CA GLY E 131 51.84 -26.41 87.49
C GLY E 131 52.63 -26.13 86.23
N ILE E 132 53.77 -26.80 86.06
CA ILE E 132 54.62 -26.49 84.91
C ILE E 132 53.94 -26.96 83.62
N ILE E 133 53.08 -27.96 83.69
CA ILE E 133 52.38 -28.41 82.49
C ILE E 133 51.11 -27.59 82.23
N SER E 134 50.51 -27.03 83.27
CA SER E 134 49.40 -26.10 83.05
C SER E 134 49.88 -24.80 82.42
N LEU E 135 51.02 -24.29 82.88
CA LEU E 135 51.61 -23.12 82.24
C LEU E 135 52.11 -23.45 80.84
N CYS E 136 52.46 -24.71 80.60
CA CYS E 136 53.05 -25.10 79.32
C CYS E 136 52.08 -24.83 78.17
N LYS E 137 52.64 -24.37 77.05
CA LYS E 137 51.86 -24.15 75.84
C LYS E 137 51.93 -25.41 74.99
N ALA E 138 50.76 -25.94 74.63
CA ALA E 138 50.65 -27.15 73.83
C ALA E 138 49.22 -27.23 73.33
N HIS E 139 48.86 -28.39 72.76
CA HIS E 139 47.48 -28.63 72.35
C HIS E 139 46.68 -28.98 73.60
N LEU E 140 45.46 -29.47 73.42
CA LEU E 140 44.56 -29.72 74.54
C LEU E 140 44.51 -31.19 74.92
N GLU E 141 44.15 -32.05 73.97
CA GLU E 141 43.92 -33.46 74.27
C GLU E 141 45.18 -34.12 74.85
N ASP E 142 46.34 -33.78 74.29
CA ASP E 142 47.60 -34.29 74.82
C ASP E 142 47.78 -33.90 76.28
N LYS E 143 47.40 -32.66 76.63
CA LYS E 143 47.55 -32.20 78.00
C LYS E 143 46.74 -33.06 78.97
N TYR E 144 45.46 -33.27 78.66
CA TYR E 144 44.63 -34.05 79.57
C TYR E 144 45.05 -35.51 79.61
N ARG E 145 45.37 -36.11 78.47
CA ARG E 145 45.81 -37.50 78.51
C ARG E 145 47.09 -37.63 79.33
N TYR E 146 48.00 -36.65 79.21
CA TYR E 146 49.25 -36.70 79.96
C TYR E 146 49.00 -36.57 81.46
N LEU E 147 48.17 -35.62 81.88
CA LEU E 147 48.02 -35.47 83.32
C LEU E 147 47.21 -36.61 83.91
N PHE E 148 46.26 -37.16 83.15
CA PHE E 148 45.55 -38.34 83.62
C PHE E 148 46.50 -39.52 83.77
N LYS E 149 47.37 -39.73 82.79
CA LYS E 149 48.35 -40.80 82.88
C LYS E 149 49.28 -40.59 84.06
N GLN E 150 49.67 -39.33 84.30
CA GLN E 150 50.53 -39.02 85.43
C GLN E 150 49.84 -39.36 86.76
N VAL E 151 48.56 -39.02 86.88
CA VAL E 151 47.86 -39.32 88.12
C VAL E 151 47.44 -40.79 88.20
N ALA E 152 47.02 -41.37 87.07
CA ALA E 152 46.57 -42.76 87.10
C ALA E 152 47.75 -43.71 87.22
N SER E 153 47.47 -44.91 87.71
CA SER E 153 48.49 -45.93 87.90
C SER E 153 48.79 -46.59 86.55
N SER E 154 49.53 -47.70 86.58
CA SER E 154 49.83 -48.42 85.35
C SER E 154 48.56 -48.95 84.70
N THR E 155 47.52 -49.20 85.49
CA THR E 155 46.23 -49.64 84.95
C THR E 155 45.40 -48.49 84.40
N GLY E 156 45.85 -47.25 84.55
CA GLY E 156 45.07 -46.11 84.12
C GLY E 156 43.82 -45.87 84.92
N PHE E 157 43.91 -45.95 86.26
CA PHE E 157 42.78 -45.75 87.14
C PHE E 157 43.09 -44.63 88.12
N CYS E 158 42.10 -43.75 88.33
CA CYS E 158 42.23 -42.61 89.24
C CYS E 158 41.05 -42.61 90.20
N ASP E 159 41.35 -42.58 91.50
CA ASP E 159 40.31 -42.64 92.52
C ASP E 159 39.92 -41.24 92.96
N GLN E 160 39.04 -41.16 93.97
CA GLN E 160 38.56 -39.86 94.44
C GLN E 160 39.67 -39.03 95.06
N ARG E 161 40.56 -39.67 95.83
CA ARG E 161 41.65 -38.93 96.47
C ARG E 161 42.57 -38.31 95.43
N ARG E 162 42.91 -39.07 94.39
CA ARG E 162 43.80 -38.56 93.35
C ARG E 162 43.21 -37.32 92.68
N LEU E 163 41.95 -37.41 92.26
CA LEU E 163 41.33 -36.26 91.60
C LEU E 163 41.16 -35.10 92.57
N GLY E 164 41.01 -35.39 93.86
CA GLY E 164 41.01 -34.31 94.84
C GLY E 164 42.34 -33.58 94.88
N LEU E 165 43.44 -34.32 94.85
CA LEU E 165 44.76 -33.68 94.81
C LEU E 165 44.92 -32.85 93.53
N LEU E 166 44.49 -33.38 92.39
CA LEU E 166 44.58 -32.60 91.16
C LEU E 166 43.72 -31.35 91.22
N LEU E 167 42.51 -31.45 91.78
CA LEU E 167 41.67 -30.28 91.91
C LEU E 167 42.34 -29.22 92.78
N HIS E 168 42.90 -29.63 93.91
CA HIS E 168 43.57 -28.67 94.80
C HIS E 168 44.76 -28.02 94.12
N ASP E 169 45.61 -28.83 93.46
CA ASP E 169 46.77 -28.28 92.78
C ASP E 169 46.36 -27.33 91.67
N SER E 170 45.24 -27.62 91.01
CA SER E 170 44.76 -26.73 89.96
C SER E 170 44.28 -25.41 90.53
N ILE E 171 43.45 -25.46 91.57
CA ILE E 171 42.92 -24.21 92.12
C ILE E 171 43.98 -23.43 92.87
N GLN E 172 45.15 -24.03 93.12
CA GLN E 172 46.24 -23.27 93.72
C GLN E 172 46.56 -22.01 92.92
N ILE E 173 46.53 -22.10 91.59
CA ILE E 173 46.87 -20.95 90.76
C ILE E 173 45.91 -19.78 90.97
N PRO E 174 44.58 -19.95 90.89
CA PRO E 174 43.70 -18.82 91.22
C PRO E 174 43.86 -18.33 92.65
N ARG E 175 44.21 -19.22 93.59
CA ARG E 175 44.44 -18.77 94.96
C ARG E 175 45.62 -17.81 95.05
N GLN E 176 46.66 -18.05 94.25
CA GLN E 176 47.79 -17.12 94.23
C GLN E 176 47.35 -15.73 93.84
N LEU E 177 46.40 -15.62 92.92
CA LEU E 177 45.99 -14.33 92.39
C LEU E 177 44.73 -13.82 93.10
N GLY E 178 44.26 -14.54 94.12
CA GLY E 178 43.16 -14.07 94.95
C GLY E 178 41.84 -13.97 94.24
N GLU E 179 41.49 -14.97 93.44
CA GLU E 179 40.20 -14.97 92.76
C GLU E 179 39.58 -16.37 92.75
N VAL E 180 40.05 -17.26 93.63
CA VAL E 180 39.54 -18.63 93.67
C VAL E 180 38.09 -18.68 94.12
N ALA E 181 37.60 -17.64 94.78
CA ALA E 181 36.21 -17.66 95.26
C ALA E 181 35.21 -17.75 94.11
N SER E 182 35.56 -17.19 92.95
CA SER E 182 34.65 -17.23 91.81
C SER E 182 34.43 -18.67 91.35
N PHE E 183 35.49 -19.47 91.31
CA PHE E 183 35.38 -20.87 90.90
C PHE E 183 34.90 -21.78 92.02
N GLY E 184 34.39 -21.22 93.11
CA GLY E 184 33.90 -22.00 94.22
C GLY E 184 34.84 -22.10 95.40
N GLY E 185 35.96 -21.41 95.38
CA GLY E 185 36.87 -21.43 96.51
C GLY E 185 37.66 -22.74 96.60
N SER E 186 38.27 -22.92 97.77
CA SER E 186 39.12 -24.09 98.02
C SER E 186 38.32 -25.37 98.19
N ASN E 187 37.01 -25.30 98.29
CA ASN E 187 36.19 -26.49 98.51
C ASN E 187 36.13 -27.35 97.26
N ILE E 188 37.01 -28.36 97.18
CA ILE E 188 37.03 -29.26 96.02
C ILE E 188 35.98 -30.35 96.10
N GLU E 189 35.38 -30.55 97.27
CA GLU E 189 34.40 -31.62 97.42
C GLU E 189 33.20 -31.52 96.49
N PRO E 190 32.58 -30.36 96.27
CA PRO E 190 31.47 -30.30 95.31
C PRO E 190 31.85 -30.74 93.91
N SER E 191 33.09 -30.48 93.48
CA SER E 191 33.53 -30.97 92.17
C SER E 191 33.54 -32.49 92.14
N VAL E 192 34.02 -33.12 93.22
CA VAL E 192 33.99 -34.57 93.31
C VAL E 192 32.55 -35.08 93.29
N ARG E 193 31.66 -34.40 94.01
CA ARG E 193 30.25 -34.81 94.01
C ARG E 193 29.67 -34.75 92.61
N SER E 194 29.95 -33.67 91.87
CA SER E 194 29.43 -33.54 90.52
C SER E 194 30.02 -34.62 89.60
N CYS E 195 31.32 -34.86 89.70
CA CYS E 195 31.95 -35.87 88.84
C CYS E 195 31.43 -37.27 89.14
N PHE E 196 31.10 -37.55 90.40
CA PHE E 196 30.51 -38.84 90.73
C PHE E 196 29.04 -38.92 90.32
N GLN E 197 28.32 -37.80 90.37
CA GLN E 197 26.95 -37.78 89.88
C GLN E 197 26.90 -38.06 88.39
N PHE E 198 27.86 -37.51 87.64
CA PHE E 198 27.96 -37.85 86.22
C PHE E 198 28.23 -39.35 86.07
N ALA E 199 29.20 -39.86 86.80
CA ALA E 199 29.65 -41.24 86.66
C ALA E 199 28.80 -42.23 87.44
N ASN E 200 27.56 -41.86 87.77
CA ASN E 200 26.62 -42.68 88.54
C ASN E 200 27.30 -43.40 89.70
N ASN E 201 28.17 -42.68 90.41
CA ASN E 201 28.91 -43.22 91.56
C ASN E 201 29.70 -44.47 91.19
N LYS E 202 30.39 -44.40 90.05
CA LYS E 202 31.24 -45.50 89.64
C LYS E 202 32.42 -45.64 90.60
N PRO E 203 32.88 -46.87 90.84
CA PRO E 203 34.00 -47.06 91.77
C PRO E 203 35.28 -46.35 91.32
N GLU E 204 35.51 -46.24 90.02
CA GLU E 204 36.74 -45.66 89.50
C GLU E 204 36.42 -44.79 88.30
N ILE E 205 37.34 -43.88 88.01
CA ILE E 205 37.19 -42.92 86.92
C ILE E 205 38.32 -43.15 85.91
N GLU E 206 37.97 -43.27 84.64
CA GLU E 206 38.94 -43.50 83.58
C GLU E 206 39.17 -42.21 82.78
N ALA E 207 39.97 -42.33 81.72
CA ALA E 207 40.34 -41.16 80.93
C ALA E 207 39.13 -40.58 80.20
N ALA E 208 38.39 -41.43 79.48
CA ALA E 208 37.31 -40.94 78.63
C ALA E 208 36.21 -40.29 79.45
N LEU E 209 35.87 -40.88 80.59
CA LEU E 209 34.85 -40.29 81.44
C LEU E 209 35.26 -38.90 81.91
N PHE E 210 36.53 -38.74 82.29
CA PHE E 210 37.03 -37.43 82.70
C PHE E 210 36.99 -36.44 81.54
N LEU E 211 37.35 -36.91 80.34
CA LEU E 211 37.29 -36.05 79.16
C LEU E 211 35.88 -35.53 78.94
N ASP E 212 34.89 -36.42 78.98
CA ASP E 212 33.50 -36.00 78.79
C ASP E 212 33.04 -35.10 79.92
N TRP E 213 33.51 -35.36 81.14
CA TRP E 213 33.09 -34.53 82.28
C TRP E 213 33.59 -33.10 82.13
N MET E 214 34.83 -32.93 81.69
CA MET E 214 35.35 -31.57 81.54
C MET E 214 34.95 -30.92 80.22
N ARG E 215 34.47 -31.70 79.26
CA ARG E 215 34.08 -31.07 78.00
C ARG E 215 32.78 -30.29 78.09
N LEU E 216 32.23 -30.10 79.29
CA LEU E 216 30.98 -29.38 79.51
C LEU E 216 31.17 -28.25 80.51
N GLU E 217 32.22 -27.46 80.30
CA GLU E 217 32.62 -26.27 81.08
C GLU E 217 32.42 -26.46 82.58
N PRO E 218 33.21 -27.30 83.24
CA PRO E 218 33.12 -27.39 84.70
C PRO E 218 33.46 -26.05 85.33
N GLN E 219 32.76 -25.74 86.42
CA GLN E 219 32.85 -24.40 87.00
C GLN E 219 34.26 -24.09 87.48
N SER E 220 34.94 -25.06 88.08
CA SER E 220 36.24 -24.84 88.66
C SER E 220 37.38 -24.86 87.65
N MET E 221 37.14 -25.30 86.42
CA MET E 221 38.21 -25.53 85.47
C MET E 221 38.18 -24.58 84.28
N VAL E 222 37.28 -23.59 84.30
CA VAL E 222 37.07 -22.72 83.14
C VAL E 222 38.34 -22.03 82.69
N TRP E 223 39.34 -21.94 83.56
CA TRP E 223 40.56 -21.22 83.23
C TRP E 223 41.50 -22.01 82.33
N LEU E 224 41.29 -23.33 82.17
CA LEU E 224 42.11 -24.06 81.21
C LEU E 224 41.68 -23.79 79.77
N PRO E 225 40.43 -24.06 79.36
CA PRO E 225 40.10 -23.83 77.94
C PRO E 225 40.16 -22.37 77.56
N VAL E 226 39.58 -21.49 78.38
CA VAL E 226 39.51 -20.07 78.04
C VAL E 226 40.90 -19.52 77.77
N LEU E 227 41.86 -19.87 78.63
CA LEU E 227 43.24 -19.50 78.37
C LEU E 227 43.66 -19.87 76.96
N HIS E 228 43.56 -21.15 76.61
CA HIS E 228 43.91 -21.57 75.26
C HIS E 228 43.11 -20.79 74.23
N ARG E 229 41.82 -20.58 74.51
CA ARG E 229 40.99 -19.81 73.60
C ARG E 229 41.55 -18.42 73.37
N VAL E 230 41.97 -17.77 74.45
CA VAL E 230 42.63 -16.47 74.30
C VAL E 230 43.90 -16.61 73.47
N ALA E 231 44.68 -17.67 73.75
CA ALA E 231 45.87 -17.93 72.96
C ALA E 231 45.54 -18.18 71.50
N ALA E 232 44.31 -18.59 71.21
CA ALA E 232 43.90 -18.81 69.83
C ALA E 232 43.36 -17.55 69.16
N ALA E 233 43.24 -16.45 69.89
CA ALA E 233 42.63 -15.24 69.35
C ALA E 233 43.47 -14.02 69.67
N GLU E 234 44.79 -14.14 69.56
CA GLU E 234 45.67 -13.00 69.70
C GLU E 234 46.19 -12.48 68.37
N THR E 235 45.98 -13.22 67.29
CA THR E 235 46.43 -12.82 65.96
C THR E 235 45.35 -13.09 64.92
N ALA E 236 44.09 -12.91 65.31
CA ALA E 236 42.96 -13.13 64.42
C ALA E 236 42.40 -11.78 63.99
N LYS E 237 42.26 -11.60 62.68
CA LYS E 237 41.75 -10.35 62.10
C LYS E 237 40.40 -10.63 61.46
N HIS E 238 39.39 -9.88 61.88
CA HIS E 238 38.03 -10.03 61.37
C HIS E 238 37.73 -8.95 60.35
N GLN E 239 36.73 -9.22 59.51
CA GLN E 239 36.26 -8.26 58.52
C GLN E 239 35.01 -7.57 59.08
N ALA E 240 35.23 -6.66 60.02
CA ALA E 240 34.13 -5.98 60.68
C ALA E 240 34.66 -4.70 61.31
N LYS E 241 33.82 -4.05 62.12
CA LYS E 241 34.18 -2.83 62.81
C LYS E 241 33.53 -2.81 64.18
N CYS E 242 34.10 -2.04 65.09
CA CYS E 242 33.53 -1.87 66.42
C CYS E 242 32.60 -0.66 66.41
N ASN E 243 31.35 -0.87 66.81
CA ASN E 243 30.35 0.18 66.74
C ASN E 243 30.56 1.26 67.79
N ILE E 244 31.49 1.10 68.72
CA ILE E 244 31.65 2.05 69.80
C ILE E 244 32.89 2.92 69.57
N CYS E 245 34.06 2.29 69.52
CA CYS E 245 35.31 3.02 69.36
C CYS E 245 35.75 3.16 67.92
N LYS E 246 34.93 2.68 66.97
CA LYS E 246 35.24 2.79 65.54
C LYS E 246 36.56 2.13 65.18
N GLU E 247 36.87 1.03 65.85
CA GLU E 247 38.01 0.22 65.47
C GLU E 247 37.74 -0.45 64.12
N CYS E 248 38.74 -0.47 63.27
CA CYS E 248 38.59 -1.12 61.97
C CYS E 248 39.95 -1.58 61.47
N PRO E 249 40.20 -2.89 61.41
CA PRO E 249 39.33 -3.99 61.81
C PRO E 249 39.53 -4.41 63.25
N ILE E 250 38.61 -5.21 63.80
CA ILE E 250 38.78 -5.73 65.15
C ILE E 250 39.92 -6.74 65.13
N ILE E 251 40.84 -6.61 66.08
CA ILE E 251 41.93 -7.56 66.27
C ILE E 251 41.72 -8.24 67.61
N GLY E 252 41.61 -9.56 67.59
CA GLY E 252 41.33 -10.31 68.80
C GLY E 252 39.93 -10.87 68.79
N PHE E 253 39.26 -10.81 69.93
CA PHE E 253 37.91 -11.35 70.04
C PHE E 253 36.94 -10.54 69.18
N ARG E 254 35.75 -11.09 69.01
CA ARG E 254 34.65 -10.36 68.39
C ARG E 254 33.37 -10.74 69.11
N TYR E 255 32.51 -9.75 69.36
CA TYR E 255 31.27 -9.98 70.08
C TYR E 255 30.11 -9.42 69.26
N ARG E 256 29.12 -10.25 68.99
CA ARG E 256 27.99 -9.92 68.14
C ARG E 256 26.71 -9.93 68.96
N SER E 257 25.87 -8.92 68.74
CA SER E 257 24.59 -8.85 69.42
C SER E 257 23.59 -9.78 68.75
N LEU E 258 22.49 -10.03 69.45
CA LEU E 258 21.45 -10.93 68.96
C LEU E 258 20.09 -10.27 68.82
N LYS E 259 19.79 -9.25 69.62
CA LYS E 259 18.50 -8.55 69.51
C LYS E 259 18.65 -7.23 68.75
N HIS E 260 19.65 -7.17 67.89
CA HIS E 260 19.94 -5.97 67.13
C HIS E 260 20.56 -6.39 65.81
N PHE E 261 20.61 -5.44 64.87
CA PHE E 261 21.18 -5.66 63.55
C PHE E 261 22.45 -4.83 63.40
N ASN E 262 23.46 -5.43 62.78
CA ASN E 262 24.70 -4.73 62.46
C ASN E 262 25.37 -4.15 63.71
N TYR E 263 25.41 -4.94 64.77
CA TYR E 263 26.03 -4.52 66.02
C TYR E 263 27.18 -5.46 66.37
N ASP E 264 28.37 -4.90 66.55
CA ASP E 264 29.54 -5.65 66.97
C ASP E 264 30.40 -4.77 67.86
N ILE E 265 31.14 -5.39 68.76
CA ILE E 265 31.99 -4.68 69.72
C ILE E 265 33.29 -5.45 69.91
N CYS E 266 34.36 -4.71 70.16
CA CYS E 266 35.67 -5.33 70.39
C CYS E 266 35.76 -5.87 71.81
N GLN E 267 36.86 -6.55 72.12
CA GLN E 267 37.03 -7.13 73.44
C GLN E 267 37.20 -6.06 74.50
N SER E 268 38.03 -5.05 74.23
CA SER E 268 38.25 -3.98 75.20
C SER E 268 36.98 -3.19 75.45
N CYS E 269 36.22 -2.90 74.40
CA CYS E 269 34.95 -2.21 74.56
C CYS E 269 33.94 -3.04 75.34
N PHE E 270 34.13 -4.36 75.41
CA PHE E 270 33.22 -5.25 76.11
C PHE E 270 33.57 -5.38 77.58
N PHE E 271 34.83 -5.70 77.88
CA PHE E 271 35.23 -5.88 79.27
C PHE E 271 35.17 -4.56 80.04
N SER E 272 35.60 -3.46 79.43
CA SER E 272 35.65 -2.18 80.12
C SER E 272 34.28 -1.57 80.31
N GLY E 273 33.39 -1.69 79.33
CA GLY E 273 32.06 -1.12 79.45
C GLY E 273 31.92 0.30 78.96
N ARG E 274 32.25 0.53 77.69
CA ARG E 274 31.97 1.81 77.04
C ARG E 274 30.47 1.88 76.77
N VAL E 275 29.73 2.49 77.70
CA VAL E 275 28.28 2.49 77.63
C VAL E 275 27.79 3.61 76.70
N ALA E 276 27.62 3.29 75.43
CA ALA E 276 27.03 4.25 74.50
C ALA E 276 25.54 4.41 74.80
N LYS E 277 25.05 5.66 74.72
CA LYS E 277 23.67 5.95 75.04
C LYS E 277 22.74 5.32 74.02
N GLY E 278 21.70 4.64 74.51
CA GLY E 278 20.71 4.05 73.64
C GLY E 278 20.58 2.55 73.78
N HIS E 279 21.71 1.87 73.97
CA HIS E 279 21.74 0.41 74.05
C HIS E 279 22.58 -0.03 75.23
N LYS E 280 22.08 -0.98 76.01
CA LYS E 280 22.78 -1.52 77.16
C LYS E 280 23.52 -2.79 76.77
N MET E 281 24.31 -3.30 77.72
CA MET E 281 25.14 -4.49 77.50
C MET E 281 24.69 -5.67 78.35
N HIS E 282 23.43 -5.68 78.79
CA HIS E 282 22.88 -6.79 79.58
C HIS E 282 21.97 -7.67 78.75
N TYR E 283 22.33 -7.89 77.49
CA TYR E 283 21.59 -8.71 76.54
C TYR E 283 22.47 -9.86 76.06
N PRO E 284 21.88 -10.95 75.57
CA PRO E 284 22.68 -12.08 75.10
C PRO E 284 23.63 -11.68 73.98
N MET E 285 24.84 -12.24 74.03
CA MET E 285 25.89 -11.95 73.07
C MET E 285 26.38 -13.25 72.44
N VAL E 286 27.19 -13.12 71.40
CA VAL E 286 27.82 -14.26 70.75
C VAL E 286 29.30 -13.95 70.61
N GLU E 287 30.15 -14.90 71.00
CA GLU E 287 31.59 -14.70 71.02
C GLU E 287 32.24 -15.45 69.86
N TYR E 288 33.14 -14.78 69.15
CA TYR E 288 33.87 -15.35 68.03
C TYR E 288 35.35 -15.11 68.22
N CYS E 289 36.16 -16.17 68.11
CA CYS E 289 37.61 -16.07 68.18
C CYS E 289 38.22 -16.10 66.78
N THR E 290 37.96 -17.16 66.03
CA THR E 290 38.40 -17.28 64.65
C THR E 290 37.53 -16.42 63.73
N PRO E 291 38.06 -16.01 62.58
CA PRO E 291 37.22 -15.27 61.63
C PRO E 291 36.02 -16.10 61.20
N THR E 292 34.88 -15.42 61.08
CA THR E 292 33.63 -16.12 60.81
C THR E 292 33.50 -16.48 59.34
N THR E 293 32.51 -17.31 59.04
CA THR E 293 32.20 -17.74 57.69
C THR E 293 30.78 -17.32 57.34
N SER E 294 30.43 -17.47 56.06
CA SER E 294 29.12 -17.01 55.57
C SER E 294 27.98 -17.75 56.25
N GLY E 295 28.13 -19.06 56.45
CA GLY E 295 27.08 -19.82 57.11
C GLY E 295 26.78 -19.32 58.51
N GLU E 296 27.84 -18.97 59.26
CA GLU E 296 27.63 -18.42 60.58
C GLU E 296 26.90 -17.08 60.51
N ASP E 297 27.22 -16.25 59.51
CA ASP E 297 26.56 -14.96 59.37
C ASP E 297 25.07 -15.13 59.08
N VAL E 298 24.72 -16.01 58.14
CA VAL E 298 23.31 -16.18 57.82
C VAL E 298 22.56 -16.83 58.98
N ARG E 299 23.22 -17.75 59.70
CA ARG E 299 22.58 -18.34 60.87
C ARG E 299 22.34 -17.29 61.95
N ASP E 300 23.29 -16.37 62.13
CA ASP E 300 23.08 -15.27 63.08
C ASP E 300 21.93 -14.38 62.63
N PHE E 301 21.83 -14.11 61.33
CA PHE E 301 20.71 -13.34 60.81
C PHE E 301 19.38 -14.01 61.13
N ALA E 302 19.32 -15.32 60.91
CA ALA E 302 18.09 -16.07 61.19
C ALA E 302 17.76 -16.04 62.68
N LYS E 303 18.78 -16.17 63.52
CA LYS E 303 18.54 -16.12 64.97
C LYS E 303 18.03 -14.76 65.39
N VAL E 304 18.58 -13.68 64.82
CA VAL E 304 18.10 -12.34 65.12
C VAL E 304 16.65 -12.18 64.70
N LEU E 305 16.32 -12.67 63.49
CA LEU E 305 14.94 -12.56 63.02
C LEU E 305 13.98 -13.34 63.91
N LYS E 306 14.37 -14.54 64.32
CA LYS E 306 13.52 -15.34 65.21
C LYS E 306 13.35 -14.66 66.56
N ASN E 307 14.43 -14.10 67.11
CA ASN E 307 14.35 -13.42 68.39
C ASN E 307 13.50 -12.16 68.30
N LYS E 308 13.45 -11.52 67.14
CA LYS E 308 12.65 -10.31 66.99
C LYS E 308 11.16 -10.57 67.20
N PHE E 309 10.71 -11.82 67.10
CA PHE E 309 9.33 -12.18 67.35
C PHE E 309 9.16 -13.00 68.62
N ARG E 310 10.16 -12.98 69.50
CA ARG E 310 10.13 -13.66 70.78
C ARG E 310 10.45 -12.67 71.91
N THR E 311 9.76 -11.53 71.87
CA THR E 311 9.97 -10.43 72.81
C THR E 311 9.29 -10.69 74.15
N LYS E 312 9.11 -9.62 74.93
CA LYS E 312 8.47 -9.60 76.24
C LYS E 312 9.34 -10.22 77.34
N ARG E 313 10.66 -10.26 77.14
CA ARG E 313 11.62 -10.54 78.22
C ARG E 313 11.31 -11.88 78.90
N TYR E 314 11.48 -12.95 78.12
CA TYR E 314 11.27 -14.30 78.66
C TYR E 314 12.28 -14.60 79.77
N PHE E 315 13.52 -14.17 79.60
CA PHE E 315 14.56 -14.37 80.62
C PHE E 315 15.45 -13.14 80.66
N ALA E 316 15.76 -12.67 81.87
CA ALA E 316 16.58 -11.48 82.06
C ALA E 316 17.64 -11.75 83.11
N LYS E 317 18.82 -11.14 82.90
CA LYS E 317 19.96 -11.26 83.83
C LYS E 317 20.62 -9.89 83.91
N HIS E 318 20.21 -9.10 84.90
CA HIS E 318 20.79 -7.77 85.10
C HIS E 318 22.14 -7.83 85.85
N PRO E 319 22.25 -8.52 86.98
CA PRO E 319 23.56 -8.60 87.65
C PRO E 319 24.52 -9.50 86.87
N ARG E 320 25.81 -9.30 87.14
CA ARG E 320 26.83 -10.08 86.43
C ARG E 320 26.97 -11.47 87.03
N MET E 321 27.44 -11.55 88.28
CA MET E 321 27.51 -12.80 89.04
C MET E 321 28.45 -13.81 88.39
N GLY E 322 29.02 -13.46 87.23
CA GLY E 322 29.82 -14.40 86.47
C GLY E 322 29.16 -14.78 85.16
N TYR E 323 29.64 -14.22 84.06
CA TYR E 323 29.06 -14.41 82.73
C TYR E 323 30.15 -14.88 81.77
N LEU E 324 30.90 -15.87 82.21
CA LEU E 324 32.03 -16.40 81.45
C LEU E 324 31.61 -17.29 80.29
N PRO E 325 30.81 -18.35 80.51
CA PRO E 325 30.49 -19.20 79.34
C PRO E 325 29.46 -18.55 78.42
N VAL E 326 29.94 -17.65 77.56
CA VAL E 326 29.05 -16.90 76.68
C VAL E 326 28.45 -17.81 75.62
N GLN E 327 29.31 -18.40 74.78
CA GLN E 327 28.84 -19.29 73.73
C GLN E 327 30.02 -20.11 73.23
N THR E 328 29.72 -21.31 72.74
CA THR E 328 30.74 -22.23 72.25
C THR E 328 30.88 -22.14 70.75
N VAL E 329 32.12 -22.07 70.27
CA VAL E 329 32.40 -21.97 68.85
C VAL E 329 32.73 -23.33 68.22
N LEU E 330 33.08 -24.33 69.03
CA LEU E 330 33.38 -25.67 68.54
C LEU E 330 34.49 -25.65 67.48
N GLU E 331 35.48 -24.78 67.68
CA GLU E 331 36.62 -24.59 66.78
C GLU E 331 36.27 -24.68 65.31
N GLY F 1 36.61 2.72 53.43
CA GLY F 1 35.66 1.81 54.05
C GLY F 1 35.45 0.55 53.25
N ILE F 2 34.19 0.09 53.21
CA ILE F 2 33.81 -1.11 52.47
C ILE F 2 34.57 -2.31 53.00
N TYR F 3 34.25 -2.74 54.21
CA TYR F 3 34.99 -3.84 54.84
C TYR F 3 34.46 -5.20 54.39
N GLY F 4 33.24 -5.54 54.78
CA GLY F 4 32.77 -6.90 54.66
C GLY F 4 31.60 -7.08 53.72
N TRP F 5 30.42 -7.34 54.29
CA TRP F 5 29.25 -7.62 53.47
C TRP F 5 28.93 -6.48 52.52
N ARG F 6 29.33 -5.26 52.88
CA ARG F 6 29.13 -4.14 51.96
C ARG F 6 29.89 -4.35 50.66
N LYS F 7 31.11 -4.88 50.73
CA LYS F 7 31.87 -5.16 49.52
C LYS F 7 31.19 -6.25 48.69
N ARG F 8 30.72 -7.31 49.34
CA ARG F 8 30.10 -8.41 48.62
C ARG F 8 28.69 -8.08 48.15
N CYS F 9 28.13 -6.95 48.56
CA CYS F 9 26.90 -6.46 47.93
C CYS F 9 27.21 -5.47 46.81
N LEU F 10 28.22 -4.62 47.01
CA LEU F 10 28.59 -3.66 45.97
C LEU F 10 29.09 -4.37 44.72
N TYR F 11 29.88 -5.43 44.88
CA TYR F 11 30.36 -6.17 43.72
C TYR F 11 29.21 -6.76 42.92
N LEU F 12 28.24 -7.37 43.61
CA LEU F 12 27.09 -7.94 42.92
C LEU F 12 26.28 -6.86 42.23
N PHE F 13 26.13 -5.70 42.88
CA PHE F 13 25.39 -4.60 42.26
C PHE F 13 26.08 -4.13 40.99
N VAL F 14 27.41 -4.00 41.03
CA VAL F 14 28.15 -3.56 39.84
C VAL F 14 28.01 -4.60 38.73
N LEU F 15 28.09 -5.88 39.07
CA LEU F 15 27.94 -6.93 38.06
C LEU F 15 26.55 -6.87 37.41
N LEU F 16 25.51 -6.70 38.21
CA LEU F 16 24.16 -6.60 37.67
C LEU F 16 24.02 -5.38 36.76
N LEU F 17 24.60 -4.25 37.17
CA LEU F 17 24.54 -3.06 36.32
C LEU F 17 25.26 -3.28 35.01
N LEU F 18 26.42 -3.95 35.04
CA LEU F 18 27.14 -4.22 33.81
C LEU F 18 26.34 -5.11 32.88
N ALA F 19 25.69 -6.15 33.42
CA ALA F 19 24.87 -7.02 32.58
C ALA F 19 23.71 -6.25 31.95
N ILE F 20 23.04 -5.42 32.74
CA ILE F 20 21.93 -4.64 32.20
C ILE F 20 22.41 -3.70 31.10
N LEU F 21 23.56 -3.05 31.32
CA LEU F 21 24.10 -2.14 30.32
C LEU F 21 24.46 -2.87 29.03
N VAL F 22 25.02 -4.08 29.14
CA VAL F 22 25.34 -4.85 27.94
C VAL F 22 24.08 -5.19 27.17
N VAL F 23 23.02 -5.62 27.88
CA VAL F 23 21.77 -5.93 27.19
C VAL F 23 21.21 -4.69 26.50
N ASN F 24 21.26 -3.54 27.17
CA ASN F 24 20.76 -2.31 26.57
C ASN F 24 21.55 -1.94 25.32
N LEU F 25 22.87 -2.09 25.37
CA LEU F 25 23.69 -1.79 24.20
C LEU F 25 23.35 -2.73 23.04
N ALA F 26 23.10 -4.00 23.34
CA ALA F 26 22.68 -4.92 22.28
C ALA F 26 21.36 -4.48 21.66
N LEU F 27 20.40 -4.07 22.48
CA LEU F 27 19.13 -3.61 21.95
C LEU F 27 19.33 -2.39 21.05
N THR F 28 20.18 -1.46 21.47
CA THR F 28 20.44 -0.27 20.64
C THR F 28 21.08 -0.65 19.31
N ILE F 29 22.03 -1.59 19.33
CA ILE F 29 22.65 -2.02 18.07
C ILE F 29 21.62 -2.71 17.17
N TRP F 30 20.73 -3.50 17.77
CA TRP F 30 19.69 -4.14 16.98
C TRP F 30 18.79 -3.09 16.31
N ILE F 31 18.43 -2.04 17.04
CA ILE F 31 17.62 -0.97 16.45
C ILE F 31 18.38 -0.30 15.31
N LEU F 32 19.66 0.01 15.53
CA LEU F 32 20.46 0.66 14.49
C LEU F 32 20.65 -0.22 13.27
N LYS F 33 20.53 -1.54 13.41
CA LYS F 33 20.71 -2.40 12.25
C LYS F 33 19.40 -2.73 11.53
N VAL F 34 18.29 -2.83 12.25
CA VAL F 34 17.01 -3.07 11.59
C VAL F 34 16.62 -1.87 10.75
N MET F 35 16.71 -0.67 11.33
CA MET F 35 16.53 0.58 10.58
C MET F 35 17.89 0.99 10.03
N TRP F 36 18.01 1.10 8.71
CA TRP F 36 19.28 1.50 8.16
C TRP F 36 19.51 2.96 8.54
N PHE F 37 20.18 3.20 9.66
CA PHE F 37 20.21 4.54 10.23
C PHE F 37 21.32 5.36 9.60
N SER F 38 20.98 6.59 9.23
CA SER F 38 21.89 7.60 8.71
C SER F 38 21.58 8.91 9.40
N PRO F 39 22.53 9.85 9.42
CA PRO F 39 22.24 11.15 10.07
C PRO F 39 21.06 11.88 9.46
N ILE F 40 20.73 11.61 8.20
CA ILE F 40 19.60 12.28 7.57
C ILE F 40 18.28 11.53 7.81
N GLY F 41 18.30 10.20 7.77
CA GLY F 41 17.07 9.46 7.98
C GLY F 41 17.31 7.97 7.83
N MET F 42 16.21 7.22 7.90
CA MET F 42 16.25 5.77 7.82
C MET F 42 16.58 5.34 6.40
N GLY F 43 17.79 4.85 6.20
CA GLY F 43 18.18 4.40 4.86
C GLY F 43 18.14 5.56 3.88
N HIS F 44 17.37 5.39 2.81
CA HIS F 44 17.13 6.47 1.87
C HIS F 44 15.86 7.24 2.19
N LEU F 45 15.05 6.78 3.14
CA LEU F 45 13.82 7.45 3.54
C LEU F 45 14.17 8.65 4.40
N HIS F 46 14.45 9.77 3.74
CA HIS F 46 14.77 10.99 4.45
C HIS F 46 13.56 11.49 5.22
N VAL F 47 13.80 11.96 6.44
CA VAL F 47 12.74 12.43 7.33
C VAL F 47 13.04 13.86 7.72
N THR F 48 12.05 14.74 7.56
CA THR F 48 12.16 16.13 7.98
C THR F 48 10.87 16.53 8.71
N ALA F 49 10.81 17.78 9.15
CA ALA F 49 9.66 18.25 9.89
C ALA F 49 8.40 18.24 9.04
N ASP F 50 8.52 18.66 7.78
CA ASP F 50 7.34 18.75 6.92
C ASP F 50 6.75 17.38 6.63
N GLY F 51 7.58 16.38 6.39
CA GLY F 51 7.08 15.04 6.10
C GLY F 51 8.19 14.13 5.66
N LEU F 52 7.80 13.02 5.05
CA LEU F 52 8.73 12.01 4.60
C LEU F 52 9.27 12.34 3.21
N ARG F 53 10.13 11.45 2.70
CA ARG F 53 10.70 11.57 1.36
C ARG F 53 11.41 10.27 1.05
N LEU F 54 11.53 9.95 -0.23
CA LEU F 54 12.17 8.73 -0.67
C LEU F 54 13.19 9.02 -1.76
N GLU F 55 14.01 8.01 -2.04
CA GLU F 55 14.97 8.08 -3.15
C GLU F 55 15.13 6.66 -3.68
N GLY F 56 14.35 6.33 -4.71
CA GLY F 56 14.36 5.02 -5.31
C GLY F 56 12.96 4.46 -5.38
N GLU F 57 12.86 3.16 -5.59
CA GLU F 57 11.58 2.49 -5.73
C GLU F 57 10.95 2.27 -4.36
N SER F 58 9.72 1.75 -4.38
CA SER F 58 9.03 1.39 -3.14
C SER F 58 7.99 0.33 -3.48
N GLU F 59 8.33 -0.93 -3.22
CA GLU F 59 7.39 -2.02 -3.46
C GLU F 59 6.22 -1.95 -2.49
N PHE F 60 5.08 -2.47 -2.92
CA PHE F 60 3.86 -2.41 -2.12
C PHE F 60 3.08 -3.69 -2.31
N LEU F 61 2.91 -4.46 -1.25
CA LEU F 61 1.96 -5.56 -1.22
C LEU F 61 0.68 -5.09 -0.53
N PHE F 62 -0.43 -5.74 -0.88
CA PHE F 62 -1.75 -5.48 -0.30
C PHE F 62 -2.25 -4.10 -0.72
N PRO F 63 -3.55 -3.82 -0.59
CA PRO F 63 -4.10 -2.56 -1.14
C PRO F 63 -3.46 -1.33 -0.51
N LEU F 64 -3.74 -0.19 -1.13
CA LEU F 64 -3.17 1.10 -0.74
C LEU F 64 -4.33 2.08 -0.66
N TYR F 65 -4.74 2.42 0.57
CA TYR F 65 -5.91 3.27 0.77
C TYR F 65 -5.48 4.73 0.97
N ALA F 66 -4.97 5.30 -0.11
CA ALA F 66 -4.57 6.70 -0.08
C ALA F 66 -5.79 7.61 -0.08
N LYS F 67 -5.54 8.89 0.26
CA LYS F 67 -6.60 9.89 0.28
C LYS F 67 -6.64 10.72 -1.00
N GLU F 68 -5.49 11.22 -1.45
CA GLU F 68 -5.44 12.03 -2.67
C GLU F 68 -4.03 11.93 -3.25
N ILE F 69 -3.88 11.15 -4.32
CA ILE F 69 -2.60 11.04 -4.99
C ILE F 69 -2.30 12.34 -5.72
N ARG F 70 -1.07 12.79 -5.65
CA ARG F 70 -0.64 14.00 -6.32
C ARG F 70 0.52 13.67 -7.25
N SER F 71 1.10 14.71 -7.86
CA SER F 71 2.20 14.54 -8.78
C SER F 71 3.27 15.58 -8.47
N ARG F 72 4.51 15.25 -8.85
CA ARG F 72 5.62 16.16 -8.63
C ARG F 72 5.46 17.42 -9.45
N VAL F 73 6.05 18.52 -8.97
CA VAL F 73 5.97 19.77 -9.70
C VAL F 73 6.78 19.71 -10.98
N ASP F 74 7.95 19.07 -10.93
CA ASP F 74 8.88 19.07 -12.06
C ASP F 74 8.66 17.92 -13.04
N SER F 75 7.76 16.98 -12.74
CA SER F 75 7.56 15.82 -13.60
C SER F 75 6.08 15.51 -13.69
N SER F 76 5.71 14.81 -14.75
CA SER F 76 4.34 14.42 -15.00
C SER F 76 4.10 13.02 -14.47
N LEU F 77 3.05 12.85 -13.66
CA LEU F 77 2.69 11.53 -13.17
C LEU F 77 2.35 10.62 -14.34
N LEU F 78 2.91 9.40 -14.33
CA LEU F 78 2.78 8.48 -15.46
C LEU F 78 2.40 7.10 -14.92
N LEU F 79 1.11 6.85 -14.79
CA LEU F 79 0.63 5.52 -14.46
C LEU F 79 0.87 4.58 -15.63
N GLN F 80 1.19 3.33 -15.33
CA GLN F 80 1.57 2.38 -16.37
C GLN F 80 1.14 0.98 -15.96
N SER F 81 1.09 0.10 -16.95
CA SER F 81 0.75 -1.30 -16.73
C SER F 81 1.23 -2.10 -17.94
N THR F 82 0.81 -3.35 -18.01
CA THR F 82 1.12 -4.22 -19.13
C THR F 82 -0.12 -4.86 -19.72
N GLN F 83 -1.12 -5.20 -18.90
CA GLN F 83 -2.36 -5.77 -19.39
C GLN F 83 -3.42 -4.70 -19.65
N ASN F 84 -3.80 -3.96 -18.61
CA ASN F 84 -4.85 -2.97 -18.71
C ASN F 84 -4.75 -2.04 -17.51
N VAL F 85 -5.40 -0.89 -17.62
CA VAL F 85 -5.53 0.04 -16.51
C VAL F 85 -7.01 0.28 -16.29
N THR F 86 -7.52 -0.13 -15.13
CA THR F 86 -8.94 -0.12 -14.85
C THR F 86 -9.24 0.92 -13.78
N VAL F 87 -10.21 1.80 -14.05
CA VAL F 87 -10.70 2.77 -13.08
C VAL F 87 -12.17 2.48 -12.85
N SER F 88 -12.56 2.26 -11.60
CA SER F 88 -13.91 1.85 -11.26
C SER F 88 -14.56 2.87 -10.33
N ALA F 89 -15.85 2.69 -10.12
CA ALA F 89 -16.60 3.49 -9.17
C ALA F 89 -17.73 2.63 -8.61
N ARG F 90 -18.23 3.04 -7.45
CA ARG F 90 -19.22 2.23 -6.73
C ARG F 90 -20.39 3.11 -6.31
N ASN F 91 -21.56 2.49 -6.25
CA ASN F 91 -22.78 3.16 -5.82
C ASN F 91 -22.88 3.11 -4.31
N SER F 92 -24.06 3.45 -3.78
CA SER F 92 -24.26 3.39 -2.33
C SER F 92 -24.24 1.96 -1.80
N GLU F 93 -24.42 0.96 -2.66
CA GLU F 93 -24.40 -0.43 -2.25
C GLU F 93 -23.03 -1.07 -2.39
N GLY F 94 -22.01 -0.30 -2.74
CA GLY F 94 -20.68 -0.85 -2.92
C GLY F 94 -20.57 -1.81 -4.09
N GLU F 95 -21.23 -1.50 -5.20
CA GLU F 95 -21.20 -2.33 -6.40
C GLU F 95 -20.67 -1.51 -7.57
N VAL F 96 -19.85 -2.15 -8.40
CA VAL F 96 -19.28 -1.47 -9.56
C VAL F 96 -20.39 -1.25 -10.58
N THR F 97 -20.57 0.00 -11.01
CA THR F 97 -21.57 0.34 -12.00
C THR F 97 -20.97 0.98 -13.25
N GLY F 98 -20.07 1.94 -13.08
CA GLY F 98 -19.38 2.58 -14.20
C GLY F 98 -17.88 2.41 -14.06
N ARG F 99 -17.21 2.22 -15.19
CA ARG F 99 -15.78 1.98 -15.15
C ARG F 99 -15.18 2.29 -16.51
N VAL F 100 -13.99 2.89 -16.51
CA VAL F 100 -13.22 3.08 -17.73
C VAL F 100 -12.05 2.10 -17.69
N LYS F 101 -11.58 1.73 -18.87
CA LYS F 101 -10.54 0.71 -18.97
C LYS F 101 -9.65 1.04 -20.16
N VAL F 102 -8.40 1.42 -19.89
CA VAL F 102 -7.39 1.56 -20.93
C VAL F 102 -6.86 0.16 -21.21
N GLY F 103 -7.36 -0.45 -22.28
CA GLY F 103 -7.04 -1.83 -22.61
C GLY F 103 -5.87 -1.94 -23.56
N ALA F 104 -5.83 -3.07 -24.27
CA ALA F 104 -4.70 -3.35 -25.15
C ALA F 104 -4.69 -2.44 -26.37
N GLN F 105 -5.85 -2.20 -26.98
CA GLN F 105 -5.88 -1.44 -28.22
C GLN F 105 -6.93 -0.33 -28.19
N MET F 106 -7.97 -0.47 -27.38
CA MET F 106 -9.04 0.50 -27.33
C MET F 106 -9.36 0.88 -25.89
N VAL F 107 -9.80 2.12 -25.71
CA VAL F 107 -10.21 2.62 -24.40
C VAL F 107 -11.71 2.41 -24.28
N GLU F 108 -12.11 1.55 -23.36
CA GLU F 108 -13.52 1.17 -23.23
C GLU F 108 -14.13 1.88 -22.02
N VAL F 109 -15.19 2.63 -22.26
CA VAL F 109 -15.93 3.32 -21.20
C VAL F 109 -17.27 2.63 -21.05
N GLN F 110 -17.52 2.05 -19.88
CA GLN F 110 -18.74 1.31 -19.61
C GLN F 110 -19.52 2.03 -18.52
N SER F 111 -20.56 2.74 -18.91
CA SER F 111 -21.38 3.49 -17.96
C SER F 111 -22.76 3.67 -18.58
N GLN F 112 -23.60 4.46 -17.92
CA GLN F 112 -24.96 4.67 -18.36
C GLN F 112 -25.18 5.97 -19.12
N HIS F 113 -24.26 6.94 -19.00
CA HIS F 113 -24.46 8.24 -19.63
C HIS F 113 -23.09 8.90 -19.79
N PHE F 114 -22.57 8.87 -21.01
CA PHE F 114 -21.29 9.52 -21.32
C PHE F 114 -21.55 10.96 -21.75
N GLN F 115 -20.73 11.88 -21.25
CA GLN F 115 -20.96 13.28 -21.55
C GLN F 115 -19.64 14.02 -21.62
N ILE F 116 -19.58 14.99 -22.52
CA ILE F 116 -18.43 15.88 -22.69
C ILE F 116 -18.94 17.31 -22.57
N ASN F 117 -18.35 18.07 -21.65
CA ASN F 117 -18.78 19.42 -21.33
C ASN F 117 -17.68 20.41 -21.66
N SER F 118 -18.04 21.69 -21.64
CA SER F 118 -17.08 22.76 -21.73
C SER F 118 -16.46 23.01 -20.35
N GLU F 119 -15.43 23.86 -20.32
CA GLU F 119 -14.75 24.14 -19.06
C GLU F 119 -15.70 24.76 -18.05
N ASP F 120 -16.53 25.71 -18.49
CA ASP F 120 -17.51 26.31 -17.59
C ASP F 120 -18.55 25.29 -17.14
N GLY F 121 -19.02 24.45 -18.06
CA GLY F 121 -20.02 23.46 -17.71
C GLY F 121 -21.09 23.29 -18.76
N LYS F 122 -21.04 24.10 -19.82
CA LYS F 122 -22.02 23.99 -20.89
C LYS F 122 -21.85 22.66 -21.60
N PRO F 123 -22.94 21.92 -21.83
CA PRO F 123 -22.82 20.62 -22.50
C PRO F 123 -22.30 20.79 -23.93
N LEU F 124 -21.56 19.78 -24.39
CA LEU F 124 -20.94 19.83 -25.69
C LEU F 124 -21.22 18.56 -26.48
N PHE F 125 -21.46 17.46 -25.77
CA PHE F 125 -21.74 16.18 -26.40
C PHE F 125 -22.28 15.24 -25.33
N SER F 126 -23.19 14.35 -25.71
CA SER F 126 -23.76 13.44 -24.73
C SER F 126 -24.34 12.22 -25.44
N ALA F 127 -23.88 11.04 -25.02
CA ALA F 127 -24.37 9.77 -25.55
C ALA F 127 -24.93 8.95 -24.40
N GLU F 128 -26.18 8.53 -24.53
CA GLU F 128 -26.83 7.70 -23.53
C GLU F 128 -27.69 6.67 -24.25
N GLU F 129 -28.53 5.97 -23.49
CA GLU F 129 -29.38 4.96 -24.09
C GLU F 129 -30.43 5.57 -25.01
N GLN F 130 -30.79 6.84 -24.79
CA GLN F 130 -31.88 7.43 -25.55
C GLN F 130 -31.44 7.71 -26.99
N ASP F 131 -30.46 8.60 -27.17
CA ASP F 131 -29.91 8.90 -28.49
C ASP F 131 -28.77 9.88 -28.27
N VAL F 132 -27.82 9.89 -29.20
CA VAL F 132 -26.68 10.81 -29.12
C VAL F 132 -27.15 12.24 -29.36
N VAL F 133 -26.56 13.18 -28.63
CA VAL F 133 -26.94 14.59 -28.73
C VAL F 133 -25.69 15.43 -28.86
N VAL F 134 -25.68 16.32 -29.85
CA VAL F 134 -24.58 17.27 -30.06
C VAL F 134 -25.11 18.64 -29.66
N GLY F 135 -24.50 19.23 -28.63
CA GLY F 135 -25.00 20.47 -28.07
C GLY F 135 -24.33 21.72 -28.58
N THR F 136 -23.18 21.57 -29.25
CA THR F 136 -22.47 22.75 -29.75
C THR F 136 -23.15 23.38 -30.94
N GLY F 137 -24.10 22.69 -31.58
CA GLY F 137 -24.79 23.25 -32.72
C GLY F 137 -23.99 23.27 -34.00
N ARG F 138 -23.08 22.32 -34.18
CA ARG F 138 -22.29 22.24 -35.41
C ARG F 138 -21.62 20.88 -35.48
N LEU F 139 -21.64 20.28 -36.66
CA LEU F 139 -20.97 19.02 -36.92
C LEU F 139 -20.11 19.17 -38.16
N ARG F 140 -19.09 18.31 -38.27
CA ARG F 140 -18.19 18.39 -39.41
C ARG F 140 -17.63 17.00 -39.68
N VAL F 141 -17.94 16.44 -40.84
CA VAL F 141 -17.43 15.14 -41.26
C VAL F 141 -16.31 15.38 -42.25
N THR F 142 -15.14 14.81 -41.96
CA THR F 142 -13.96 15.03 -42.79
C THR F 142 -13.70 13.88 -43.76
N GLY F 143 -14.66 12.98 -43.93
CA GLY F 143 -14.51 11.89 -44.86
C GLY F 143 -14.64 12.32 -46.30
N PRO F 144 -13.78 11.80 -47.18
CA PRO F 144 -13.87 12.15 -48.60
C PRO F 144 -15.18 11.78 -49.25
N GLU F 145 -15.82 10.69 -48.83
CA GLU F 145 -17.08 10.28 -49.43
C GLU F 145 -18.23 11.19 -49.02
N GLY F 146 -18.12 11.88 -47.90
CA GLY F 146 -19.14 12.83 -47.50
C GLY F 146 -20.44 12.18 -47.10
N ALA F 147 -21.44 13.03 -46.86
CA ALA F 147 -22.74 12.55 -46.43
C ALA F 147 -23.49 11.90 -47.61
N LEU F 148 -24.41 11.01 -47.27
CA LEU F 148 -25.23 10.31 -48.26
C LEU F 148 -26.68 10.34 -47.76
N PHE F 149 -27.41 11.39 -48.11
CA PHE F 149 -28.78 11.53 -47.65
C PHE F 149 -29.69 10.56 -48.38
N GLU F 150 -30.93 10.49 -47.93
CA GLU F 150 -31.88 9.51 -48.45
C GLU F 150 -33.00 10.15 -49.26
N HIS F 151 -33.75 11.09 -48.67
CA HIS F 151 -34.91 11.65 -49.37
C HIS F 151 -34.78 13.13 -49.65
N SER F 152 -34.60 13.97 -48.63
CA SER F 152 -34.63 15.42 -48.83
C SER F 152 -33.88 16.09 -47.70
N VAL F 153 -33.58 17.37 -47.91
CA VAL F 153 -32.91 18.20 -46.92
C VAL F 153 -33.62 19.54 -46.88
N GLU F 154 -33.87 20.04 -45.68
CA GLU F 154 -34.58 21.32 -45.51
C GLU F 154 -33.69 22.28 -44.73
N THR F 155 -33.02 23.19 -45.45
CA THR F 155 -32.19 24.23 -44.88
C THR F 155 -32.50 25.56 -45.54
N PRO F 156 -32.31 26.67 -44.83
CA PRO F 156 -32.51 27.99 -45.42
C PRO F 156 -31.27 28.65 -45.99
N LEU F 157 -30.12 27.97 -46.01
CA LEU F 157 -28.89 28.59 -46.48
C LEU F 157 -27.88 27.51 -46.83
N VAL F 158 -27.27 27.62 -48.01
CA VAL F 158 -26.23 26.71 -48.46
C VAL F 158 -24.98 27.54 -48.74
N ARG F 159 -23.89 27.22 -48.06
CA ARG F 159 -22.64 27.93 -48.21
C ARG F 159 -21.57 26.99 -48.77
N ALA F 160 -20.44 27.58 -49.16
CA ALA F 160 -19.27 26.81 -49.57
C ALA F 160 -18.08 27.35 -48.79
N ASP F 161 -17.91 26.85 -47.56
CA ASP F 161 -16.93 27.09 -46.50
C ASP F 161 -15.77 28.02 -46.92
N PRO F 162 -14.46 27.71 -46.65
CA PRO F 162 -13.41 28.42 -47.40
C PRO F 162 -12.98 27.77 -48.70
N PHE F 163 -13.76 26.81 -49.24
CA PHE F 163 -13.38 26.24 -50.52
C PHE F 163 -13.58 27.20 -51.68
N GLN F 164 -14.41 28.24 -51.50
CA GLN F 164 -14.60 29.30 -52.50
C GLN F 164 -15.06 28.75 -53.84
N ASP F 165 -15.82 27.66 -53.84
CA ASP F 165 -16.33 27.10 -55.09
C ASP F 165 -17.47 26.14 -54.78
N LEU F 166 -18.64 26.40 -55.35
CA LEU F 166 -19.80 25.56 -55.19
C LEU F 166 -20.15 24.93 -56.53
N ARG F 167 -20.44 23.63 -56.51
CA ARG F 167 -20.67 22.85 -57.74
C ARG F 167 -21.94 22.02 -57.57
N LEU F 168 -23.04 22.51 -58.13
CA LEU F 168 -24.28 21.76 -58.16
C LEU F 168 -24.36 20.97 -59.47
N GLU F 169 -24.67 19.69 -59.37
CA GLU F 169 -24.59 18.82 -60.54
C GLU F 169 -25.63 17.71 -60.44
N SER F 170 -26.27 17.40 -61.55
CA SER F 170 -27.16 16.26 -61.67
C SER F 170 -26.56 15.28 -62.68
N PRO F 171 -26.01 14.16 -62.24
CA PRO F 171 -25.19 13.34 -63.16
C PRO F 171 -25.94 12.79 -64.35
N THR F 172 -27.21 12.42 -64.20
CA THR F 172 -27.89 11.71 -65.27
C THR F 172 -29.32 12.18 -65.51
N ARG F 173 -29.76 13.26 -64.89
CA ARG F 173 -31.10 13.78 -65.10
C ARG F 173 -31.05 15.29 -65.11
N SER F 174 -32.21 15.92 -65.28
CA SER F 174 -32.29 17.36 -65.49
C SER F 174 -32.40 18.08 -64.15
N LEU F 175 -31.45 18.96 -63.87
CA LEU F 175 -31.55 19.85 -62.73
C LEU F 175 -32.66 20.87 -62.97
N SER F 176 -33.29 21.31 -61.89
CA SER F 176 -34.39 22.26 -62.03
C SER F 176 -34.52 23.09 -60.76
N MET F 177 -34.60 24.41 -60.93
CA MET F 177 -34.87 25.33 -59.84
C MET F 177 -36.32 25.78 -59.87
N ASP F 178 -36.77 26.35 -58.76
CA ASP F 178 -38.18 26.72 -58.63
C ASP F 178 -38.38 27.64 -57.45
N ALA F 179 -39.08 28.76 -57.66
CA ALA F 179 -39.48 29.64 -56.57
C ALA F 179 -40.66 30.49 -57.00
N PRO F 180 -41.80 30.39 -56.33
CA PRO F 180 -42.98 31.16 -56.77
C PRO F 180 -42.78 32.67 -56.78
N ARG F 181 -41.99 33.20 -55.86
CA ARG F 181 -41.82 34.65 -55.79
C ARG F 181 -40.77 35.17 -56.77
N GLY F 182 -40.04 34.29 -57.45
CA GLY F 182 -39.03 34.72 -58.40
C GLY F 182 -37.67 34.14 -58.10
N VAL F 183 -36.78 34.14 -59.10
CA VAL F 183 -35.44 33.62 -58.96
C VAL F 183 -34.46 34.76 -59.24
N HIS F 184 -33.55 34.99 -58.31
CA HIS F 184 -32.55 36.03 -58.43
C HIS F 184 -31.16 35.41 -58.52
N VAL F 185 -30.34 35.93 -59.43
CA VAL F 185 -28.94 35.55 -59.54
C VAL F 185 -28.11 36.83 -59.48
N LYS F 186 -27.13 36.86 -58.59
CA LYS F 186 -26.37 38.08 -58.34
C LYS F 186 -24.88 37.81 -58.48
N ALA F 187 -24.17 38.77 -59.06
CA ALA F 187 -22.71 38.72 -59.14
C ALA F 187 -22.20 40.14 -59.35
N ASN F 188 -21.55 40.71 -58.34
CA ASN F 188 -21.10 42.08 -58.45
C ASN F 188 -20.02 42.25 -59.51
N ALA F 189 -19.10 41.28 -59.62
CA ALA F 189 -17.99 41.43 -60.55
C ALA F 189 -17.73 40.17 -61.37
N GLY F 190 -18.73 39.30 -61.54
CA GLY F 190 -18.58 38.07 -62.28
C GLY F 190 -19.10 38.17 -63.69
N LYS F 191 -19.54 37.04 -64.23
CA LYS F 191 -20.14 37.01 -65.56
C LYS F 191 -20.97 35.73 -65.68
N LEU F 192 -21.98 35.78 -66.54
CA LEU F 192 -22.83 34.63 -66.80
C LEU F 192 -22.44 34.00 -68.12
N GLU F 193 -22.29 32.67 -68.12
CA GLU F 193 -21.99 31.90 -69.32
C GLU F 193 -22.96 30.73 -69.35
N ALA F 194 -23.99 30.83 -70.19
CA ALA F 194 -24.97 29.78 -70.35
C ALA F 194 -24.67 29.00 -71.61
N LEU F 195 -24.38 27.71 -71.47
CA LEU F 195 -24.07 26.85 -72.59
C LEU F 195 -25.12 25.75 -72.70
N SER F 196 -25.39 25.34 -73.93
CA SER F 196 -26.35 24.27 -74.18
C SER F 196 -26.14 23.78 -75.60
N GLN F 197 -26.12 22.46 -75.76
CA GLN F 197 -25.92 21.84 -77.06
C GLN F 197 -27.22 21.66 -77.85
N MET F 198 -28.36 22.02 -77.28
CA MET F 198 -29.62 21.88 -77.98
C MET F 198 -30.33 23.20 -78.20
N ASP F 199 -30.58 23.98 -77.15
CA ASP F 199 -31.37 25.20 -77.29
C ASP F 199 -31.22 26.05 -76.04
N ILE F 200 -31.60 27.32 -76.17
CA ILE F 200 -31.72 28.22 -75.03
C ILE F 200 -33.02 28.98 -75.19
N ILE F 201 -34.04 28.63 -74.40
CA ILE F 201 -35.38 29.17 -74.55
C ILE F 201 -35.66 30.08 -73.36
N LEU F 202 -35.90 31.36 -73.65
CA LEU F 202 -36.32 32.33 -72.66
C LEU F 202 -37.76 32.72 -72.95
N GLN F 203 -38.61 32.65 -71.94
CA GLN F 203 -40.05 32.82 -72.14
C GLN F 203 -40.61 33.76 -71.08
N SER F 204 -41.73 34.38 -71.43
CA SER F 204 -42.48 35.23 -70.50
C SER F 204 -43.93 35.21 -70.95
N SER F 205 -44.81 34.64 -70.13
CA SER F 205 -46.19 34.43 -70.54
C SER F 205 -46.91 35.75 -70.82
N GLU F 206 -46.69 36.76 -69.97
CA GLU F 206 -47.44 38.00 -70.09
C GLU F 206 -46.53 39.22 -70.14
N GLY F 207 -45.39 39.15 -69.44
CA GLY F 207 -44.53 40.30 -69.25
C GLY F 207 -43.56 40.54 -70.39
N VAL F 208 -42.44 41.17 -70.04
CA VAL F 208 -41.47 41.65 -71.02
C VAL F 208 -40.14 40.92 -70.86
N LEU F 209 -39.17 41.26 -71.71
CA LEU F 209 -37.82 40.70 -71.65
C LEU F 209 -36.85 41.87 -71.74
N VAL F 210 -36.49 42.45 -70.60
CA VAL F 210 -35.61 43.61 -70.59
C VAL F 210 -34.18 43.15 -70.84
N LEU F 211 -33.53 43.76 -71.82
CA LEU F 211 -32.12 43.53 -72.11
C LEU F 211 -31.37 44.80 -71.76
N ASP F 212 -30.99 44.94 -70.49
CA ASP F 212 -30.30 46.12 -70.00
C ASP F 212 -28.80 45.92 -70.22
N ALA F 213 -28.25 46.63 -71.19
CA ALA F 213 -26.82 46.59 -71.48
C ALA F 213 -26.48 47.74 -72.41
N GLU F 214 -25.35 48.39 -72.16
CA GLU F 214 -24.94 49.50 -73.01
C GLU F 214 -24.68 49.01 -74.44
N THR F 215 -24.05 47.85 -74.58
CA THR F 215 -23.79 47.25 -75.88
C THR F 215 -24.31 45.82 -75.89
N VAL F 216 -25.07 45.48 -76.93
CA VAL F 216 -25.54 44.12 -77.14
C VAL F 216 -25.06 43.66 -78.51
N GLY F 217 -24.44 42.50 -78.55
CA GLY F 217 -23.84 41.98 -79.77
C GLY F 217 -24.46 40.66 -80.20
N LEU F 218 -24.65 40.51 -81.50
CA LEU F 218 -25.19 39.30 -82.09
C LEU F 218 -24.10 38.64 -82.92
N THR F 219 -23.62 37.48 -82.47
CA THR F 219 -22.47 36.85 -83.11
C THR F 219 -22.85 36.30 -84.49
N LYS F 220 -23.96 35.56 -84.57
CA LYS F 220 -24.33 34.83 -85.78
C LYS F 220 -25.55 35.50 -86.40
N LEU F 221 -25.41 35.95 -87.64
CA LEU F 221 -26.53 36.52 -88.40
C LEU F 221 -26.18 36.44 -89.88
N LYS F 222 -26.98 35.69 -90.64
CA LYS F 222 -26.70 35.48 -92.05
C LYS F 222 -27.02 36.75 -92.84
N GLN F 223 -26.89 36.65 -94.17
CA GLN F 223 -27.08 37.78 -95.06
C GLN F 223 -28.04 37.41 -96.17
N GLY F 224 -28.83 38.39 -96.62
CA GLY F 224 -29.75 38.19 -97.72
C GLY F 224 -29.69 39.32 -98.73
N THR F 225 -29.61 38.98 -100.01
CA THR F 225 -29.51 40.00 -101.05
C THR F 225 -30.82 40.77 -101.18
N GLN F 226 -30.70 42.08 -101.39
CA GLN F 226 -31.86 42.96 -101.51
C GLN F 226 -32.34 42.94 -102.96
N GLY F 227 -33.44 42.23 -103.20
CA GLY F 227 -33.98 42.11 -104.53
C GLY F 227 -35.47 42.41 -104.59
N PRO F 228 -35.85 43.38 -105.43
CA PRO F 228 -37.28 43.70 -105.56
C PRO F 228 -38.11 42.57 -106.13
N ALA F 229 -37.50 41.60 -106.82
CA ALA F 229 -38.26 40.53 -107.46
C ALA F 229 -38.94 39.62 -106.45
N GLY F 230 -38.42 39.53 -105.23
CA GLY F 230 -39.01 38.64 -104.24
C GLY F 230 -40.35 39.12 -103.74
N SER F 231 -41.07 38.18 -103.13
CA SER F 231 -42.39 38.51 -102.59
C SER F 231 -42.25 39.30 -101.29
N SER F 232 -43.03 40.38 -101.18
CA SER F 232 -43.00 41.19 -99.97
C SER F 232 -43.57 40.44 -98.77
N ASN F 233 -44.56 39.59 -99.00
CA ASN F 233 -45.18 38.84 -97.91
C ASN F 233 -44.20 37.83 -97.32
N GLY F 234 -44.41 37.49 -96.06
CA GLY F 234 -43.53 36.59 -95.35
C GLY F 234 -42.31 37.22 -94.74
N PHE F 235 -42.20 38.55 -94.74
CA PHE F 235 -41.07 39.25 -94.16
C PHE F 235 -41.58 40.42 -93.34
N TYR F 236 -40.77 40.82 -92.35
CA TYR F 236 -41.14 41.92 -91.47
C TYR F 236 -39.89 42.72 -91.13
N GLU F 237 -40.11 43.98 -90.75
CA GLU F 237 -39.04 44.87 -90.34
C GLU F 237 -39.24 45.25 -88.88
N ILE F 238 -38.15 45.25 -88.12
CA ILE F 238 -38.21 45.49 -86.67
C ILE F 238 -37.97 46.98 -86.41
N CYS F 239 -38.85 47.57 -85.60
CA CYS F 239 -38.70 48.96 -85.17
C CYS F 239 -38.77 49.02 -83.65
N ALA F 240 -38.22 50.09 -83.09
CA ALA F 240 -38.17 50.28 -81.64
C ALA F 240 -38.60 51.71 -81.33
N CYS F 241 -39.78 51.87 -80.76
CA CYS F 241 -40.31 53.19 -80.45
C CYS F 241 -39.72 53.70 -79.14
N PRO F 242 -39.77 55.02 -78.90
CA PRO F 242 -39.06 55.59 -77.74
C PRO F 242 -39.42 54.99 -76.39
N ASP F 243 -40.49 54.20 -76.29
CA ASP F 243 -40.77 53.49 -75.05
C ASP F 243 -39.63 52.53 -74.73
N GLY F 244 -39.15 51.81 -75.73
CA GLY F 244 -38.09 50.83 -75.54
C GLY F 244 -38.47 49.49 -76.10
N LYS F 245 -39.77 49.25 -76.23
CA LYS F 245 -40.26 47.98 -76.75
C LYS F 245 -39.97 47.88 -78.25
N LEU F 246 -40.05 46.65 -78.76
CA LEU F 246 -39.84 46.36 -80.17
C LEU F 246 -41.15 45.93 -80.80
N TYR F 247 -41.30 46.22 -82.09
CA TYR F 247 -42.51 45.86 -82.80
C TYR F 247 -42.17 45.58 -84.26
N LEU F 248 -43.13 44.99 -84.96
CA LEU F 248 -42.95 44.53 -86.33
C LEU F 248 -43.78 45.38 -87.28
N SER F 249 -43.26 45.57 -88.49
CA SER F 249 -43.97 46.27 -89.56
C SER F 249 -43.87 45.44 -90.83
N MET F 250 -44.90 45.56 -91.67
CA MET F 250 -44.93 44.82 -92.92
C MET F 250 -43.75 45.22 -93.81
N ALA F 251 -43.09 44.23 -94.39
CA ALA F 251 -41.90 44.46 -95.18
C ALA F 251 -42.25 45.24 -96.45
N GLY F 252 -41.27 46.00 -96.94
CA GLY F 252 -41.45 46.77 -98.16
C GLY F 252 -40.12 47.22 -98.71
N GLU F 253 -40.16 47.71 -99.94
CA GLU F 253 -38.95 48.17 -100.62
C GLU F 253 -38.41 49.46 -100.00
N VAL F 254 -39.22 50.16 -99.20
CA VAL F 254 -38.80 51.38 -98.53
C VAL F 254 -39.04 51.23 -97.04
N THR F 255 -38.53 52.20 -96.28
CA THR F 255 -38.75 52.20 -94.84
C THR F 255 -40.22 52.39 -94.51
N THR F 256 -40.70 51.67 -93.50
CA THR F 256 -42.11 51.73 -93.13
C THR F 256 -42.31 51.77 -91.62
N CYS F 257 -41.26 52.07 -90.85
CA CYS F 257 -41.40 52.09 -89.39
C CYS F 257 -42.36 53.18 -88.94
N GLU F 258 -42.30 54.35 -89.57
CA GLU F 258 -43.18 55.45 -89.18
C GLU F 258 -44.63 55.21 -89.57
N GLU F 259 -44.87 54.35 -90.57
CA GLU F 259 -46.23 54.14 -91.05
C GLU F 259 -47.10 53.41 -90.01
N HIS F 260 -46.51 52.50 -89.25
CA HIS F 260 -47.23 51.70 -88.27
C HIS F 260 -46.75 51.98 -86.85
N SER F 261 -46.56 53.26 -86.54
CA SER F 261 -46.04 53.68 -85.25
C SER F 261 -47.13 53.91 -84.21
N HIS F 262 -48.34 53.39 -84.44
CA HIS F 262 -49.44 53.59 -83.51
C HIS F 262 -49.43 52.58 -82.36
N VAL F 263 -48.66 51.50 -82.48
CA VAL F 263 -48.80 50.37 -81.56
C VAL F 263 -48.43 50.78 -80.14
N CYS F 264 -47.42 51.63 -79.96
CA CYS F 264 -46.95 52.00 -78.64
C CYS F 264 -47.43 53.39 -78.22
N LEU F 265 -48.46 53.91 -78.87
CA LEU F 265 -49.03 55.21 -78.51
C LEU F 265 -49.52 55.22 -77.07
N ALA G 1 42.30 -9.46 53.72
CA ALA G 1 40.97 -9.23 53.16
C ALA G 1 40.93 -9.55 51.67
N LEU G 2 40.98 -10.84 51.34
CA LEU G 2 40.96 -11.30 49.96
C LEU G 2 39.64 -10.93 49.31
N PRO G 3 39.64 -10.01 48.34
CA PRO G 3 38.38 -9.49 47.82
C PRO G 3 37.82 -10.24 46.63
N LYS G 4 36.54 -10.64 46.72
CA LYS G 4 35.81 -11.23 45.62
C LYS G 4 34.33 -11.27 46.02
N MET G 5 33.48 -11.49 45.02
CA MET G 5 32.03 -11.50 45.22
C MET G 5 31.63 -12.49 46.31
N ASN H 1 -41.27 14.02 -89.16
CA ASN H 1 -41.01 12.99 -88.17
C ASN H 1 -40.59 13.65 -86.85
N GLN H 2 -41.43 13.49 -85.84
CA GLN H 2 -41.11 14.02 -84.52
C GLN H 2 -39.89 13.30 -83.94
N ARG H 3 -39.11 14.05 -83.16
CA ARG H 3 -37.86 13.51 -82.63
C ARG H 3 -38.14 12.33 -81.71
N PRO H 4 -37.25 11.34 -81.67
CA PRO H 4 -37.49 10.16 -80.85
C PRO H 4 -37.60 10.51 -79.37
N GLU H 5 -38.43 9.75 -78.67
CA GLU H 5 -38.65 9.95 -77.24
C GLU H 5 -37.80 8.99 -76.44
N LEU H 6 -37.42 9.41 -75.23
CA LEU H 6 -36.64 8.60 -74.32
C LEU H 6 -37.60 7.94 -73.33
N LYS H 7 -38.14 6.79 -73.73
CA LYS H 7 -39.14 6.12 -72.91
C LYS H 7 -38.55 5.61 -71.60
N ASN H 8 -37.40 4.96 -71.67
CA ASN H 8 -36.78 4.33 -70.52
C ASN H 8 -35.34 4.77 -70.39
N HIS H 9 -34.91 5.03 -69.16
CA HIS H 9 -33.56 5.48 -68.90
C HIS H 9 -32.67 4.30 -68.52
N ILE H 10 -31.36 4.51 -68.63
CA ILE H 10 -30.38 3.54 -68.18
C ILE H 10 -29.75 4.05 -66.89
N ASP H 11 -29.06 5.18 -66.98
CA ASP H 11 -28.61 5.98 -65.85
C ASP H 11 -27.59 5.28 -64.97
N ARG H 12 -27.23 4.03 -65.28
CA ARG H 12 -26.25 3.33 -64.47
C ARG H 12 -25.79 2.04 -65.13
N VAL H 13 -24.47 1.86 -65.24
CA VAL H 13 -23.88 0.60 -65.69
C VAL H 13 -22.75 0.26 -64.72
N ASP H 14 -22.83 -0.90 -64.09
CA ASP H 14 -21.88 -1.31 -63.08
C ASP H 14 -20.79 -2.18 -63.70
N ALA H 15 -19.56 -2.02 -63.21
CA ALA H 15 -18.46 -2.84 -63.70
C ALA H 15 -17.38 -2.93 -62.63
N TRP H 16 -16.66 -4.05 -62.66
CA TRP H 16 -15.58 -4.31 -61.72
C TRP H 16 -14.25 -4.35 -62.48
N VAL H 17 -13.18 -3.96 -61.77
CA VAL H 17 -11.88 -3.87 -62.41
C VAL H 17 -11.41 -5.23 -62.86
N GLY H 18 -10.89 -5.30 -64.08
CA GLY H 18 -10.35 -6.54 -64.61
C GLY H 18 -11.30 -7.40 -65.40
N THR H 19 -12.48 -7.67 -64.85
CA THR H 19 -13.41 -8.58 -65.49
C THR H 19 -14.03 -7.96 -66.73
N TYR H 20 -14.23 -8.78 -67.75
CA TYR H 20 -14.89 -8.33 -68.97
C TYR H 20 -16.35 -8.01 -68.68
N PHE H 21 -16.79 -6.82 -69.08
CA PHE H 21 -18.16 -6.39 -68.82
C PHE H 21 -18.83 -6.00 -70.14
N GLU H 22 -20.09 -6.38 -70.27
CA GLU H 22 -20.85 -6.07 -71.48
C GLU H 22 -22.31 -5.86 -71.11
N VAL H 23 -22.95 -4.94 -71.83
CA VAL H 23 -24.35 -4.58 -71.61
C VAL H 23 -25.03 -4.44 -72.96
N LYS H 24 -26.20 -5.08 -73.08
CA LYS H 24 -27.03 -4.96 -74.27
C LYS H 24 -28.10 -3.90 -74.04
N ILE H 25 -28.22 -2.98 -74.98
CA ILE H 25 -29.22 -1.92 -74.85
C ILE H 25 -30.62 -2.53 -74.92
N PRO H 26 -31.50 -2.28 -73.95
CA PRO H 26 -32.84 -2.86 -73.98
C PRO H 26 -33.61 -2.41 -75.21
N SER H 27 -34.69 -3.13 -75.48
CA SER H 27 -35.48 -2.92 -76.69
C SER H 27 -36.49 -1.78 -76.56
N ASP H 28 -36.62 -1.16 -75.39
CA ASP H 28 -37.59 -0.09 -75.20
C ASP H 28 -36.95 1.19 -74.68
N THR H 29 -35.61 1.31 -74.77
CA THR H 29 -34.95 2.51 -74.29
C THR H 29 -35.37 3.74 -75.08
N PHE H 30 -35.48 3.61 -76.40
CA PHE H 30 -35.91 4.69 -77.27
C PHE H 30 -37.16 4.27 -78.03
N TYR H 31 -37.85 5.25 -78.59
CA TYR H 31 -39.08 4.99 -79.33
C TYR H 31 -39.36 6.17 -80.24
N ASP H 32 -39.48 5.92 -81.54
CA ASP H 32 -39.86 6.93 -82.51
C ASP H 32 -41.27 6.66 -83.00
N ASN H 33 -41.89 7.69 -83.57
CA ASN H 33 -43.25 7.56 -84.06
C ASN H 33 -43.32 6.62 -85.27
N GLU H 34 -42.24 6.51 -86.03
CA GLU H 34 -42.20 5.71 -87.25
C GLU H 34 -41.41 4.42 -87.08
N ASP H 35 -40.16 4.50 -86.63
CA ASP H 35 -39.35 3.30 -86.46
C ASP H 35 -39.88 2.43 -85.33
N THR H 36 -40.40 3.04 -84.27
CA THR H 36 -41.12 2.43 -83.16
C THR H 36 -40.29 1.50 -82.30
N THR H 37 -38.97 1.40 -82.53
CA THR H 37 -38.13 0.58 -81.67
C THR H 37 -36.70 1.11 -81.74
N THR H 38 -35.95 0.88 -80.67
CA THR H 38 -34.57 1.36 -80.63
C THR H 38 -33.66 0.63 -81.61
N ASP H 39 -33.94 -0.65 -81.87
CA ASP H 39 -33.09 -1.42 -82.77
C ASP H 39 -33.17 -0.93 -84.21
N LYS H 40 -34.23 -0.20 -84.57
CA LYS H 40 -34.33 0.39 -85.89
C LYS H 40 -33.71 1.77 -85.98
N LEU H 41 -33.32 2.36 -84.85
CA LEU H 41 -32.66 3.66 -84.84
C LEU H 41 -31.16 3.48 -85.02
N LYS H 42 -30.44 4.60 -85.02
CA LYS H 42 -28.99 4.59 -85.10
C LYS H 42 -28.43 5.05 -83.75
N LEU H 43 -27.85 4.11 -83.00
CA LEU H 43 -27.32 4.42 -81.68
C LEU H 43 -25.82 4.67 -81.76
N THR H 44 -25.36 5.67 -81.03
CA THR H 44 -23.93 5.96 -80.94
C THR H 44 -23.61 6.43 -79.54
N LEU H 45 -22.35 6.27 -79.16
CA LEU H 45 -21.87 6.64 -77.83
C LEU H 45 -20.91 7.82 -77.96
N LYS H 46 -21.02 8.76 -77.03
CA LYS H 46 -20.18 9.95 -77.06
C LYS H 46 -19.71 10.28 -75.64
N LEU H 47 -18.54 10.88 -75.56
CA LEU H 47 -17.93 11.16 -74.26
C LEU H 47 -18.54 12.40 -73.62
N ARG H 48 -18.40 13.55 -74.27
CA ARG H 48 -18.98 14.78 -73.77
C ARG H 48 -19.09 15.78 -74.91
N GLU H 49 -19.92 16.80 -74.71
CA GLU H 49 -20.33 17.69 -75.79
C GLU H 49 -20.77 16.87 -77.00
N GLN H 50 -19.91 16.80 -78.01
CA GLN H 50 -20.17 15.97 -79.17
C GLN H 50 -18.92 15.21 -79.61
N GLN H 51 -17.83 15.28 -78.86
CA GLN H 51 -16.61 14.59 -79.25
C GLN H 51 -16.79 13.08 -79.13
N LEU H 52 -16.16 12.35 -80.04
CA LEU H 52 -16.31 10.91 -80.09
C LEU H 52 -15.38 10.23 -79.10
N VAL H 53 -15.67 8.97 -78.81
CA VAL H 53 -14.87 8.16 -77.90
C VAL H 53 -13.77 7.49 -78.72
N GLY H 54 -12.52 7.64 -78.26
CA GLY H 54 -11.41 7.10 -79.00
C GLY H 54 -11.40 5.58 -79.02
N GLU H 55 -10.80 5.02 -80.06
CA GLU H 55 -10.72 3.57 -80.20
C GLU H 55 -9.84 2.93 -79.13
N LYS H 56 -8.96 3.70 -78.51
CA LYS H 56 -8.12 3.18 -77.44
C LYS H 56 -8.80 3.22 -76.07
N SER H 57 -10.01 3.75 -75.99
CA SER H 57 -10.71 3.82 -74.71
C SER H 57 -11.14 2.44 -74.27
N TRP H 58 -11.21 2.25 -72.95
CA TRP H 58 -11.55 0.96 -72.37
C TRP H 58 -13.00 0.56 -72.60
N VAL H 59 -13.84 1.47 -73.07
CA VAL H 59 -15.24 1.19 -73.36
C VAL H 59 -15.46 1.36 -74.87
N GLN H 60 -16.09 0.37 -75.49
CA GLN H 60 -16.39 0.44 -76.91
C GLN H 60 -17.86 0.09 -77.12
N PHE H 61 -18.42 0.65 -78.19
CA PHE H 61 -19.81 0.46 -78.54
C PHE H 61 -19.88 -0.15 -79.94
N ASN H 62 -20.34 -1.40 -80.02
CA ASN H 62 -20.60 -2.05 -81.30
C ASN H 62 -22.02 -1.69 -81.72
N SER H 63 -22.13 -0.79 -82.71
CA SER H 63 -23.40 -0.16 -83.01
C SER H 63 -24.34 -1.07 -83.79
N ASN H 64 -23.82 -1.87 -84.72
CA ASN H 64 -24.68 -2.67 -85.58
C ASN H 64 -25.48 -3.68 -84.77
N SER H 65 -24.86 -4.32 -83.77
CA SER H 65 -25.57 -5.22 -82.89
C SER H 65 -26.02 -4.54 -81.59
N GLN H 66 -25.72 -3.25 -81.42
CA GLN H 66 -26.16 -2.46 -80.27
C GLN H 66 -25.72 -3.12 -78.95
N LEU H 67 -24.40 -3.18 -78.77
CA LEU H 67 -23.82 -3.74 -77.56
C LEU H 67 -22.72 -2.81 -77.07
N MET H 68 -22.48 -2.81 -75.76
CA MET H 68 -21.40 -2.03 -75.18
C MET H 68 -20.50 -2.97 -74.39
N TYR H 69 -19.20 -2.97 -74.70
CA TYR H 69 -18.30 -3.91 -74.06
C TYR H 69 -17.01 -3.21 -73.65
N GLY H 70 -16.40 -3.72 -72.58
CA GLY H 70 -15.16 -3.13 -72.12
C GLY H 70 -14.51 -3.94 -71.02
N LEU H 71 -13.27 -3.58 -70.75
CA LEU H 71 -12.49 -4.15 -69.65
C LEU H 71 -11.83 -2.99 -68.91
N PRO H 72 -12.42 -2.51 -67.83
CA PRO H 72 -11.88 -1.33 -67.15
C PRO H 72 -10.46 -1.57 -66.64
N ASP H 73 -9.64 -0.53 -66.73
CA ASP H 73 -8.25 -0.61 -66.33
C ASP H 73 -8.12 -0.53 -64.81
N SER H 74 -6.90 -0.81 -64.33
CA SER H 74 -6.65 -0.78 -62.89
C SER H 74 -6.67 0.63 -62.33
N SER H 75 -6.45 1.65 -63.15
CA SER H 75 -6.39 3.02 -62.70
C SER H 75 -7.65 3.81 -63.03
N HIS H 76 -8.73 3.13 -63.39
CA HIS H 76 -9.99 3.79 -63.74
C HIS H 76 -11.05 3.61 -62.66
N VAL H 77 -10.63 3.51 -61.39
CA VAL H 77 -11.56 3.33 -60.29
C VAL H 77 -12.37 4.60 -60.10
N GLY H 78 -13.69 4.47 -60.03
CA GLY H 78 -14.53 5.63 -59.79
C GLY H 78 -15.80 5.69 -60.60
N LYS H 79 -16.19 6.90 -61.01
CA LYS H 79 -17.42 7.12 -61.76
C LYS H 79 -17.13 7.92 -63.01
N HIS H 80 -17.74 7.53 -64.11
CA HIS H 80 -17.64 8.25 -65.36
C HIS H 80 -19.03 8.50 -65.92
N GLU H 81 -19.15 9.50 -66.79
CA GLU H 81 -20.41 9.79 -67.45
C GLU H 81 -20.23 9.70 -68.96
N TYR H 82 -21.30 9.31 -69.64
CA TYR H 82 -21.27 9.16 -71.09
C TYR H 82 -22.58 9.68 -71.66
N PHE H 83 -22.74 9.56 -72.97
CA PHE H 83 -23.98 9.98 -73.61
C PHE H 83 -24.32 9.00 -74.72
N MET H 84 -25.60 8.66 -74.83
CA MET H 84 -26.10 7.79 -75.87
C MET H 84 -27.00 8.60 -76.79
N HIS H 85 -26.58 8.76 -78.04
CA HIS H 85 -27.32 9.53 -79.03
C HIS H 85 -28.05 8.57 -79.97
N ALA H 86 -29.36 8.74 -80.09
CA ALA H 86 -30.17 7.98 -81.03
C ALA H 86 -30.60 8.91 -82.15
N THR H 87 -30.23 8.57 -83.38
CA THR H 87 -30.56 9.35 -84.56
C THR H 87 -31.43 8.51 -85.48
N ASP H 88 -32.51 9.11 -85.97
CA ASP H 88 -33.41 8.48 -86.91
C ASP H 88 -33.03 8.89 -88.34
N LYS H 89 -33.83 8.47 -89.31
CA LYS H 89 -33.56 8.83 -90.70
C LYS H 89 -33.87 10.28 -90.99
N GLY H 90 -34.66 10.94 -90.15
CA GLY H 90 -35.00 12.34 -90.35
C GLY H 90 -34.00 13.33 -89.79
N GLY H 91 -32.91 12.86 -89.20
CA GLY H 91 -31.90 13.73 -88.63
C GLY H 91 -32.15 14.18 -87.21
N LEU H 92 -33.28 13.81 -86.62
CA LEU H 92 -33.57 14.18 -85.24
C LEU H 92 -32.87 13.24 -84.28
N SER H 93 -32.30 13.80 -83.22
CA SER H 93 -31.50 13.05 -82.27
C SER H 93 -32.06 13.20 -80.86
N ALA H 94 -32.08 12.09 -80.13
CA ALA H 94 -32.46 12.06 -78.72
C ALA H 94 -31.27 11.55 -77.91
N VAL H 95 -30.93 12.26 -76.84
CA VAL H 95 -29.74 11.99 -76.07
C VAL H 95 -30.14 11.54 -74.68
N ASP H 96 -29.55 10.43 -74.22
CA ASP H 96 -29.70 9.96 -72.85
C ASP H 96 -28.35 9.93 -72.18
N ALA H 97 -28.24 10.58 -71.02
CA ALA H 97 -27.00 10.62 -70.27
C ALA H 97 -27.04 9.56 -69.19
N PHE H 98 -25.99 8.74 -69.12
CA PHE H 98 -25.88 7.71 -68.11
C PHE H 98 -24.47 7.71 -67.54
N GLU H 99 -24.29 6.89 -66.50
CA GLU H 99 -23.06 6.89 -65.72
C GLU H 99 -22.59 5.47 -65.50
N ILE H 100 -21.29 5.27 -65.64
CA ILE H 100 -20.65 3.96 -65.49
C ILE H 100 -19.83 3.99 -64.20
N HIS H 101 -20.09 3.03 -63.34
CA HIS H 101 -19.33 2.84 -62.11
C HIS H 101 -18.29 1.76 -62.32
N VAL H 102 -17.05 2.05 -61.96
CA VAL H 102 -15.98 1.06 -61.96
C VAL H 102 -15.51 0.90 -60.53
N HIS H 103 -15.71 -0.29 -59.96
CA HIS H 103 -15.42 -0.54 -58.56
C HIS H 103 -14.50 -1.73 -58.41
N LYS H 104 -13.66 -1.69 -57.38
CA LYS H 104 -12.77 -2.81 -57.09
C LYS H 104 -13.57 -4.00 -56.58
N ARG H 105 -13.07 -5.20 -56.90
CA ARG H 105 -13.74 -6.41 -56.48
C ARG H 105 -13.68 -6.56 -54.96
N PRO H 106 -14.73 -7.09 -54.33
CA PRO H 106 -14.68 -7.33 -52.88
C PRO H 106 -13.64 -8.37 -52.48
N GLN H 107 -13.23 -9.24 -53.40
CA GLN H 107 -12.21 -10.25 -53.15
C GLN H 107 -10.89 -9.90 -53.82
N GLY H 108 -10.54 -8.61 -53.82
CA GLY H 108 -9.35 -8.16 -54.52
C GLY H 108 -8.08 -8.79 -53.99
N ASP H 109 -7.97 -8.91 -52.67
CA ASP H 109 -6.79 -9.48 -52.05
C ASP H 109 -7.08 -10.77 -51.27
N LYS H 110 -8.33 -11.18 -51.19
CA LYS H 110 -8.71 -12.39 -50.48
C LYS H 110 -8.96 -13.56 -51.41
N ALA H 111 -8.57 -13.45 -52.67
CA ALA H 111 -8.82 -14.52 -53.62
C ALA H 111 -8.05 -15.77 -53.23
N PRO H 112 -8.71 -16.91 -53.04
CA PRO H 112 -7.97 -18.11 -52.62
C PRO H 112 -6.95 -18.59 -53.64
N ALA H 113 -7.24 -18.45 -54.94
CA ALA H 113 -6.40 -18.99 -55.99
C ALA H 113 -5.85 -17.86 -56.84
N ARG H 114 -4.54 -17.88 -57.06
CA ARG H 114 -3.86 -16.96 -57.96
C ARG H 114 -3.07 -17.79 -58.97
N PHE H 115 -3.23 -17.48 -60.25
CA PHE H 115 -2.63 -18.27 -61.30
C PHE H 115 -1.42 -17.53 -61.89
N LYS H 116 -0.81 -18.16 -62.89
CA LYS H 116 0.33 -17.55 -63.57
C LYS H 116 0.57 -18.29 -64.87
N ALA H 117 0.60 -17.56 -65.97
CA ALA H 117 0.86 -18.14 -67.29
C ALA H 117 1.94 -17.32 -67.98
N ARG H 118 2.96 -18.00 -68.49
CA ARG H 118 4.09 -17.37 -69.15
C ARG H 118 3.97 -17.53 -70.66
N LEU H 119 4.10 -16.42 -71.38
CA LEU H 119 3.96 -16.38 -72.83
C LEU H 119 5.15 -15.66 -73.41
N ALA H 120 5.73 -16.22 -74.47
CA ALA H 120 6.88 -15.63 -75.13
C ALA H 120 6.45 -14.46 -76.00
N GLY H 121 7.29 -13.42 -76.04
CA GLY H 121 7.01 -12.24 -76.83
C GLY H 121 7.22 -10.96 -76.08
N ASP H 122 6.41 -9.94 -76.37
CA ASP H 122 6.51 -8.65 -75.70
C ASP H 122 5.14 -8.24 -75.17
N PRO H 123 5.09 -7.58 -74.01
CA PRO H 123 3.81 -7.16 -73.45
C PRO H 123 3.35 -5.76 -73.85
N ALA H 124 4.21 -4.98 -74.51
CA ALA H 124 3.83 -3.61 -74.86
C ALA H 124 2.61 -3.54 -75.77
N PRO H 125 2.51 -4.28 -76.88
CA PRO H 125 1.30 -4.19 -77.70
C PRO H 125 0.05 -4.66 -76.97
N VAL H 126 0.18 -5.65 -76.08
CA VAL H 126 -1.00 -6.19 -75.41
C VAL H 126 -1.57 -5.19 -74.41
N VAL H 127 -0.71 -4.51 -73.66
CA VAL H 127 -1.16 -3.61 -72.61
C VAL H 127 -1.95 -2.45 -73.22
N ASN H 128 -1.47 -1.90 -74.32
CA ASN H 128 -2.05 -0.71 -74.93
C ASN H 128 -2.99 -1.04 -76.09
N ASP H 129 -3.71 -2.15 -75.99
CA ASP H 129 -4.68 -2.53 -77.02
C ASP H 129 -5.82 -3.25 -76.33
N ILE H 130 -6.99 -2.61 -76.23
CA ILE H 130 -8.11 -3.20 -75.53
C ILE H 130 -8.60 -4.45 -76.25
N HIS H 131 -8.63 -4.41 -77.60
CA HIS H 131 -9.10 -5.57 -78.36
C HIS H 131 -8.22 -6.79 -78.10
N LYS H 132 -6.90 -6.59 -78.04
CA LYS H 132 -6.01 -7.72 -77.78
C LYS H 132 -6.25 -8.29 -76.39
N LYS H 133 -6.47 -7.42 -75.40
CA LYS H 133 -6.77 -7.91 -74.04
C LYS H 133 -8.07 -8.70 -74.03
N ILE H 134 -9.10 -8.21 -74.73
CA ILE H 134 -10.37 -8.92 -74.78
C ILE H 134 -10.19 -10.28 -75.44
N ALA H 135 -9.44 -10.32 -76.54
CA ALA H 135 -9.18 -11.60 -77.21
C ALA H 135 -8.43 -12.55 -76.30
N LEU H 136 -7.44 -12.04 -75.56
CA LEU H 136 -6.69 -12.88 -74.63
C LEU H 136 -7.58 -13.46 -73.55
N VAL H 137 -8.45 -12.63 -72.97
CA VAL H 137 -9.34 -13.12 -71.91
C VAL H 137 -10.31 -14.15 -72.45
N LYS H 138 -10.87 -13.91 -73.63
CA LYS H 138 -11.79 -14.87 -74.23
C LYS H 138 -11.10 -16.18 -74.55
N LYS H 139 -9.85 -16.11 -75.04
CA LYS H 139 -9.10 -17.33 -75.32
C LYS H 139 -8.80 -18.10 -74.03
N LEU H 140 -8.47 -17.39 -72.96
CA LEU H 140 -8.26 -18.05 -71.67
C LEU H 140 -9.53 -18.76 -71.21
N ALA H 141 -10.67 -18.08 -71.32
CA ALA H 141 -11.93 -18.69 -70.91
C ALA H 141 -12.24 -19.92 -71.75
N PHE H 142 -12.03 -19.84 -73.07
CA PHE H 142 -12.26 -20.98 -73.93
C PHE H 142 -11.33 -22.14 -73.60
N ALA H 143 -10.07 -21.83 -73.29
CA ALA H 143 -9.13 -22.87 -72.91
C ALA H 143 -9.57 -23.57 -71.64
N PHE H 144 -10.05 -22.81 -70.65
CA PHE H 144 -10.52 -23.43 -69.42
C PHE H 144 -11.81 -24.21 -69.60
N GLY H 145 -12.47 -24.09 -70.75
CA GLY H 145 -13.71 -24.80 -71.01
C GLY H 145 -14.96 -24.06 -70.61
N ASP H 146 -14.85 -22.89 -70.00
CA ASP H 146 -16.00 -22.09 -69.58
C ASP H 146 -16.25 -21.01 -70.62
N ARG H 147 -17.44 -21.03 -71.23
CA ARG H 147 -17.78 -20.06 -72.28
C ARG H 147 -18.07 -18.67 -71.74
N ASN H 148 -18.25 -18.51 -70.43
CA ASN H 148 -18.56 -17.22 -69.84
C ASN H 148 -17.24 -16.53 -69.49
N CYS H 149 -16.96 -15.42 -70.17
CA CYS H 149 -15.74 -14.67 -69.92
C CYS H 149 -15.78 -13.89 -68.62
N SER H 150 -16.96 -13.72 -68.02
CA SER H 150 -17.09 -12.90 -66.82
C SER H 150 -16.43 -13.52 -65.60
N SER H 151 -16.10 -14.81 -65.64
CA SER H 151 -15.50 -15.45 -64.47
C SER H 151 -14.06 -14.99 -64.25
N ILE H 152 -13.26 -14.92 -65.32
CA ILE H 152 -11.85 -14.62 -65.19
C ILE H 152 -11.66 -13.15 -64.86
N THR H 153 -10.82 -12.88 -63.85
CA THR H 153 -10.54 -11.53 -63.39
C THR H 153 -9.04 -11.29 -63.49
N LEU H 154 -8.60 -10.67 -64.59
CA LEU H 154 -7.19 -10.35 -64.77
C LEU H 154 -6.73 -9.33 -63.73
N GLN H 155 -5.47 -9.46 -63.32
CA GLN H 155 -4.94 -8.59 -62.27
C GLN H 155 -3.68 -7.83 -62.69
N ASN H 156 -2.76 -8.45 -63.42
CA ASN H 156 -1.47 -7.83 -63.67
C ASN H 156 -0.89 -8.34 -64.98
N ILE H 157 -0.12 -7.48 -65.63
CA ILE H 157 0.70 -7.86 -66.78
C ILE H 157 2.08 -7.24 -66.60
N THR H 158 3.12 -8.06 -66.66
CA THR H 158 4.47 -7.62 -66.33
C THR H 158 5.28 -7.35 -67.59
N ARG H 159 6.57 -7.06 -67.42
CA ARG H 159 7.48 -6.74 -68.49
C ARG H 159 8.38 -7.94 -68.80
N GLY H 160 9.22 -7.78 -69.83
CA GLY H 160 10.15 -8.83 -70.23
C GLY H 160 9.47 -9.93 -71.02
N SER H 161 8.66 -10.73 -70.34
CA SER H 161 7.85 -11.76 -70.98
C SER H 161 6.41 -11.60 -70.51
N ILE H 162 5.48 -12.13 -71.31
CA ILE H 162 4.07 -11.91 -71.01
C ILE H 162 3.65 -12.88 -69.92
N VAL H 163 3.78 -12.46 -68.67
CA VAL H 163 3.36 -13.28 -67.53
C VAL H 163 2.05 -12.69 -67.02
N VAL H 164 0.97 -13.46 -67.16
CA VAL H 164 -0.37 -13.01 -66.83
C VAL H 164 -0.86 -13.79 -65.62
N GLU H 165 -1.39 -13.08 -64.63
CA GLU H 165 -1.91 -13.68 -63.42
C GLU H 165 -3.38 -13.31 -63.26
N TRP H 166 -4.19 -14.28 -62.86
CA TRP H 166 -5.62 -14.08 -62.72
C TRP H 166 -6.14 -14.91 -61.57
N THR H 167 -7.43 -14.74 -61.28
CA THR H 167 -8.16 -15.54 -60.30
C THR H 167 -9.41 -16.08 -60.97
N ASN H 168 -10.16 -16.88 -60.21
CA ASN H 168 -11.46 -17.39 -60.64
C ASN H 168 -12.52 -16.82 -59.70
N ASN H 169 -13.36 -15.92 -60.22
CA ASN H 169 -14.36 -15.27 -59.38
C ASN H 169 -15.38 -16.26 -58.84
N THR H 170 -15.64 -17.33 -59.59
CA THR H 170 -16.62 -18.33 -59.14
C THR H 170 -16.15 -19.07 -57.90
N LEU H 171 -14.83 -19.21 -57.73
CA LEU H 171 -14.31 -19.99 -56.62
C LEU H 171 -14.72 -19.37 -55.28
N PRO H 172 -15.15 -20.18 -54.31
CA PRO H 172 -15.59 -19.64 -53.03
C PRO H 172 -14.45 -18.96 -52.28
N LEU H 173 -14.81 -17.94 -51.50
CA LEU H 173 -13.81 -17.20 -50.74
C LEU H 173 -13.23 -18.04 -49.61
N GLU H 174 -14.06 -18.82 -48.91
CA GLU H 174 -13.61 -19.54 -47.74
C GLU H 174 -14.48 -20.77 -47.50
N PRO H 175 -13.88 -21.95 -47.28
CA PRO H 175 -12.45 -22.26 -47.30
C PRO H 175 -11.97 -22.50 -48.73
N CYS H 176 -10.68 -22.62 -48.98
CA CYS H 176 -10.22 -22.83 -50.34
C CYS H 176 -10.53 -24.25 -50.79
N PRO H 177 -11.31 -24.43 -51.86
CA PRO H 177 -11.67 -25.77 -52.33
C PRO H 177 -10.58 -26.40 -53.19
N LYS H 178 -9.66 -27.12 -52.56
CA LYS H 178 -8.49 -27.63 -53.26
C LYS H 178 -8.84 -28.56 -54.42
N GLU H 179 -9.97 -29.27 -54.35
CA GLU H 179 -10.18 -30.37 -55.29
C GLU H 179 -10.41 -29.88 -56.72
N GLN H 180 -11.25 -28.86 -56.91
CA GLN H 180 -11.39 -28.30 -58.26
C GLN H 180 -10.16 -27.53 -58.69
N ILE H 181 -9.38 -26.99 -57.74
CA ILE H 181 -8.11 -26.37 -58.12
C ILE H 181 -7.18 -27.40 -58.73
N ILE H 182 -7.04 -28.56 -58.09
CA ILE H 182 -6.15 -29.58 -58.62
C ILE H 182 -6.74 -30.19 -59.90
N GLY H 183 -8.06 -30.27 -60.01
CA GLY H 183 -8.66 -30.72 -61.26
C GLY H 183 -8.35 -29.78 -62.41
N LEU H 184 -8.46 -28.47 -62.17
CA LEU H 184 -8.08 -27.50 -63.18
C LEU H 184 -6.59 -27.59 -63.50
N SER H 185 -5.77 -27.87 -62.48
CA SER H 185 -4.34 -28.05 -62.72
C SER H 185 -4.07 -29.23 -63.66
N ARG H 186 -4.76 -30.34 -63.43
CA ARG H 186 -4.64 -31.49 -64.33
C ARG H 186 -5.11 -31.14 -65.73
N ARG H 187 -6.24 -30.43 -65.83
CA ARG H 187 -6.79 -30.11 -67.14
C ARG H 187 -5.96 -29.05 -67.88
N ILE H 188 -5.11 -28.31 -67.17
CA ILE H 188 -4.39 -27.20 -67.76
C ILE H 188 -2.93 -27.51 -68.04
N ALA H 189 -2.33 -28.44 -67.30
CA ALA H 189 -0.90 -28.73 -67.43
C ALA H 189 -0.62 -30.06 -66.74
N ASP H 190 0.66 -30.41 -66.68
CA ASP H 190 1.12 -31.62 -66.00
C ASP H 190 1.73 -31.24 -64.65
N GLU H 191 2.32 -32.23 -63.98
CA GLU H 191 2.87 -32.00 -62.64
C GLU H 191 4.06 -31.04 -62.68
N ASN H 192 4.83 -31.04 -63.75
CA ASN H 192 6.03 -30.23 -63.87
C ASN H 192 5.77 -28.86 -64.48
N GLY H 193 4.51 -28.53 -64.77
CA GLY H 193 4.18 -27.22 -65.29
C GLY H 193 4.13 -27.09 -66.79
N LYS H 194 4.49 -28.13 -67.53
CA LYS H 194 4.39 -28.06 -68.99
C LYS H 194 2.93 -27.99 -69.38
N PRO H 195 2.54 -27.07 -70.27
CA PRO H 195 1.12 -26.86 -70.55
C PRO H 195 0.47 -28.05 -71.23
N ARG H 196 -0.81 -28.22 -70.96
CA ARG H 196 -1.60 -29.24 -71.64
C ARG H 196 -1.70 -28.89 -73.13
N PRO H 197 -1.71 -29.90 -74.01
CA PRO H 197 -1.84 -29.60 -75.44
C PRO H 197 -3.10 -28.82 -75.78
N ALA H 198 -4.19 -29.05 -75.06
CA ALA H 198 -5.40 -28.26 -75.30
C ALA H 198 -5.17 -26.80 -75.00
N PHE H 199 -4.44 -26.51 -73.91
CA PHE H 199 -4.12 -25.12 -73.58
C PHE H 199 -3.29 -24.47 -74.68
N SER H 200 -2.28 -25.18 -75.18
CA SER H 200 -1.44 -24.65 -76.25
C SER H 200 -2.25 -24.41 -77.51
N ASN H 201 -3.13 -25.34 -77.86
CA ASN H 201 -3.97 -25.17 -79.05
C ASN H 201 -4.89 -23.97 -78.90
N ALA H 202 -5.50 -23.80 -77.72
CA ALA H 202 -6.46 -22.72 -77.52
C ALA H 202 -5.76 -21.36 -77.52
N LEU H 203 -4.64 -21.24 -76.81
CA LEU H 203 -3.96 -19.95 -76.74
C LEU H 203 -3.40 -19.54 -78.09
N GLU H 204 -2.84 -20.49 -78.84
CA GLU H 204 -2.30 -20.18 -80.14
C GLU H 204 -3.43 -19.81 -81.11
N PRO H 205 -3.13 -19.03 -82.16
CA PRO H 205 -1.83 -18.50 -82.57
C PRO H 205 -1.54 -17.09 -82.06
N ASP H 206 -2.25 -16.62 -81.03
CA ASP H 206 -2.00 -15.27 -80.53
C ASP H 206 -0.62 -15.13 -79.93
N PHE H 207 -0.25 -16.05 -79.03
CA PHE H 207 1.04 -16.01 -78.35
C PHE H 207 1.63 -17.41 -78.35
N LYS H 208 2.82 -17.54 -77.77
CA LYS H 208 3.51 -18.81 -77.64
C LYS H 208 3.54 -19.20 -76.17
N ALA H 209 3.03 -20.39 -75.86
CA ALA H 209 2.93 -20.88 -74.49
C ALA H 209 4.11 -21.78 -74.18
N LEU H 210 4.76 -21.52 -73.05
CA LEU H 210 5.92 -22.31 -72.63
C LEU H 210 5.70 -23.03 -71.30
N SER H 211 5.21 -22.32 -70.28
CA SER H 211 4.99 -22.95 -68.98
C SER H 211 4.05 -22.07 -68.16
N ILE H 212 3.36 -22.70 -67.21
CA ILE H 212 2.45 -22.02 -66.31
C ILE H 212 2.70 -22.51 -64.89
N ALA H 213 2.24 -21.72 -63.93
CA ALA H 213 2.37 -22.06 -62.52
C ALA H 213 1.14 -21.57 -61.77
N VAL H 214 0.81 -22.27 -60.69
CA VAL H 214 -0.33 -21.92 -59.85
C VAL H 214 0.11 -21.93 -58.40
N THR H 215 -0.05 -20.80 -57.73
CA THR H 215 0.28 -20.67 -56.31
C THR H 215 -1.00 -20.50 -55.51
N GLY H 216 -0.84 -20.40 -54.19
CA GLY H 216 -1.94 -20.24 -53.28
C GLY H 216 -2.02 -18.83 -52.71
N SER H 217 -3.16 -18.56 -52.09
CA SER H 217 -3.44 -17.27 -51.46
C SER H 217 -4.66 -17.46 -50.56
N GLY H 218 -5.18 -16.35 -50.03
CA GLY H 218 -6.34 -16.44 -49.15
C GLY H 218 -5.98 -17.18 -47.87
N SER H 219 -6.86 -18.10 -47.47
CA SER H 219 -6.63 -18.85 -46.24
C SER H 219 -5.41 -19.77 -46.37
N CYS H 220 -5.36 -20.56 -47.43
CA CYS H 220 -4.26 -21.49 -47.64
C CYS H 220 -3.17 -20.85 -48.51
N ARG H 221 -2.65 -19.74 -47.99
CA ARG H 221 -1.60 -19.02 -48.70
C ARG H 221 -0.26 -19.75 -48.67
N HIS H 222 -0.10 -20.72 -47.77
CA HIS H 222 1.14 -21.48 -47.64
C HIS H 222 1.14 -22.77 -48.45
N LEU H 223 0.39 -22.80 -49.55
CA LEU H 223 0.30 -24.00 -50.38
C LEU H 223 0.51 -23.63 -51.83
N GLN H 224 1.32 -24.40 -52.53
CA GLN H 224 1.54 -24.25 -53.96
C GLN H 224 0.88 -25.42 -54.67
N PHE H 225 0.16 -25.12 -55.76
CA PHE H 225 -0.72 -26.10 -56.36
C PHE H 225 -0.10 -26.89 -57.50
N ILE H 226 0.92 -26.35 -58.17
CA ILE H 226 1.58 -27.16 -59.21
C ILE H 226 2.30 -28.33 -58.55
N PRO H 227 2.10 -29.56 -59.01
CA PRO H 227 2.57 -30.73 -58.26
C PRO H 227 4.09 -30.88 -58.24
N VAL H 228 4.79 -29.83 -57.82
CA VAL H 228 6.22 -29.89 -57.54
C VAL H 228 6.45 -29.24 -56.18
N ALA H 229 5.36 -29.00 -55.46
CA ALA H 229 5.39 -28.21 -54.23
C ALA H 229 5.85 -29.06 -53.06
N PRO H 230 6.72 -28.51 -52.21
CA PRO H 230 6.92 -29.07 -50.86
C PRO H 230 5.89 -28.52 -49.90
N PRO H 231 4.70 -29.13 -49.81
CA PRO H 231 3.59 -28.48 -49.10
C PRO H 231 3.70 -28.54 -47.58
N SER H 232 4.54 -29.41 -47.02
CA SER H 232 4.59 -29.57 -45.57
C SER H 232 4.98 -28.30 -44.83
N PRO H 233 6.03 -27.55 -45.22
CA PRO H 233 6.34 -26.31 -44.49
C PRO H 233 5.33 -25.22 -44.81
N GLY H 234 4.64 -24.74 -43.77
CA GLY H 234 3.68 -23.67 -43.94
C GLY H 234 4.14 -22.39 -43.27
N SER H 235 3.36 -21.89 -42.31
CA SER H 235 3.77 -20.70 -41.56
C SER H 235 5.02 -20.97 -40.74
N SER H 236 5.11 -22.15 -40.12
CA SER H 236 6.29 -22.57 -39.36
C SER H 236 6.63 -21.57 -38.26
N ALA H 237 5.61 -21.15 -37.51
CA ALA H 237 5.77 -20.22 -36.40
C ALA H 237 5.25 -20.90 -35.14
N ALA H 238 6.12 -21.65 -34.47
CA ALA H 238 5.78 -22.37 -33.23
C ALA H 238 6.86 -22.08 -32.20
N PRO H 239 6.82 -20.91 -31.57
CA PRO H 239 7.82 -20.57 -30.55
C PRO H 239 7.41 -21.13 -29.19
N ALA H 240 8.25 -20.87 -28.19
CA ALA H 240 8.03 -21.32 -26.83
C ALA H 240 8.10 -20.14 -25.88
N THR H 241 7.07 -19.98 -25.05
CA THR H 241 7.01 -18.92 -24.05
C THR H 241 7.07 -19.57 -22.67
N GLU H 242 8.15 -19.28 -21.93
CA GLU H 242 8.34 -19.88 -20.60
C GLU H 242 9.05 -18.84 -19.73
N VAL H 243 8.27 -18.09 -18.97
CA VAL H 243 8.81 -17.11 -18.03
C VAL H 243 7.76 -16.85 -16.95
N PRO H 244 7.70 -17.69 -15.92
CA PRO H 244 6.76 -17.44 -14.81
C PRO H 244 7.42 -16.66 -13.69
N ASP H 245 6.65 -15.72 -13.13
CA ASP H 245 7.13 -14.89 -12.04
C ASP H 245 6.01 -14.65 -11.04
N ARG H 246 6.24 -15.07 -9.80
CA ARG H 246 5.32 -14.83 -8.70
C ARG H 246 6.14 -14.37 -7.50
N ASP H 247 5.57 -13.46 -6.71
CA ASP H 247 6.27 -12.85 -5.58
C ASP H 247 5.46 -13.01 -4.30
N PRO H 248 5.42 -14.21 -3.74
CA PRO H 248 4.91 -14.39 -2.37
C PRO H 248 5.98 -14.32 -1.30
N GLU H 249 7.19 -13.86 -1.62
CA GLU H 249 8.30 -13.88 -0.68
C GLU H 249 8.00 -12.97 0.51
N LYS H 250 8.08 -13.52 1.71
CA LYS H 250 7.94 -12.75 2.94
C LYS H 250 9.33 -12.62 3.54
N SER H 251 10.03 -11.56 3.17
CA SER H 251 11.33 -11.29 3.76
C SER H 251 11.16 -10.84 5.20
N SER H 252 12.12 -11.24 6.04
CA SER H 252 12.11 -10.84 7.43
C SER H 252 13.54 -10.83 7.96
N GLU H 253 13.85 -9.81 8.76
CA GLU H 253 15.21 -9.62 9.26
C GLU H 253 15.38 -10.45 10.54
N ASP H 254 15.66 -11.73 10.33
CA ASP H 254 15.94 -12.64 11.43
C ASP H 254 17.43 -12.85 11.66
N ASP H 255 18.25 -12.68 10.61
CA ASP H 255 19.69 -12.86 10.76
C ASP H 255 20.28 -11.81 11.70
N VAL H 256 19.83 -10.56 11.58
CA VAL H 256 20.36 -9.49 12.44
C VAL H 256 20.01 -9.75 13.90
N TYR H 257 18.77 -10.16 14.16
CA TYR H 257 18.35 -10.45 15.53
C TYR H 257 19.21 -11.53 16.15
N LEU H 258 19.40 -12.64 15.43
CA LEU H 258 20.22 -13.74 15.95
C LEU H 258 21.67 -13.31 16.12
N HIS H 259 22.20 -12.51 15.21
CA HIS H 259 23.58 -12.10 15.29
C HIS H 259 23.84 -11.05 16.37
N THR H 260 22.81 -10.33 16.80
CA THR H 260 23.01 -9.22 17.74
C THR H 260 22.47 -9.50 19.13
N VAL H 261 21.18 -9.82 19.25
CA VAL H 261 20.57 -9.90 20.58
C VAL H 261 21.07 -11.11 21.35
N ILE H 262 21.14 -12.27 20.69
CA ILE H 262 21.42 -13.52 21.41
C ILE H 262 22.77 -13.52 22.10
N PRO H 263 23.88 -13.12 21.47
CA PRO H 263 25.16 -13.16 22.19
C PRO H 263 25.17 -12.34 23.47
N ALA H 264 24.57 -11.16 23.46
CA ALA H 264 24.55 -10.35 24.68
C ALA H 264 23.65 -10.98 25.74
N VAL H 265 22.54 -11.59 25.33
CA VAL H 265 21.67 -12.26 26.29
C VAL H 265 22.41 -13.40 26.98
N VAL H 266 23.13 -14.21 26.19
CA VAL H 266 23.84 -15.33 26.80
C VAL H 266 24.99 -14.83 27.67
N VAL H 267 25.65 -13.73 27.28
CA VAL H 267 26.71 -13.17 28.11
C VAL H 267 26.14 -12.68 29.44
N ALA H 268 24.99 -12.00 29.39
CA ALA H 268 24.36 -11.54 30.63
C ALA H 268 23.96 -12.70 31.52
N ALA H 269 23.42 -13.77 30.94
CA ALA H 269 23.07 -14.94 31.73
C ALA H 269 24.31 -15.55 32.39
N ILE H 270 25.41 -15.65 31.64
CA ILE H 270 26.64 -16.19 32.19
C ILE H 270 27.14 -15.33 33.35
N LEU H 271 27.12 -14.00 33.17
CA LEU H 271 27.56 -13.12 34.25
C LEU H 271 26.69 -13.26 35.49
N LEU H 272 25.38 -13.34 35.30
CA LEU H 272 24.48 -13.47 36.44
C LEU H 272 24.71 -14.76 37.19
N ILE H 273 24.84 -15.89 36.48
CA ILE H 273 25.03 -17.15 37.17
C ILE H 273 26.39 -17.18 37.87
N ALA H 274 27.42 -16.59 37.24
CA ALA H 274 28.72 -16.52 37.87
C ALA H 274 28.66 -15.71 39.16
N GLY H 275 27.98 -14.57 39.12
CA GLY H 275 27.87 -13.76 40.33
C GLY H 275 27.12 -14.46 41.44
N ILE H 276 26.01 -15.12 41.12
CA ILE H 276 25.25 -15.83 42.12
C ILE H 276 26.08 -16.95 42.75
N ILE H 277 26.78 -17.72 41.90
CA ILE H 277 27.60 -18.80 42.41
C ILE H 277 28.71 -18.27 43.31
N ALA H 278 29.33 -17.15 42.91
CA ALA H 278 30.38 -16.57 43.73
C ALA H 278 29.85 -16.11 45.08
N MET H 279 28.66 -15.50 45.10
CA MET H 279 28.11 -15.03 46.37
C MET H 279 27.73 -16.18 47.28
N ILE H 280 27.16 -17.25 46.73
CA ILE H 280 26.84 -18.42 47.56
C ILE H 280 28.12 -19.04 48.11
N CYS H 281 29.13 -19.18 47.27
CA CYS H 281 30.47 -19.62 47.64
C CYS H 281 31.22 -18.45 48.27
N TYR H 282 32.55 -18.47 48.21
CA TYR H 282 33.38 -17.44 48.82
C TYR H 282 33.38 -17.47 50.34
N ARG H 283 34.17 -18.40 50.90
CA ARG H 283 34.38 -18.57 52.34
C ARG H 283 33.17 -19.20 53.02
N LYS H 284 32.76 -20.36 52.50
CA LYS H 284 31.83 -21.24 53.18
C LYS H 284 32.53 -22.35 53.94
N LYS H 285 33.87 -22.40 53.92
CA LYS H 285 34.63 -23.48 54.52
C LYS H 285 35.70 -22.92 55.44
N ARG H 286 35.78 -23.45 56.65
CA ARG H 286 36.76 -23.02 57.66
C ARG H 286 37.94 -23.97 57.60
N LYS H 287 39.06 -23.50 57.06
CA LYS H 287 40.26 -24.32 56.92
C LYS H 287 41.00 -24.35 58.25
N GLY H 288 40.61 -25.27 59.11
CA GLY H 288 41.26 -25.41 60.41
C GLY H 288 42.69 -25.91 60.28
N LYS H 289 43.50 -25.54 61.27
CA LYS H 289 44.90 -25.95 61.33
C LYS H 289 45.66 -25.59 60.05
N CYS I 1 46.02 -30.96 38.58
CA CYS I 1 45.92 -32.21 39.33
C CYS I 1 45.23 -33.28 38.50
N ARG I 2 44.77 -34.34 39.16
CA ARG I 2 44.09 -35.43 38.45
C ARG I 2 42.76 -34.96 37.88
N PHE I 3 41.97 -34.23 38.67
CA PHE I 3 40.69 -33.73 38.19
C PHE I 3 40.83 -32.76 37.02
N PRO I 4 41.74 -31.77 37.04
CA PRO I 4 41.94 -30.96 35.84
C PRO I 4 42.37 -31.78 34.62
N LEU I 5 43.17 -32.82 34.84
CA LEU I 5 43.57 -33.67 33.72
C LEU I 5 42.37 -34.39 33.12
N LEU I 6 41.50 -34.94 33.97
CA LEU I 6 40.29 -35.59 33.47
C LEU I 6 39.40 -34.61 32.74
N LEU I 7 39.27 -33.39 33.26
CA LEU I 7 38.45 -32.37 32.61
C LEU I 7 39.03 -32.01 31.25
N ALA I 8 40.35 -31.88 31.15
CA ALA I 8 40.97 -31.57 29.87
C ALA I 8 40.78 -32.71 28.87
N LEU I 9 40.88 -33.95 29.33
CA LEU I 9 40.66 -35.09 28.44
C LEU I 9 39.22 -35.10 27.92
N LEU I 10 38.25 -34.86 28.81
CA LEU I 10 36.86 -34.78 28.36
C LEU I 10 36.67 -33.63 27.39
N GLN I 11 37.33 -32.50 27.64
CA GLN I 11 37.24 -31.35 26.74
C GLN I 11 37.75 -31.70 25.36
N LEU I 12 38.90 -32.37 25.28
CA LEU I 12 39.46 -32.71 23.97
C LEU I 12 38.58 -33.72 23.25
N ALA I 13 38.05 -34.71 23.98
CA ALA I 13 37.16 -35.69 23.34
C ALA I 13 35.92 -35.02 22.77
N LEU I 14 35.28 -34.15 23.57
CA LEU I 14 34.06 -33.49 23.11
C LEU I 14 34.36 -32.52 21.97
N GLY I 15 35.51 -31.84 22.01
CA GLY I 15 35.88 -30.95 20.93
C GLY I 15 36.09 -31.69 19.63
N ILE I 16 36.77 -32.84 19.68
CA ILE I 16 36.97 -33.62 18.47
C ILE I 16 35.64 -34.15 17.95
N ALA I 17 34.74 -34.55 18.86
CA ALA I 17 33.44 -35.05 18.44
C ALA I 17 32.63 -33.97 17.75
N VAL I 18 32.58 -32.78 18.34
CA VAL I 18 31.79 -31.70 17.75
C VAL I 18 32.41 -31.22 16.44
N THR I 19 33.75 -31.22 16.34
CA THR I 19 34.37 -30.85 15.06
C THR I 19 34.04 -31.88 13.99
N VAL I 20 34.05 -33.16 14.34
CA VAL I 20 33.67 -34.19 13.36
C VAL I 20 32.23 -34.00 12.93
N LEU I 21 31.34 -33.72 13.87
CA LEU I 21 29.94 -33.49 13.53
C LEU I 21 29.78 -32.27 12.63
N GLY I 22 30.52 -31.20 12.91
CA GLY I 22 30.43 -30.01 12.06
C GLY I 22 30.98 -30.25 10.67
N PHE I 23 32.08 -31.02 10.56
CA PHE I 23 32.60 -31.37 9.25
C PHE I 23 31.59 -32.19 8.46
N LEU I 24 30.90 -33.12 9.15
CA LEU I 24 29.85 -33.88 8.47
C LEU I 24 28.70 -32.97 8.05
N MET I 25 28.33 -32.02 8.91
CA MET I 25 27.31 -31.03 8.54
C MET I 25 27.68 -30.32 7.25
N ALA I 26 28.92 -29.84 7.17
CA ALA I 26 29.37 -29.16 5.96
C ALA I 26 29.38 -30.09 4.76
N SER I 27 29.79 -31.34 4.95
CA SER I 27 29.91 -32.27 3.83
C SER I 27 28.56 -32.77 3.32
N ILE I 28 27.52 -32.76 4.14
CA ILE I 28 26.22 -33.26 3.69
C ILE I 28 25.69 -32.44 2.53
N SER I 29 25.66 -31.11 2.70
CA SER I 29 25.18 -30.23 1.64
C SER I 29 25.54 -28.78 1.99
N PRO I 30 25.95 -27.98 1.01
CA PRO I 30 26.23 -26.56 1.29
C PRO I 30 24.97 -25.72 1.31
N SER I 31 23.93 -26.21 1.98
CA SER I 31 22.65 -25.50 2.07
C SER I 31 22.51 -24.69 3.34
N LEU I 32 23.52 -24.70 4.21
CA LEU I 32 23.41 -24.18 5.56
C LEU I 32 24.48 -23.14 5.83
N LEU I 33 24.10 -22.08 6.55
CA LEU I 33 24.96 -20.94 6.79
C LEU I 33 26.07 -21.29 7.76
N VAL I 34 27.11 -20.46 7.76
CA VAL I 34 28.29 -20.71 8.59
C VAL I 34 27.91 -20.72 10.07
N ARG I 35 26.90 -19.94 10.45
CA ARG I 35 26.46 -19.92 11.83
C ARG I 35 25.88 -21.27 12.26
N ASP I 36 25.09 -21.89 11.37
CA ASP I 36 24.43 -23.14 11.72
C ASP I 36 25.39 -24.31 11.90
N THR I 37 26.61 -24.21 11.38
CA THR I 37 27.61 -25.26 11.64
C THR I 37 28.64 -24.73 12.63
N PRO I 38 28.60 -25.17 13.88
CA PRO I 38 29.44 -24.55 14.92
C PRO I 38 30.87 -25.08 14.96
N PHE I 39 31.35 -25.68 13.86
CA PHE I 39 32.66 -26.32 13.89
C PHE I 39 33.76 -25.36 14.32
N TRP I 40 33.54 -24.06 14.12
CA TRP I 40 34.48 -23.06 14.62
C TRP I 40 34.57 -23.12 16.15
N ALA I 41 33.41 -23.24 16.80
CA ALA I 41 33.39 -23.40 18.25
C ALA I 41 34.09 -24.69 18.67
N GLY I 42 33.91 -25.74 17.87
CA GLY I 42 34.64 -26.98 18.13
C GLY I 42 36.14 -26.82 18.05
N SER I 43 36.62 -26.07 17.05
CA SER I 43 38.04 -25.81 16.93
C SER I 43 38.55 -24.99 18.10
N ILE I 44 37.75 -24.01 18.55
CA ILE I 44 38.13 -23.22 19.71
C ILE I 44 38.25 -24.11 20.94
N VAL I 45 37.29 -25.01 21.13
CA VAL I 45 37.35 -25.93 22.26
C VAL I 45 38.57 -26.86 22.12
N CYS I 46 38.90 -27.23 20.89
CA CYS I 46 40.04 -28.10 20.64
C CYS I 46 41.35 -27.43 21.04
N VAL I 47 41.52 -26.16 20.66
CA VAL I 47 42.75 -25.46 21.04
C VAL I 47 42.76 -25.21 22.55
N VAL I 48 41.57 -24.99 23.14
CA VAL I 48 41.48 -24.90 24.59
C VAL I 48 42.03 -26.16 25.24
N ALA I 49 41.60 -27.33 24.74
CA ALA I 49 42.02 -28.59 25.33
C ALA I 49 43.49 -28.86 25.06
N TYR I 50 44.01 -28.42 23.92
CA TYR I 50 45.43 -28.55 23.65
C TYR I 50 46.26 -27.75 24.65
N LEU I 51 45.84 -26.51 24.90
CA LEU I 51 46.51 -25.70 25.92
C LEU I 51 46.39 -26.37 27.27
N GLY I 52 45.24 -26.99 27.54
CA GLY I 52 45.05 -27.66 28.82
C GLY I 52 45.97 -28.85 29.00
N LEU I 53 46.13 -29.66 27.96
CA LEU I 53 47.01 -30.82 28.05
C LEU I 53 48.46 -30.37 28.22
N PHE I 54 48.87 -29.33 27.49
CA PHE I 54 50.21 -28.79 27.67
C PHE I 54 50.40 -28.27 29.09
N MET I 55 49.38 -27.59 29.62
CA MET I 55 49.41 -27.07 30.98
C MET I 55 49.59 -28.18 32.00
N LEU I 56 48.80 -29.23 31.88
CA LEU I 56 48.81 -30.32 32.85
C LEU I 56 49.98 -31.27 32.67
N CYS I 57 50.69 -31.17 31.54
CA CYS I 57 51.99 -31.84 31.43
C CYS I 57 53.10 -31.01 32.05
N VAL I 58 53.12 -29.70 31.77
CA VAL I 58 54.20 -28.86 32.29
C VAL I 58 54.09 -28.70 33.80
N SER I 59 52.86 -28.70 34.33
CA SER I 59 52.70 -28.58 35.78
C SER I 59 53.21 -29.82 36.50
N TYR I 60 53.02 -30.99 35.90
CA TYR I 60 53.55 -32.23 36.46
C TYR I 60 55.01 -32.45 36.13
N GLN I 61 55.58 -31.66 35.22
CA GLN I 61 56.99 -31.82 34.84
C GLN I 61 57.92 -30.94 35.67
N VAL I 62 57.77 -29.62 35.60
CA VAL I 62 58.70 -28.70 36.23
C VAL I 62 58.04 -27.33 36.35
N ASP I 63 58.58 -26.49 37.24
CA ASP I 63 58.11 -25.12 37.44
C ASP I 63 56.64 -25.10 37.87
N GLU I 64 56.44 -25.61 39.09
CA GLU I 64 55.10 -25.87 39.60
C GLU I 64 54.47 -24.66 40.30
N ARG I 65 55.26 -23.89 41.05
CA ARG I 65 54.71 -22.91 41.99
C ARG I 65 55.43 -21.56 41.85
N THR I 66 55.56 -21.06 40.63
CA THR I 66 56.09 -19.73 40.40
C THR I 66 54.97 -18.77 40.02
N CYS I 67 55.33 -17.49 39.88
CA CYS I 67 54.32 -16.47 39.63
C CYS I 67 53.75 -16.56 38.22
N VAL I 68 54.61 -16.78 37.22
CA VAL I 68 54.13 -16.82 35.85
C VAL I 68 53.17 -17.99 35.64
N GLN I 69 53.34 -19.07 36.42
CA GLN I 69 52.40 -20.18 36.34
C GLN I 69 50.97 -19.71 36.55
N PHE I 70 50.74 -18.98 37.66
CA PHE I 70 49.44 -18.36 37.87
C PHE I 70 49.13 -17.33 36.80
N SER I 71 50.16 -16.61 36.32
CA SER I 71 49.95 -15.55 35.35
C SER I 71 49.30 -16.07 34.08
N MET I 72 49.56 -17.32 33.69
CA MET I 72 48.80 -17.89 32.57
C MET I 72 47.81 -18.97 33.00
N LYS I 73 47.73 -19.33 34.29
CA LYS I 73 46.54 -20.00 34.79
C LYS I 73 45.33 -19.11 34.60
N VAL I 74 45.49 -17.80 34.81
CA VAL I 74 44.38 -16.88 34.56
C VAL I 74 44.00 -16.91 33.08
N PHE I 75 45.00 -17.06 32.20
CA PHE I 75 44.72 -17.19 30.76
C PHE I 75 43.92 -18.45 30.48
N TYR I 76 44.32 -19.57 31.08
CA TYR I 76 43.56 -20.81 30.94
C TYR I 76 42.11 -20.60 31.38
N PHE I 77 41.91 -19.95 32.52
CA PHE I 77 40.56 -19.77 33.06
C PHE I 77 39.71 -18.94 32.10
N LEU I 78 40.23 -17.79 31.65
CA LEU I 78 39.44 -16.95 30.76
C LEU I 78 39.18 -17.65 29.44
N LEU I 79 40.15 -18.40 28.93
CA LEU I 79 39.97 -19.12 27.68
C LEU I 79 38.86 -20.17 27.81
N SER I 80 38.83 -20.88 28.94
CA SER I 80 37.75 -21.83 29.18
C SER I 80 36.41 -21.13 29.29
N ALA I 81 36.40 -19.92 29.88
CA ALA I 81 35.15 -19.17 29.96
C ALA I 81 34.62 -18.80 28.58
N LEU I 82 35.50 -18.33 27.69
CA LEU I 82 35.08 -18.03 26.32
C LEU I 82 34.63 -19.30 25.59
N GLY I 83 35.31 -20.41 25.84
CA GLY I 83 34.85 -21.68 25.27
C GLY I 83 33.43 -22.02 25.70
N LEU I 84 33.14 -21.86 27.00
CA LEU I 84 31.79 -22.12 27.48
C LEU I 84 30.78 -21.18 26.84
N MET I 85 31.13 -19.90 26.71
CA MET I 85 30.22 -18.95 26.10
C MET I 85 29.91 -19.32 24.65
N VAL I 86 30.94 -19.71 23.89
CA VAL I 86 30.72 -20.05 22.49
C VAL I 86 29.90 -21.34 22.38
N CYS I 87 30.11 -22.29 23.30
CA CYS I 87 29.31 -23.51 23.27
C CYS I 87 27.83 -23.20 23.53
N MET I 88 27.56 -22.34 24.52
CA MET I 88 26.17 -21.99 24.80
C MET I 88 25.54 -21.23 23.63
N LEU I 89 26.33 -20.36 22.98
CA LEU I 89 25.81 -19.65 21.81
C LEU I 89 25.46 -20.63 20.68
N ALA I 90 26.32 -21.63 20.47
CA ALA I 90 26.01 -22.64 19.47
C ALA I 90 24.74 -23.41 19.82
N VAL I 91 24.56 -23.72 21.10
CA VAL I 91 23.34 -24.39 21.54
C VAL I 91 22.12 -23.53 21.20
N ALA I 92 22.21 -22.23 21.48
CA ALA I 92 21.08 -21.34 21.21
C ALA I 92 20.76 -21.28 19.72
N PHE I 93 21.79 -21.16 18.89
CA PHE I 93 21.57 -21.10 17.44
C PHE I 93 20.92 -22.38 16.93
N ALA I 94 21.44 -23.53 17.36
CA ALA I 94 20.88 -24.80 16.92
C ALA I 94 19.44 -24.97 17.39
N ALA I 95 19.15 -24.55 18.62
CA ALA I 95 17.79 -24.63 19.13
C ALA I 95 16.84 -23.77 18.32
N HIS I 96 17.26 -22.55 17.97
CA HIS I 96 16.39 -21.69 17.18
C HIS I 96 16.12 -22.30 15.82
N HIS I 97 17.16 -22.81 15.16
CA HIS I 97 16.95 -23.36 13.81
C HIS I 97 16.10 -24.63 13.86
N TYR I 98 16.30 -25.47 14.88
CA TYR I 98 15.45 -26.65 15.02
C TYR I 98 14.01 -26.26 15.28
N SER I 99 13.78 -25.24 16.11
CA SER I 99 12.41 -24.80 16.37
C SER I 99 11.76 -24.29 15.09
N LEU I 100 12.53 -23.58 14.26
CA LEU I 100 11.99 -23.14 12.98
C LEU I 100 11.67 -24.33 12.06
N LEU I 101 12.56 -25.33 12.04
CA LEU I 101 12.42 -26.44 11.10
C LEU I 101 11.44 -27.50 11.54
N ALA I 102 11.05 -27.53 12.81
CA ALA I 102 10.25 -28.65 13.32
C ALA I 102 8.75 -28.46 13.15
N GLN I 103 8.30 -27.29 12.71
CA GLN I 103 6.87 -27.01 12.64
C GLN I 103 6.48 -26.53 11.24
N PHE I 104 6.94 -27.24 10.22
CA PHE I 104 6.58 -26.90 8.85
C PHE I 104 6.56 -28.17 8.01
N THR I 105 5.77 -28.14 6.94
CA THR I 105 5.66 -29.24 6.00
C THR I 105 6.44 -28.89 4.73
N CYS I 106 7.17 -29.86 4.19
CA CYS I 106 8.00 -29.64 3.02
C CYS I 106 7.67 -30.65 1.93
N GLU I 107 7.92 -30.24 0.69
CA GLU I 107 7.71 -31.08 -0.48
C GLU I 107 8.96 -31.04 -1.34
N THR I 108 9.07 -32.03 -2.23
CA THR I 108 10.25 -32.18 -3.07
C THR I 108 10.03 -31.51 -4.42
N SER I 109 11.12 -31.01 -4.99
CA SER I 109 11.13 -30.43 -6.32
C SER I 109 12.12 -31.21 -7.20
N LEU I 110 12.33 -30.72 -8.42
CA LEU I 110 13.19 -31.43 -9.36
C LEU I 110 14.65 -31.41 -8.91
N ASP I 111 15.10 -30.30 -8.30
CA ASP I 111 16.50 -30.18 -7.92
C ASP I 111 16.71 -29.56 -6.55
N SER I 112 15.66 -29.18 -5.83
CA SER I 112 15.83 -28.51 -4.55
C SER I 112 14.68 -28.87 -3.62
N CYS I 113 14.86 -28.57 -2.34
CA CYS I 113 13.85 -28.84 -1.33
C CYS I 113 12.97 -27.61 -1.10
N GLN I 114 12.33 -27.17 -2.18
CA GLN I 114 11.50 -25.97 -2.12
C GLN I 114 10.26 -26.28 -1.30
N CYS I 115 9.95 -25.40 -0.35
CA CYS I 115 8.76 -25.51 0.48
C CYS I 115 8.62 -24.24 1.31
N LYS I 116 7.47 -24.11 1.95
CA LYS I 116 7.11 -22.91 2.68
C LYS I 116 6.60 -23.27 4.07
N LEU I 117 6.73 -22.32 4.99
CA LEU I 117 6.11 -22.47 6.30
C LEU I 117 4.59 -22.40 6.17
N PRO I 118 3.86 -23.04 7.08
CA PRO I 118 2.41 -22.84 7.12
C PRO I 118 2.08 -21.36 7.23
N SER I 119 1.13 -20.91 6.40
CA SER I 119 0.83 -19.49 6.27
C SER I 119 -0.67 -19.28 6.32
N SER I 120 -1.09 -18.24 7.06
CA SER I 120 -2.50 -17.85 7.04
C SER I 120 -2.90 -17.32 5.67
N GLU I 121 -2.01 -16.59 5.02
CA GLU I 121 -2.24 -16.02 3.70
C GLU I 121 -1.14 -16.46 2.75
N PRO I 122 -1.42 -16.53 1.45
CA PRO I 122 -0.56 -17.32 0.54
C PRO I 122 0.86 -16.81 0.37
N LEU I 123 1.30 -15.77 1.05
CA LEU I 123 2.68 -15.32 0.97
C LEU I 123 3.39 -15.58 2.29
N SER I 124 4.55 -16.22 2.22
CA SER I 124 5.33 -16.58 3.41
C SER I 124 6.75 -16.87 2.99
N ARG I 125 7.60 -17.16 3.97
CA ARG I 125 8.99 -17.51 3.70
C ARG I 125 9.08 -18.81 2.90
N ALA I 126 10.06 -18.87 2.01
CA ALA I 126 10.33 -20.05 1.21
C ALA I 126 11.79 -20.47 1.38
N PHE I 127 12.01 -21.77 1.52
CA PHE I 127 13.35 -22.32 1.67
C PHE I 127 13.62 -23.34 0.58
N VAL I 128 14.81 -23.26 -0.01
CA VAL I 128 15.27 -24.22 -1.01
C VAL I 128 16.63 -24.72 -0.56
N TYR I 129 16.94 -25.97 -0.91
CA TYR I 129 18.17 -26.61 -0.49
C TYR I 129 18.95 -27.09 -1.71
N ARG I 130 20.28 -26.99 -1.63
CA ARG I 130 21.14 -27.56 -2.66
C ARG I 130 20.96 -29.06 -2.77
N ASP I 131 21.11 -29.55 -4.01
CA ASP I 131 21.32 -30.96 -4.39
C ASP I 131 20.61 -31.97 -3.50
N VAL I 132 19.31 -31.81 -3.32
CA VAL I 132 18.55 -32.68 -2.42
C VAL I 132 18.32 -34.02 -3.10
N THR I 133 18.87 -35.09 -2.51
CA THR I 133 18.55 -36.43 -2.98
C THR I 133 17.07 -36.73 -2.76
N ASP I 134 16.54 -36.37 -1.60
CA ASP I 134 15.12 -36.53 -1.30
C ASP I 134 14.78 -35.64 -0.13
N CYS I 135 13.66 -34.92 -0.23
CA CYS I 135 13.22 -34.05 0.85
C CYS I 135 12.76 -34.83 2.07
N THR I 136 12.47 -36.12 1.92
CA THR I 136 12.10 -36.98 3.03
C THR I 136 13.28 -37.74 3.61
N SER I 137 14.49 -37.50 3.10
CA SER I 137 15.69 -38.15 3.60
C SER I 137 16.60 -37.19 4.35
N VAL I 138 16.96 -36.06 3.73
CA VAL I 138 17.74 -35.05 4.45
C VAL I 138 16.93 -34.49 5.61
N THR I 139 15.66 -34.14 5.35
CA THR I 139 14.75 -33.72 6.40
C THR I 139 14.10 -34.96 6.99
N GLY I 140 14.49 -35.30 8.21
CA GLY I 140 14.10 -36.55 8.83
C GLY I 140 15.30 -37.16 9.53
N THR I 141 16.49 -36.87 9.00
CA THR I 141 17.74 -37.16 9.67
C THR I 141 18.46 -35.90 10.13
N PHE I 142 18.16 -34.76 9.52
CA PHE I 142 18.75 -33.50 9.97
C PHE I 142 18.33 -33.18 11.39
N LYS I 143 17.07 -33.48 11.74
CA LYS I 143 16.61 -33.24 13.10
C LYS I 143 17.36 -34.14 14.10
N LEU I 144 17.58 -35.40 13.74
CA LEU I 144 18.34 -36.29 14.62
C LEU I 144 19.77 -35.79 14.80
N PHE I 145 20.41 -35.39 13.69
CA PHE I 145 21.75 -34.84 13.78
C PHE I 145 21.78 -33.59 14.67
N LEU I 146 20.79 -32.73 14.51
CA LEU I 146 20.70 -31.51 15.32
C LEU I 146 20.56 -31.85 16.80
N ILE I 147 19.70 -32.83 17.13
CA ILE I 147 19.51 -33.18 18.53
C ILE I 147 20.78 -33.75 19.14
N ILE I 148 21.45 -34.64 18.41
CA ILE I 148 22.70 -35.21 18.91
C ILE I 148 23.73 -34.09 19.14
N GLN I 149 23.81 -33.17 18.19
CA GLN I 149 24.76 -32.07 18.29
C GLN I 149 24.42 -31.15 19.46
N MET I 150 23.11 -30.90 19.68
CA MET I 150 22.67 -30.13 20.84
C MET I 150 23.15 -30.76 22.14
N VAL I 151 22.95 -32.08 22.27
CA VAL I 151 23.42 -32.77 23.47
C VAL I 151 24.93 -32.62 23.61
N LEU I 152 25.64 -32.71 22.49
CA LEU I 152 27.10 -32.60 22.52
C LEU I 152 27.54 -31.25 23.08
N ASN I 153 27.02 -30.15 22.53
CA ASN I 153 27.46 -28.86 23.04
C ASN I 153 26.93 -28.58 24.44
N LEU I 154 25.78 -29.14 24.81
CA LEU I 154 25.31 -28.95 26.19
C LEU I 154 26.28 -29.57 27.17
N VAL I 155 26.72 -30.80 26.90
CA VAL I 155 27.68 -31.45 27.78
C VAL I 155 29.02 -30.72 27.75
N CYS I 156 29.44 -30.24 26.58
CA CYS I 156 30.70 -29.51 26.49
C CYS I 156 30.65 -28.22 27.31
N GLY I 157 29.53 -27.50 27.23
CA GLY I 157 29.40 -26.28 28.02
C GLY I 157 29.37 -26.55 29.51
N LEU I 158 28.68 -27.62 29.92
CA LEU I 158 28.68 -27.97 31.34
C LEU I 158 30.09 -28.30 31.82
N VAL I 159 30.85 -29.05 31.01
CA VAL I 159 32.22 -29.38 31.38
C VAL I 159 33.07 -28.13 31.48
N CYS I 160 32.90 -27.20 30.53
CA CYS I 160 33.65 -25.96 30.57
C CYS I 160 33.32 -25.15 31.81
N LEU I 161 32.03 -25.08 32.19
CA LEU I 161 31.64 -24.36 33.38
C LEU I 161 32.27 -24.98 34.62
N LEU I 162 32.27 -26.32 34.70
CA LEU I 162 32.88 -26.98 35.85
C LEU I 162 34.38 -26.72 35.90
N ALA I 163 35.04 -26.72 34.73
CA ALA I 163 36.48 -26.44 34.69
C ALA I 163 36.77 -25.03 35.16
N CYS I 164 35.95 -24.06 34.76
CA CYS I 164 36.13 -22.70 35.26
C CYS I 164 35.89 -22.64 36.76
N PHE I 165 34.88 -23.35 37.25
CA PHE I 165 34.49 -23.26 38.65
C PHE I 165 35.50 -23.89 39.59
N VAL I 166 36.17 -24.97 39.15
CA VAL I 166 37.00 -25.74 40.07
C VAL I 166 38.19 -24.92 40.56
N MET I 167 38.90 -24.26 39.66
CA MET I 167 40.09 -23.51 40.09
C MET I 167 39.70 -22.31 40.95
N TRP I 168 38.62 -21.63 40.60
CA TRP I 168 38.16 -20.51 41.42
C TRP I 168 37.80 -20.99 42.82
N LYS I 169 37.10 -22.13 42.92
CA LYS I 169 36.82 -22.70 44.23
C LYS I 169 38.11 -23.07 44.96
N HIS I 170 39.12 -23.50 44.22
CA HIS I 170 40.41 -23.77 44.83
C HIS I 170 41.01 -22.51 45.45
N ARG I 171 40.78 -21.36 44.82
CA ARG I 171 41.39 -20.14 45.32
C ARG I 171 40.54 -19.42 46.37
N TYR I 172 39.25 -19.21 46.12
CA TYR I 172 38.45 -18.29 46.91
C TYR I 172 37.34 -19.00 47.68
N GLN I 173 37.64 -20.15 48.28
CA GLN I 173 36.64 -20.80 49.11
C GLN I 173 37.19 -21.13 50.49
N VAL I 174 38.49 -21.38 50.58
CA VAL I 174 39.13 -21.74 51.83
C VAL I 174 39.99 -20.58 52.29
N PHE I 175 39.82 -20.19 53.55
CA PHE I 175 40.65 -19.16 54.18
C PHE I 175 41.35 -19.76 55.39
N TYR I 176 42.63 -19.43 55.53
CA TYR I 176 43.46 -20.04 56.56
C TYR I 176 43.24 -19.37 57.91
N VAL I 177 42.99 -20.18 58.93
CA VAL I 177 42.70 -19.67 60.27
C VAL I 177 43.96 -19.61 61.12
N GLY I 178 44.70 -20.71 61.20
CA GLY I 178 45.88 -20.78 62.03
C GLY I 178 47.11 -20.19 61.38
N VAL I 179 47.55 -19.03 61.88
CA VAL I 179 48.72 -18.34 61.36
C VAL I 179 48.60 -18.07 59.86
C1 NAG J . -47.92 -2.43 -49.09
C2 NAG J . -47.17 -3.02 -47.92
C3 NAG J . -45.90 -2.23 -47.64
C4 NAG J . -45.06 -2.11 -48.91
C5 NAG J . -45.90 -1.57 -50.05
C6 NAG J . -45.18 -1.58 -51.38
C7 NAG J . -48.81 -4.11 -46.45
C8 NAG J . -49.60 -3.99 -45.18
N2 NAG J . -48.01 -3.07 -46.73
O3 NAG J . -45.15 -2.89 -46.62
O4 NAG J . -43.97 -1.22 -48.68
O5 NAG J . -47.07 -2.39 -50.23
O6 NAG J . -43.98 -0.82 -51.31
O7 NAG J . -48.89 -5.09 -47.17
C1 NAG J . -42.75 -1.98 -48.55
C2 NAG J . -41.59 -1.02 -48.78
C3 NAG J . -40.26 -1.77 -48.65
C4 NAG J . -40.20 -2.53 -47.32
C5 NAG J . -41.45 -3.37 -47.11
C6 NAG J . -41.54 -3.99 -45.73
C7 NAG J . -41.30 0.86 -50.31
C8 NAG J . -41.46 1.36 -51.72
N2 NAG J . -41.68 -0.40 -50.09
O3 NAG J . -39.19 -0.85 -48.72
O4 NAG J . -39.08 -3.40 -47.35
O5 NAG J . -42.64 -2.56 -47.27
O6 NAG J . -41.14 -3.06 -44.73
O7 NAG J . -40.84 1.57 -49.43
C1 BMA J . -38.14 -3.16 -46.26
C2 BMA J . -36.90 -2.43 -46.83
C3 BMA J . -35.92 -2.12 -45.71
C4 BMA J . -36.62 -1.43 -44.52
C5 BMA J . -37.84 -2.26 -44.08
C6 BMA J . -38.61 -1.62 -42.94
O2 BMA J . -37.25 -1.19 -47.42
O3 BMA J . -34.83 -1.32 -46.15
O4 BMA J . -35.72 -1.29 -43.43
O5 BMA J . -38.73 -2.39 -45.21
O6 BMA J . -39.35 -2.64 -42.27
C1 NAG K . -45.20 -12.30 -63.76
C2 NAG K . -43.76 -12.39 -64.28
C3 NAG K . -43.68 -11.89 -65.72
C4 NAG K . -44.75 -12.53 -66.60
C5 NAG K . -46.12 -12.43 -65.94
C6 NAG K . -47.19 -13.19 -66.70
C7 NAG K . -42.22 -12.19 -62.38
C8 NAG K . -41.32 -11.28 -61.61
N2 NAG K . -42.86 -11.65 -63.42
O3 NAG K . -42.38 -12.19 -66.23
O4 NAG K . -44.81 -11.87 -67.86
O5 NAG K . -46.07 -13.00 -64.63
O6 NAG K . -47.77 -14.21 -65.90
O7 NAG K . -42.37 -13.38 -62.08
C1 NAG K . -42.32 -13.54 -66.77
C2 NAG K . -41.24 -13.59 -67.86
C3 NAG K . -41.16 -15.00 -68.45
C4 NAG K . -40.99 -16.04 -67.34
C5 NAG K . -42.07 -15.87 -66.27
C6 NAG K . -41.86 -16.77 -65.07
C7 NAG K . -40.60 -11.69 -69.27
C8 NAG K . -41.04 -10.76 -70.37
N2 NAG K . -41.49 -12.61 -68.90
O3 NAG K . -40.10 -15.07 -69.39
O4 NAG K . -41.11 -17.34 -67.89
O5 NAG K . -42.04 -14.52 -65.76
O6 NAG K . -42.39 -16.20 -63.89
O7 NAG K . -39.50 -11.60 -68.74
C1 BMA K . -38.82 -15.29 -68.74
C2 BMA K . -38.04 -16.31 -69.60
C3 BMA K . -36.62 -16.48 -69.06
C4 BMA K . -35.94 -15.12 -68.81
C5 BMA K . -36.84 -14.26 -67.91
C6 BMA K . -36.25 -12.88 -67.63
O2 BMA K . -37.91 -15.86 -70.94
O3 BMA K . -35.81 -17.26 -69.94
O4 BMA K . -34.69 -15.31 -68.18
O5 BMA K . -38.09 -14.08 -68.59
O6 BMA K . -34.97 -13.06 -67.06
C1 NAG L . -2.30 24.29 -23.96
C2 NAG L . -1.60 24.20 -25.30
C3 NAG L . -0.18 24.74 -25.19
C4 NAG L . -0.20 26.15 -24.63
C5 NAG L . -0.99 26.19 -23.32
C6 NAG L . -1.17 27.60 -22.79
C7 NAG L . -2.02 22.50 -27.02
C8 NAG L . -1.94 21.05 -27.38
N2 NAG L . -1.60 22.83 -25.80
O3 NAG L . 0.41 24.72 -26.48
O4 NAG L . 1.13 26.60 -24.39
O5 NAG L . -2.30 25.64 -23.51
O6 NAG L . -1.81 28.43 -23.74
O7 NAG L . -2.45 23.34 -27.81
C1 NAG L . 1.57 27.40 -25.49
C2 NAG L . 2.40 28.57 -24.93
C3 NAG L . 2.93 29.42 -26.09
C4 NAG L . 3.70 28.55 -27.07
C5 NAG L . 2.83 27.38 -27.53
C6 NAG L . 3.58 26.41 -28.41
C7 NAG L . 2.00 29.70 -22.79
C8 NAG L . 1.06 30.54 -21.99
N2 NAG L . 1.61 29.39 -24.03
O3 NAG L . 3.78 30.43 -25.57
O4 NAG L . 4.09 29.32 -28.20
O5 NAG L . 2.37 26.63 -26.39
O6 NAG L . 3.97 25.24 -27.69
O7 NAG L . 3.07 29.30 -22.34
C1 NAG M . -38.82 27.90 -40.88
C2 NAG M . -39.30 28.26 -39.48
C3 NAG M . -39.00 29.72 -39.17
C4 NAG M . -37.54 30.05 -39.43
C5 NAG M . -37.15 29.59 -40.84
C6 NAG M . -35.67 29.75 -41.13
C7 NAG M . -41.21 26.82 -38.94
C8 NAG M . -42.70 26.71 -38.85
N2 NAG M . -40.73 27.99 -39.34
O3 NAG M . -39.33 30.00 -37.81
O4 NAG M . -37.35 31.45 -39.32
O5 NAG M . -37.44 28.20 -41.00
O6 NAG M . -35.36 31.10 -41.49
O7 NAG M . -40.48 25.88 -38.65
C1 NAG M . -36.26 31.76 -38.42
C2 NAG M . -36.01 33.27 -38.51
C3 NAG M . -34.86 33.66 -37.58
C4 NAG M . -35.12 33.15 -36.16
C5 NAG M . -35.44 31.66 -36.19
C6 NAG M . -35.83 31.12 -34.83
C7 NAG M . -36.66 34.11 -40.71
C8 NAG M . -36.19 34.49 -42.09
N2 NAG M . -35.72 33.68 -39.87
O3 NAG M . -34.72 35.07 -37.57
O4 NAG M . -33.97 33.36 -35.36
O5 NAG M . -36.54 31.40 -37.07
O6 NAG M . -34.88 30.18 -34.35
O7 NAG M . -37.84 34.18 -40.39
C1 BMA M . -34.22 34.46 -34.46
C2 BMA M . -33.29 34.28 -33.22
C3 BMA M . -33.38 35.50 -32.32
C4 BMA M . -33.19 36.81 -33.11
C5 BMA M . -34.20 36.85 -34.27
C6 BMA M . -34.07 38.10 -35.12
O2 BMA M . -31.93 34.15 -33.61
O3 BMA M . -32.41 35.44 -31.26
O4 BMA M . -33.39 37.92 -32.26
O5 BMA M . -33.97 35.71 -35.10
O6 BMA M . -32.89 37.97 -35.91
C1 NAG N . -43.84 30.96 -77.49
C2 NAG N . -43.88 29.51 -77.96
C3 NAG N . -45.29 29.15 -78.43
C4 NAG N . -46.31 29.47 -77.35
C5 NAG N . -46.15 30.91 -76.88
C6 NAG N . -47.04 31.24 -75.70
C7 NAG N . -42.06 28.26 -79.03
C8 NAG N . -41.13 28.18 -80.20
N2 NAG N . -42.91 29.28 -79.03
O3 NAG N . -45.32 27.76 -78.74
O4 NAG N . -47.63 29.31 -77.88
O5 NAG N . -44.80 31.15 -76.46
O6 NAG N . -47.25 30.10 -74.88
O7 NAG N . -42.03 27.43 -78.12
C1 NAG N . -48.20 28.09 -77.36
C2 NAG N . -49.71 28.28 -77.25
C3 NAG N . -50.37 27.00 -76.77
C4 NAG N . -49.96 25.82 -77.64
C5 NAG N . -48.43 25.74 -77.74
C6 NAG N . -47.96 24.67 -78.71
C7 NAG N . -50.64 30.50 -76.81
C8 NAG N . -50.92 31.54 -75.77
N2 NAG N . -50.04 29.39 -76.38
O3 NAG N . -51.78 27.15 -76.78
O4 NAG N . -50.45 24.60 -77.08
O5 NAG N . -47.91 26.98 -78.22
O6 NAG N . -48.04 25.12 -80.05
O7 NAG N . -50.96 30.66 -77.99
C1 BMA N . -51.52 24.10 -77.91
C2 BMA N . -51.63 22.57 -77.67
C3 BMA N . -52.85 22.01 -78.39
C4 BMA N . -54.11 22.84 -78.09
C5 BMA N . -53.85 24.32 -78.41
C6 BMA N . -55.04 25.21 -78.10
O2 BMA N . -51.80 22.29 -76.29
O3 BMA N . -53.07 20.65 -78.06
O4 BMA N . -55.19 22.37 -78.89
O5 BMA N . -52.74 24.76 -77.61
O6 BMA N . -54.75 26.52 -78.57
C1 NAG O . -19.70 12.01 -7.79
C2 NAG O . -20.21 13.29 -7.14
C3 NAG O . -21.64 13.56 -7.54
C4 NAG O . -21.79 13.55 -9.06
C5 NAG O . -21.17 12.28 -9.65
C6 NAG O . -21.13 12.29 -11.16
C7 NAG O . -19.04 13.67 -5.00
C8 NAG O . -19.09 13.51 -3.52
N2 NAG O . -20.10 13.21 -5.68
O3 NAG O . -22.06 14.82 -7.03
O4 NAG O . -23.17 13.57 -9.40
O5 NAG O . -19.82 12.13 -9.20
O6 NAG O . -20.25 13.30 -11.64
O7 NAG O . -18.10 14.21 -5.57
C1 NAG O . -23.48 14.78 -10.12
C2 NAG O . -24.99 14.78 -10.38
C3 NAG O . -25.39 16.05 -11.12
C4 NAG O . -24.91 17.28 -10.37
C5 NAG O . -23.41 17.18 -10.09
C6 NAG O . -22.90 18.30 -9.21
C7 NAG O . -26.07 12.59 -10.58
C8 NAG O . -26.40 12.73 -9.12
N2 NAG O . -25.40 13.60 -11.13
O3 NAG O . -26.80 16.09 -11.28
O4 NAG O . -25.17 18.46 -11.13
O5 NAG O . -23.12 15.96 -9.40
O6 NAG O . -23.72 18.48 -8.06
O7 NAG O . -26.40 11.60 -11.22
C1 BMA O . -26.22 19.19 -10.47
C2 BMA O . -25.79 20.68 -10.41
C3 BMA O . -26.94 21.55 -9.88
C4 BMA O . -28.25 21.25 -10.63
C5 BMA O . -28.56 19.75 -10.57
C6 BMA O . -29.82 19.38 -11.33
O2 BMA O . -25.46 21.17 -11.69
O3 BMA O . -26.64 22.93 -9.97
O4 BMA O . -29.33 21.97 -10.04
O5 BMA O . -27.45 19.05 -11.17
O6 BMA O . -30.13 18.01 -11.03
C1 NAG P . -7.48 -6.66 -16.92
C2 NAG P . -8.79 -7.43 -17.07
C3 NAG P . -8.89 -8.50 -15.98
C4 NAG P . -7.66 -9.39 -15.98
C5 NAG P . -6.39 -8.53 -15.91
C6 NAG P . -5.13 -9.34 -16.06
C7 NAG P . -10.72 -6.31 -18.07
C8 NAG P . -11.86 -5.36 -17.85
N2 NAG P . -9.94 -6.54 -17.02
O3 NAG P . -10.06 -9.28 -16.20
O4 NAG P . -7.69 -10.26 -14.87
O5 NAG P . -6.38 -7.56 -16.97
O6 NAG P . -4.75 -9.48 -17.43
O7 NAG P . -10.52 -6.84 -19.16
C1 NAG P . -7.86 -11.61 -15.33
C2 NAG P . -7.23 -12.55 -14.30
C3 NAG P . -7.40 -14.00 -14.73
C4 NAG P . -8.87 -14.30 -15.01
C5 NAG P . -9.45 -13.28 -15.99
C6 NAG P . -10.94 -13.43 -16.19
C7 NAG P . -5.34 -11.65 -13.01
C8 NAG P . -3.87 -11.41 -12.97
N2 NAG P . -5.82 -12.23 -14.11
O3 NAG P . -6.91 -14.86 -13.70
O4 NAG P . -8.98 -15.59 -15.61
O5 NAG P . -9.24 -11.95 -15.49
O6 NAG P . -11.57 -13.94 -15.01
O7 NAG P . -6.08 -11.33 -12.07
C1 BMA P . -9.55 -16.55 -14.68
C2 BMA P . -8.56 -17.75 -14.59
C3 BMA P . -9.03 -18.73 -13.52
C4 BMA P . -9.35 -18.03 -12.20
C5 BMA P . -10.36 -16.89 -12.45
C6 BMA P . -10.70 -16.13 -11.19
O2 BMA P . -7.27 -17.31 -14.19
O3 BMA P . -8.08 -19.76 -13.31
O4 BMA P . -9.92 -18.95 -11.27
O5 BMA P . -9.77 -15.97 -13.38
O6 BMA P . -11.06 -17.08 -10.19
C1 NAG Q . -14.16 -21.43 -61.53
C2 NAG Q . -14.07 -21.85 -63.01
C3 NAG Q . -15.36 -22.52 -63.43
C4 NAG Q . -15.69 -23.68 -62.51
C5 NAG Q . -15.72 -23.19 -61.06
C6 NAG Q . -15.94 -24.31 -60.07
C7 NAG Q . -13.21 -20.83 -65.07
C8 NAG Q . -12.98 -19.55 -65.81
N2 NAG Q . -13.77 -20.70 -63.86
O3 NAG Q . -15.23 -23.00 -64.77
O4 NAG Q . -16.97 -24.22 -62.83
O5 NAG Q . -14.48 -22.57 -60.73
O6 NAG Q . -17.17 -24.17 -59.38
O7 NAG Q . -12.92 -21.92 -65.54
C1 NAG Q . -16.80 -25.49 -63.50
C2 NAG Q . -18.17 -26.10 -63.74
C3 NAG Q . -18.04 -27.42 -64.52
C4 NAG Q . -17.24 -27.19 -65.80
C5 NAG Q . -15.90 -26.54 -65.47
C6 NAG Q . -15.11 -26.17 -66.70
C7 NAG Q . -20.06 -25.81 -62.21
C8 NAG Q . -20.63 -26.14 -60.86
N2 NAG Q . -18.86 -26.33 -62.48
O3 NAG Q . -19.33 -27.91 -64.83
O4 NAG Q . -17.00 -28.44 -66.44
O5 NAG Q . -16.12 -25.31 -64.75
O6 NAG Q . -15.19 -24.79 -66.99
O7 NAG Q . -20.67 -25.11 -63.01
C1 BMA Q . -19.42 -29.31 -64.49
C2 BMA Q . -20.83 -29.81 -64.94
C3 BMA Q . -20.91 -31.34 -64.81
C4 BMA Q . -19.70 -32.02 -65.46
C5 BMA Q . -18.41 -31.46 -64.84
C6 BMA Q . -17.16 -32.09 -65.44
O2 BMA Q . -21.06 -29.49 -66.30
O3 BMA Q . -22.11 -31.83 -65.39
O4 BMA Q . -19.76 -33.41 -65.25
O5 BMA Q . -18.38 -30.05 -65.11
O6 BMA Q . -16.03 -31.56 -64.74
C1 NAG R . -22.61 -15.71 -67.51
C2 NAG R . -23.78 -16.68 -67.34
C3 NAG R . -25.10 -15.92 -67.23
C4 NAG R . -25.01 -14.88 -66.12
C5 NAG R . -23.80 -13.97 -66.34
C6 NAG R . -23.58 -12.99 -65.22
C7 NAG R . -23.22 -18.81 -68.43
C8 NAG R . -23.38 -19.66 -69.65
N2 NAG R . -23.83 -17.62 -68.45
O3 NAG R . -26.15 -16.83 -66.97
O4 NAG R . -26.20 -14.10 -66.10
O5 NAG R . -22.62 -14.77 -66.43
O6 NAG R . -22.34 -13.22 -64.57
O7 NAG R . -22.57 -19.19 -67.46
C1 NAG R . -26.87 -14.24 -64.83
C2 NAG R . -28.17 -15.02 -65.03
C3 NAG R . -28.88 -15.23 -63.69
C4 NAG R . -27.93 -15.87 -62.69
C5 NAG R . -26.64 -15.05 -62.58
C6 NAG R . -25.61 -15.71 -61.68
C7 NAG R . -29.66 -14.97 -66.98
C8 NAG R . -29.41 -16.43 -67.12
N2 NAG R . -29.05 -14.34 -65.97
O3 NAG R . -30.02 -16.06 -63.88
O4 NAG R . -28.55 -15.94 -61.41
O5 NAG R . -26.04 -14.93 -63.87
O6 NAG R . -24.50 -16.19 -62.42
O7 NAG R . -30.40 -14.36 -67.75
C1 NAG S . -13.68 0.17 12.40
C2 NAG S . -15.21 0.20 12.61
C3 NAG S . -15.54 0.22 14.10
C4 NAG S . -14.82 -0.91 14.83
C5 NAG S . -13.32 -0.83 14.55
C6 NAG S . -12.55 -1.96 15.18
C7 NAG S . -16.68 1.18 10.92
C8 NAG S . -17.23 2.45 10.34
N2 NAG S . -15.83 1.32 11.93
O3 NAG S . -16.95 0.07 14.27
O4 NAG S . -15.04 -0.79 16.24
O5 NAG S . -13.10 -0.91 13.14
O6 NAG S . -11.99 -1.57 16.42
O7 NAG S . -17.01 0.08 10.48
C1 NAG T . -33.91 -10.81 -19.19
C2 NAG T . -32.38 -10.79 -19.29
C3 NAG T . -31.83 -12.22 -19.30
C4 NAG T . -32.38 -13.01 -18.12
C5 NAG T . -33.90 -12.94 -18.09
C6 NAG T . -34.51 -13.61 -16.89
C7 NAG T . -30.76 -9.43 -20.52
C8 NAG T . -30.46 -8.73 -21.81
N2 NAG T . -31.94 -10.06 -20.46
O3 NAG T . -30.42 -12.18 -19.25
O4 NAG T . -31.97 -14.38 -18.22
O5 NAG T . -34.31 -11.57 -18.05
O6 NAG T . -35.13 -14.85 -17.23
O7 NAG T . -29.97 -9.43 -19.58
C1 CLR U . 9.52 -10.93 22.40
C2 CLR U . 8.62 -10.91 21.17
C3 CLR U . 8.66 -9.55 20.51
C4 CLR U . 10.10 -9.20 20.14
C5 CLR U . 11.03 -9.28 21.32
C6 CLR U . 11.88 -8.29 21.58
C7 CLR U . 12.90 -8.31 22.66
C8 CLR U . 13.07 -9.68 23.31
C9 CLR U . 11.71 -10.36 23.48
C10 CLR U . 10.99 -10.56 22.13
C11 CLR U . 11.82 -11.64 24.30
C12 CLR U . 12.54 -11.43 25.65
C13 CLR U . 13.93 -10.85 25.46
C14 CLR U . 13.75 -9.54 24.65
C15 CLR U . 15.13 -8.88 24.71
C16 CLR U . 15.66 -9.29 26.10
C17 CLR U . 14.62 -10.27 26.71
C18 CLR U . 14.86 -11.83 24.75
C19 CLR U . 11.64 -11.68 21.30
C20 CLR U . 15.24 -11.22 27.75
C21 CLR U . 14.24 -11.70 28.80
C22 CLR U . 16.44 -10.54 28.43
C23 CLR U . 16.95 -11.21 29.71
C24 CLR U . 18.07 -10.41 30.34
C25 CLR U . 18.67 -11.02 31.61
C26 CLR U . 19.06 -12.47 31.35
C27 CLR U . 19.88 -10.23 32.11
O1 CLR U . 7.81 -9.58 19.38
C1 CLR V . 7.19 -6.46 21.90
C2 CLR V . 6.04 -6.34 20.90
C3 CLR V . 4.79 -7.01 21.45
C4 CLR V . 4.42 -6.36 22.78
C5 CLR V . 5.55 -6.42 23.77
C6 CLR V . 5.33 -6.86 25.00
C7 CLR V . 6.38 -7.00 26.06
C8 CLR V . 7.66 -6.25 25.73
C9 CLR V . 8.02 -6.40 24.26
C10 CLR V . 6.90 -5.90 23.30
C11 CLR V . 9.39 -5.76 23.96
C12 CLR V . 10.51 -6.22 24.88
C13 CLR V . 10.14 -6.05 26.36
C14 CLR V . 8.82 -6.78 26.57
C15 CLR V . 8.65 -6.86 28.07
C16 CLR V . 10.09 -7.10 28.57
C17 CLR V . 11.04 -6.78 27.39
C18 CLR V . 10.03 -4.56 26.73
C19 CLR V . 6.84 -4.37 23.25
C20 CLR V . 12.35 -6.10 27.86
C21 CLR V . 13.51 -6.28 26.89
C22 CLR V . 12.74 -6.62 29.24
C23 CLR V . 14.07 -6.10 29.78
C24 CLR V . 14.50 -6.85 31.03
C25 CLR V . 15.86 -6.45 31.59
C26 CLR V . 16.90 -6.44 30.48
C27 CLR V . 16.31 -7.40 32.71
O1 CLR V . 3.76 -6.89 20.49
ZN ZN W . 35.61 -1.07 70.72
C P5S X . 29.03 -5.83 59.68
N P5S X . 29.76 -7.95 58.66
O P5S X . 29.46 -4.76 59.23
C1 P5S X . 24.52 -6.96 54.35
C2 P5S X . 24.75 -5.67 55.09
C3 P5S X . 24.66 -5.79 56.59
CA P5S X . 28.70 -6.93 58.67
CB P5S X . 27.38 -7.59 59.00
OG P5S X . 26.42 -7.20 57.99
P12 P5S X . 25.15 -8.13 57.71
O13 P5S X . 24.52 -8.52 59.01
O15 P5S X . 25.54 -9.21 56.74
O16 P5S X . 24.16 -7.10 56.95
C17 P5S X . 23.06 -7.22 52.52
O18 P5S X . 23.29 -6.40 51.69
O19 P5S X . 23.17 -7.00 53.83
C20 P5S X . 22.63 -8.64 52.22
C21 P5S X . 23.04 -9.09 50.84
C22 P5S X . 21.98 -8.83 49.79
C23 P5S X . 22.08 -9.69 48.57
O37 P5S X . 23.80 -4.66 54.65
C38 P5S X . 23.96 -4.11 53.45
C39 P5S X . 22.69 -3.53 52.90
C40 P5S X . 22.90 -2.52 51.82
C41 P5S X . 23.16 -3.15 50.47
C42 P5S X . 23.72 -2.20 49.45
C43 P5S X . 23.96 -2.81 48.10
C44 P5S X . 22.83 -2.60 47.12
C45 P5S X . 21.92 -3.79 46.94
C46 P5S X . 22.58 -4.97 46.28
O47 P5S X . 25.01 -4.15 52.88
C48 P5S X . 21.59 -5.94 45.67
OXT P5S X . 28.88 -6.09 60.89
C1 NAG Y . 1.10 -5.98 -59.84
C2 NAG Y . 2.38 -5.38 -60.42
C3 NAG Y . 2.93 -4.31 -59.50
C4 NAG Y . 1.87 -3.27 -59.20
C5 NAG Y . 0.60 -3.94 -58.68
C6 NAG Y . -0.54 -2.98 -58.47
C7 NAG Y . 3.66 -6.90 -61.86
C8 NAG Y . 4.71 -7.98 -61.91
N2 NAG Y . 3.38 -6.42 -60.65
O3 NAG Y . 4.06 -3.69 -60.11
O4 NAG Y . 2.34 -2.35 -58.21
O5 NAG Y . 0.14 -4.93 -59.62
O6 NAG Y . -0.27 -2.05 -57.44
O7 NAG Y . 3.10 -6.49 -62.88
CA CA Z . -30.33 9.76 -68.21
C1 CLR AA . 38.18 -13.74 37.79
C2 CLR AA . 37.48 -12.65 36.98
C3 CLR AA . 38.10 -11.30 37.26
C4 CLR AA . 39.59 -11.34 36.95
C5 CLR AA . 40.28 -12.44 37.72
C6 CLR AA . 41.10 -12.12 38.71
C7 CLR AA . 41.82 -13.12 39.55
C8 CLR AA . 41.74 -14.52 38.97
C9 CLR AA . 40.31 -14.84 38.54
C10 CLR AA . 39.71 -13.84 37.54
C11 CLR AA . 40.23 -16.31 38.09
C12 CLR AA . 40.85 -17.34 39.03
C13 CLR AA . 42.28 -16.97 39.45
C14 CLR AA . 42.17 -15.54 40.00
C15 CLR AA . 43.45 -15.29 40.78
C16 CLR AA . 43.84 -16.68 41.30
C17 CLR AA . 42.88 -17.72 40.67
C18 CLR AA . 43.25 -17.05 38.28
C19 CLR AA . 39.95 -14.26 36.08
C20 CLR AA . 43.57 -19.07 40.45
C21 CLR AA . 42.60 -20.24 40.41
C22 CLR AA . 44.63 -19.30 41.54
C23 CLR AA . 45.31 -20.66 41.51
C24 CLR AA . 45.33 -21.31 42.89
C25 CLR AA . 45.79 -22.77 42.92
C26 CLR AA . 44.84 -23.64 42.10
C27 CLR AA . 45.92 -23.32 44.33
O1 CLR AA . 37.43 -10.33 36.46
#